data_7TWZ
#
_entry.id   7TWZ
#
_cell.length_a   83.150
_cell.length_b   89.100
_cell.length_c   89.710
_cell.angle_alpha   119.630
_cell.angle_beta   90.130
_cell.angle_gamma   92.130
#
_symmetry.space_group_name_H-M   'P 1'
#
loop_
_entity.id
_entity.type
_entity.pdbx_description
1 polymer 'Putative oxidoreductase, NAD(P)-linked'
2 non-polymer 'NADP NICOTINAMIDE-ADENINE-DINUCLEOTIDE PHOSPHATE'
3 non-polymer 'ACETATE ION'
4 non-polymer DI(HYDROXYETHYL)ETHER
5 water water
#
_entity_poly.entity_id   1
_entity_poly.type   'polypeptide(L)'
_entity_poly.pdbx_seq_one_letter_code
;MAHHHHHHMVQRIAMAPQGPEFSRFVMGYWRLMDWKMSPGELVSFIEQHLDLGVTTVDHADIYGDYQCEAAFGEALKRAP
HLRSRMEIVSKCGIATRARAENTIGHYITDRDHIVLSAEQSLRNLATDHLDLLLIHRPDPLMDADEVAEAFLALHHSGKV
RHFGVSNFTPAQFTLLQSRLPFTLATNQVEISPVHQPLLLDGTLDQLQQLRIRPMAWSCLGGGRLFNEECFQALRDELAQ
VAHELNADSIEQVVYAWVLRLPSQPLPIIGSGKIERVRSAIVAEKLSMTRQQWFRIRKAALGYDVP
;
_entity_poly.pdbx_strand_id   A,B,C,D,E,F
#
loop_
_chem_comp.id
_chem_comp.type
_chem_comp.name
_chem_comp.formula
ACT non-polymer 'ACETATE ION' 'C2 H3 O2 -1'
NAP non-polymer 'NADP NICOTINAMIDE-ADENINE-DINUCLEOTIDE PHOSPHATE' 'C21 H28 N7 O17 P3'
PEG non-polymer DI(HYDROXYETHYL)ETHER 'C4 H10 O3'
#
# COMPACT_ATOMS: atom_id res chain seq x y z
N MET A 9 8.27 -29.41 -9.79
CA MET A 9 9.59 -28.80 -9.74
C MET A 9 9.67 -27.81 -8.58
N VAL A 10 10.70 -26.94 -8.61
CA VAL A 10 10.91 -26.01 -7.51
C VAL A 10 9.72 -25.07 -7.37
N GLN A 11 9.33 -24.81 -6.12
CA GLN A 11 8.23 -23.90 -5.82
C GLN A 11 8.47 -22.52 -6.41
N ARG A 12 7.38 -21.92 -6.92
CA ARG A 12 7.35 -20.51 -7.32
C ARG A 12 6.86 -19.67 -6.16
N ILE A 13 7.42 -18.47 -6.01
CA ILE A 13 7.08 -17.61 -4.88
C ILE A 13 6.97 -16.17 -5.34
N ALA A 14 5.90 -15.48 -4.94
CA ALA A 14 5.76 -14.07 -5.24
C ALA A 14 6.64 -13.29 -4.28
N MET A 15 7.56 -12.49 -4.84
CA MET A 15 8.54 -11.77 -4.02
C MET A 15 7.91 -10.63 -3.23
N ALA A 16 6.85 -10.03 -3.76
CA ALA A 16 6.14 -8.94 -3.12
C ALA A 16 4.73 -8.93 -3.69
N PRO A 17 3.76 -8.32 -2.99
CA PRO A 17 2.42 -8.19 -3.59
C PRO A 17 2.53 -7.50 -4.93
N GLN A 18 2.02 -8.15 -5.97
CA GLN A 18 2.17 -7.68 -7.35
C GLN A 18 3.65 -7.55 -7.75
N GLY A 19 4.54 -8.27 -7.07
CA GLY A 19 5.94 -8.27 -7.40
C GLY A 19 6.25 -9.39 -8.37
N PRO A 20 7.52 -9.64 -8.63
CA PRO A 20 7.87 -10.74 -9.53
C PRO A 20 7.71 -12.09 -8.85
N GLU A 21 7.51 -13.10 -9.67
CA GLU A 21 7.49 -14.48 -9.21
C GLU A 21 8.86 -15.09 -9.48
N PHE A 22 9.50 -15.60 -8.44
CA PHE A 22 10.80 -16.23 -8.51
C PHE A 22 10.68 -17.73 -8.21
N SER A 23 11.77 -18.45 -8.48
CA SER A 23 11.92 -19.81 -7.97
C SER A 23 12.38 -19.75 -6.52
N ARG A 24 11.89 -20.70 -5.71
CA ARG A 24 12.19 -20.64 -4.28
C ARG A 24 13.69 -20.79 -4.02
N PHE A 25 14.38 -21.57 -4.84
CA PHE A 25 15.84 -21.64 -4.81
C PHE A 25 16.38 -20.79 -5.96
N VAL A 26 17.44 -20.04 -5.66
CA VAL A 26 18.10 -19.14 -6.61
C VAL A 26 19.49 -19.72 -6.87
N MET A 27 19.98 -19.57 -8.11
CA MET A 27 21.36 -19.95 -8.43
C MET A 27 22.21 -18.69 -8.36
N GLY A 28 23.19 -18.69 -7.46
CA GLY A 28 24.05 -17.54 -7.26
C GLY A 28 25.37 -17.74 -7.97
N TYR A 29 25.81 -16.69 -8.66
CA TYR A 29 26.98 -16.77 -9.51
C TYR A 29 28.16 -15.97 -8.97
N TRP A 30 28.20 -15.77 -7.64
CA TRP A 30 29.32 -15.06 -7.03
C TRP A 30 30.64 -15.71 -7.41
N ARG A 31 30.69 -17.03 -7.39
CA ARG A 31 31.94 -17.78 -7.53
C ARG A 31 32.14 -18.34 -8.95
N LEU A 32 31.47 -17.77 -9.95
CA LEU A 32 31.50 -18.33 -11.31
C LEU A 32 32.92 -18.46 -11.84
N MET A 33 33.75 -17.41 -11.69
CA MET A 33 35.12 -17.47 -12.22
C MET A 33 35.93 -18.57 -11.56
N ASP A 34 35.62 -18.91 -10.31
CA ASP A 34 36.35 -19.95 -9.60
C ASP A 34 36.08 -21.31 -10.21
N TRP A 35 34.90 -21.50 -10.83
CA TRP A 35 34.53 -22.79 -11.40
C TRP A 35 35.31 -23.11 -12.67
N LYS A 36 35.89 -22.09 -13.33
CA LYS A 36 36.71 -22.28 -14.52
C LYS A 36 35.98 -23.11 -15.57
N MET A 37 34.74 -22.72 -15.86
CA MET A 37 33.95 -23.36 -16.89
C MET A 37 34.18 -22.66 -18.22
N SER A 38 34.27 -23.44 -19.30
CA SER A 38 34.17 -22.87 -20.62
C SER A 38 32.75 -22.35 -20.82
N PRO A 39 32.52 -21.50 -21.83
CA PRO A 39 31.14 -21.06 -22.08
C PRO A 39 30.17 -22.21 -22.33
N GLY A 40 30.63 -23.26 -23.01
CA GLY A 40 29.76 -24.41 -23.24
C GLY A 40 29.40 -25.17 -21.97
N GLU A 41 30.37 -25.33 -21.06
CA GLU A 41 30.07 -25.97 -19.78
C GLU A 41 29.08 -25.14 -18.97
N LEU A 42 29.21 -23.81 -19.03
CA LEU A 42 28.27 -22.95 -18.32
C LEU A 42 26.87 -23.06 -18.91
N VAL A 43 26.77 -23.08 -20.24
CA VAL A 43 25.47 -23.32 -20.89
C VAL A 43 24.83 -24.60 -20.37
N SER A 44 25.59 -25.69 -20.30
CA SER A 44 25.05 -26.95 -19.83
CA SER A 44 25.04 -26.95 -19.83
C SER A 44 24.62 -26.85 -18.37
N PHE A 45 25.43 -26.19 -17.54
CA PHE A 45 25.10 -25.98 -16.13
C PHE A 45 23.81 -25.18 -16.00
N ILE A 46 23.68 -24.10 -16.77
CA ILE A 46 22.47 -23.29 -16.71
C ILE A 46 21.26 -24.11 -17.13
N GLU A 47 21.36 -24.75 -18.29
CA GLU A 47 20.29 -25.62 -18.78
C GLU A 47 19.85 -26.64 -17.73
N GLN A 48 20.81 -27.24 -17.02
CA GLN A 48 20.45 -28.25 -16.03
C GLN A 48 19.77 -27.62 -14.82
N HIS A 49 20.22 -26.45 -14.37
CA HIS A 49 19.51 -25.97 -13.21
C HIS A 49 18.17 -25.39 -13.60
N LEU A 50 18.04 -24.81 -14.81
CA LEU A 50 16.71 -24.43 -15.27
C LEU A 50 15.79 -25.64 -15.33
N ASP A 51 16.30 -26.77 -15.84
CA ASP A 51 15.47 -27.97 -15.92
C ASP A 51 15.02 -28.45 -14.55
N LEU A 52 15.80 -28.17 -13.50
CA LEU A 52 15.39 -28.53 -12.15
C LEU A 52 14.31 -27.60 -11.63
N GLY A 53 14.07 -26.48 -12.30
CA GLY A 53 13.18 -25.47 -11.79
C GLY A 53 13.88 -24.31 -11.11
N VAL A 54 15.21 -24.31 -11.07
CA VAL A 54 15.96 -23.16 -10.55
C VAL A 54 16.04 -22.14 -11.67
N THR A 55 15.09 -21.20 -11.69
CA THR A 55 15.01 -20.24 -12.78
C THR A 55 15.62 -18.88 -12.46
N THR A 56 15.63 -18.49 -11.18
CA THR A 56 16.15 -17.19 -10.76
C THR A 56 17.64 -17.28 -10.53
N VAL A 57 18.40 -16.36 -11.13
CA VAL A 57 19.86 -16.35 -11.01
C VAL A 57 20.29 -15.01 -10.44
N ASP A 58 21.36 -15.04 -9.63
CA ASP A 58 21.77 -13.88 -8.84
C ASP A 58 23.18 -13.46 -9.23
N HIS A 59 23.32 -12.17 -9.57
CA HIS A 59 24.56 -11.57 -10.02
C HIS A 59 24.82 -10.26 -9.26
N ALA A 60 25.97 -9.67 -9.55
CA ALA A 60 26.29 -8.29 -9.15
C ALA A 60 27.32 -7.77 -10.16
N ASP A 61 27.37 -6.45 -10.32
CA ASP A 61 28.35 -5.89 -11.26
C ASP A 61 29.79 -6.23 -10.84
N ILE A 62 30.04 -6.28 -9.52
CA ILE A 62 31.41 -6.44 -9.01
C ILE A 62 31.94 -7.87 -8.99
N TYR A 63 31.07 -8.89 -9.12
CA TYR A 63 31.49 -10.27 -8.91
C TYR A 63 32.58 -10.70 -9.88
N GLY A 64 33.56 -11.43 -9.36
CA GLY A 64 34.66 -11.93 -10.18
C GLY A 64 35.55 -10.86 -10.74
N ASP A 65 35.84 -9.82 -9.96
CA ASP A 65 36.56 -8.64 -10.47
C ASP A 65 35.86 -8.10 -11.73
N TYR A 66 34.55 -7.93 -11.63
CA TYR A 66 33.72 -7.42 -12.72
C TYR A 66 33.78 -8.31 -13.95
N GLN A 67 33.70 -9.64 -13.76
CA GLN A 67 33.78 -10.59 -14.86
C GLN A 67 32.67 -11.62 -14.90
N CYS A 68 31.98 -11.89 -13.79
CA CYS A 68 30.99 -12.96 -13.78
C CYS A 68 29.83 -12.62 -14.71
N GLU A 69 29.37 -11.38 -14.68
CA GLU A 69 28.28 -10.96 -15.56
C GLU A 69 28.64 -11.24 -17.02
N ALA A 70 29.85 -10.86 -17.43
CA ALA A 70 30.24 -11.06 -18.82
C ALA A 70 30.37 -12.53 -19.17
N ALA A 71 30.91 -13.34 -18.25
CA ALA A 71 31.02 -14.77 -18.52
C ALA A 71 29.64 -15.41 -18.66
N PHE A 72 28.71 -15.04 -17.78
CA PHE A 72 27.33 -15.49 -17.92
C PHE A 72 26.76 -15.04 -19.26
N GLY A 73 27.15 -13.84 -19.70
CA GLY A 73 26.68 -13.32 -20.98
C GLY A 73 27.16 -14.13 -22.17
N GLU A 74 28.36 -14.70 -22.08
CA GLU A 74 28.83 -15.57 -23.15
C GLU A 74 27.91 -16.77 -23.31
N ALA A 75 27.39 -17.30 -22.20
CA ALA A 75 26.42 -18.39 -22.30
C ALA A 75 25.13 -17.92 -22.97
N LEU A 76 24.61 -16.76 -22.56
CA LEU A 76 23.35 -16.27 -23.11
C LEU A 76 23.49 -15.92 -24.58
N LYS A 77 24.69 -15.58 -25.02
CA LYS A 77 24.94 -15.40 -26.45
C LYS A 77 24.90 -16.74 -27.18
N ARG A 78 25.39 -17.79 -26.53
CA ARG A 78 25.37 -19.12 -27.13
C ARG A 78 23.95 -19.68 -27.22
N ALA A 79 23.14 -19.43 -26.20
CA ALA A 79 21.81 -20.02 -26.07
C ALA A 79 20.84 -18.92 -25.67
N PRO A 80 20.52 -18.02 -26.59
CA PRO A 80 19.68 -16.87 -26.23
C PRO A 80 18.27 -17.27 -25.83
N HIS A 81 17.78 -18.40 -26.31
CA HIS A 81 16.44 -18.87 -25.93
C HIS A 81 16.33 -19.09 -24.42
N LEU A 82 17.45 -19.18 -23.71
CA LEU A 82 17.39 -19.42 -22.28
C LEU A 82 16.94 -18.19 -21.48
N ARG A 83 17.07 -16.98 -22.03
CA ARG A 83 16.72 -15.78 -21.27
C ARG A 83 15.26 -15.82 -20.83
N SER A 84 14.37 -16.31 -21.70
CA SER A 84 12.96 -16.30 -21.36
C SER A 84 12.60 -17.30 -20.27
N ARG A 85 13.52 -18.20 -19.92
CA ARG A 85 13.26 -19.20 -18.89
C ARG A 85 13.77 -18.78 -17.51
N MET A 86 14.45 -17.66 -17.40
CA MET A 86 15.10 -17.26 -16.16
C MET A 86 14.69 -15.86 -15.74
N GLU A 87 14.88 -15.57 -14.45
CA GLU A 87 14.80 -14.22 -13.91
C GLU A 87 16.20 -13.81 -13.50
N ILE A 88 16.69 -12.69 -14.03
CA ILE A 88 18.05 -12.23 -13.74
C ILE A 88 17.98 -11.15 -12.67
N VAL A 89 18.72 -11.36 -11.57
CA VAL A 89 18.94 -10.36 -10.53
C VAL A 89 20.39 -9.90 -10.65
N SER A 90 20.61 -8.60 -10.67
CA SER A 90 21.95 -8.08 -10.52
C SER A 90 21.91 -6.94 -9.52
N LYS A 91 23.08 -6.35 -9.25
CA LYS A 91 23.21 -5.38 -8.17
C LYS A 91 24.21 -4.33 -8.57
N CYS A 92 24.09 -3.16 -7.95
CA CYS A 92 25.14 -2.16 -8.04
C CYS A 92 25.19 -1.37 -6.74
N GLY A 93 26.20 -0.51 -6.66
CA GLY A 93 26.43 0.37 -5.53
C GLY A 93 27.78 0.20 -4.88
N ILE A 94 28.48 -0.91 -5.15
CA ILE A 94 29.81 -1.16 -4.59
C ILE A 94 30.86 -0.82 -5.63
N ALA A 95 31.96 -0.25 -5.18
CA ALA A 95 33.14 0.00 -6.01
C ALA A 95 34.33 -0.62 -5.31
N THR A 96 34.96 -1.62 -5.96
CA THR A 96 36.10 -2.34 -5.41
C THR A 96 37.41 -1.85 -6.03
N ARG A 97 38.51 -2.30 -5.42
CA ARG A 97 39.85 -1.99 -5.91
C ARG A 97 40.25 -2.83 -7.11
N ALA A 98 39.37 -3.71 -7.60
CA ALA A 98 39.61 -4.37 -8.87
C ALA A 98 39.68 -3.35 -10.00
N ARG A 99 39.04 -2.21 -9.82
CA ARG A 99 39.11 -1.12 -10.78
C ARG A 99 40.29 -0.23 -10.41
N ALA A 100 41.09 0.15 -11.42
CA ALA A 100 42.28 0.93 -11.12
C ALA A 100 41.93 2.28 -10.51
N GLU A 101 40.83 2.89 -10.96
CA GLU A 101 40.43 4.21 -10.48
C GLU A 101 40.00 4.22 -9.02
N ASN A 102 39.77 3.05 -8.41
CA ASN A 102 39.31 2.97 -7.03
C ASN A 102 40.47 2.59 -6.12
N THR A 103 41.04 3.59 -5.46
CA THR A 103 42.11 3.38 -4.50
C THR A 103 41.61 2.90 -3.16
N ILE A 104 40.29 2.88 -2.96
CA ILE A 104 39.71 2.34 -1.73
C ILE A 104 38.41 1.66 -2.11
N GLY A 105 38.07 0.60 -1.38
CA GLY A 105 36.74 0.05 -1.47
C GLY A 105 35.73 1.00 -0.85
N HIS A 106 34.67 1.30 -1.60
CA HIS A 106 33.68 2.26 -1.15
C HIS A 106 32.36 1.97 -1.85
N TYR A 107 31.45 2.93 -1.78
CA TYR A 107 30.11 2.82 -2.33
C TYR A 107 29.86 3.99 -3.29
N ILE A 108 29.09 3.73 -4.32
CA ILE A 108 28.65 4.77 -5.24
C ILE A 108 27.17 4.53 -5.50
N THR A 109 26.33 5.42 -4.96
CA THR A 109 24.89 5.27 -5.17
C THR A 109 24.28 6.51 -5.82
N ASP A 110 25.07 7.34 -6.49
CA ASP A 110 24.53 8.47 -7.21
CA ASP A 110 24.48 8.47 -7.18
C ASP A 110 23.69 7.97 -8.40
N ARG A 111 22.87 8.87 -8.95
CA ARG A 111 21.94 8.49 -10.02
C ARG A 111 22.67 7.96 -11.25
N ASP A 112 23.65 8.70 -11.77
CA ASP A 112 24.24 8.31 -13.05
C ASP A 112 24.95 6.97 -12.96
N HIS A 113 25.61 6.71 -11.85
CA HIS A 113 26.34 5.46 -11.68
C HIS A 113 25.38 4.27 -11.67
N ILE A 114 24.22 4.42 -11.03
CA ILE A 114 23.22 3.35 -10.98
C ILE A 114 22.67 3.09 -12.38
N VAL A 115 22.32 4.14 -13.11
CA VAL A 115 21.82 3.93 -14.46
C VAL A 115 22.89 3.28 -15.33
N LEU A 116 24.11 3.83 -15.31
CA LEU A 116 25.19 3.31 -16.14
C LEU A 116 25.62 1.92 -15.72
N SER A 117 25.57 1.60 -14.43
CA SER A 117 25.91 0.26 -13.99
C SER A 117 24.92 -0.76 -14.52
N ALA A 118 23.61 -0.47 -14.40
CA ALA A 118 22.61 -1.38 -14.92
C ALA A 118 22.72 -1.51 -16.43
N GLU A 119 22.99 -0.41 -17.11
CA GLU A 119 23.16 -0.49 -18.56
C GLU A 119 24.36 -1.35 -18.91
N GLN A 120 25.45 -1.22 -18.16
CA GLN A 120 26.60 -2.10 -18.40
C GLN A 120 26.26 -3.54 -18.06
N SER A 121 25.45 -3.76 -17.01
CA SER A 121 25.01 -5.11 -16.68
C SER A 121 24.29 -5.75 -17.86
N LEU A 122 23.43 -4.98 -18.53
CA LEU A 122 22.70 -5.47 -19.68
C LEU A 122 23.65 -5.88 -20.80
N ARG A 123 24.67 -5.05 -21.08
CA ARG A 123 25.65 -5.40 -22.10
C ARG A 123 26.46 -6.63 -21.69
N ASN A 124 26.87 -6.71 -20.43
CA ASN A 124 27.65 -7.86 -20.00
C ASN A 124 26.85 -9.14 -20.13
N LEU A 125 25.57 -9.08 -19.76
CA LEU A 125 24.72 -10.26 -19.70
C LEU A 125 24.13 -10.66 -21.04
N ALA A 126 24.33 -9.86 -22.09
CA ALA A 126 23.75 -10.14 -23.40
C ALA A 126 22.24 -10.28 -23.30
N THR A 127 21.61 -9.33 -22.61
CA THR A 127 20.17 -9.32 -22.44
C THR A 127 19.69 -7.88 -22.52
N ASP A 128 18.40 -7.72 -22.82
CA ASP A 128 17.79 -6.40 -22.97
C ASP A 128 17.15 -5.87 -21.68
N HIS A 129 17.06 -6.67 -20.62
CA HIS A 129 16.46 -6.21 -19.38
C HIS A 129 16.93 -7.09 -18.24
N LEU A 130 16.93 -6.52 -17.04
CA LEU A 130 17.04 -7.23 -15.77
C LEU A 130 15.65 -7.43 -15.18
N ASP A 131 15.45 -8.56 -14.51
CA ASP A 131 14.21 -8.70 -13.75
C ASP A 131 14.27 -7.88 -12.45
N LEU A 132 15.42 -7.85 -11.80
CA LEU A 132 15.53 -7.20 -10.51
C LEU A 132 16.93 -6.59 -10.38
N LEU A 133 16.97 -5.33 -9.96
CA LEU A 133 18.22 -4.63 -9.69
C LEU A 133 18.23 -4.24 -8.21
N LEU A 134 19.31 -4.57 -7.52
CA LEU A 134 19.46 -4.31 -6.09
C LEU A 134 20.52 -3.22 -5.84
N ILE A 135 20.26 -2.37 -4.85
CA ILE A 135 21.35 -1.64 -4.21
C ILE A 135 22.09 -2.62 -3.30
N HIS A 136 23.41 -2.77 -3.53
CA HIS A 136 24.14 -3.93 -3.00
C HIS A 136 24.41 -3.84 -1.50
N ARG A 137 24.69 -2.64 -1.02
CA ARG A 137 24.97 -2.38 0.38
C ARG A 137 24.38 -1.03 0.74
N PRO A 138 23.93 -0.86 1.97
CA PRO A 138 23.51 0.48 2.42
C PRO A 138 24.72 1.39 2.48
N ASP A 139 24.53 2.63 2.02
CA ASP A 139 25.61 3.59 1.87
C ASP A 139 25.33 4.84 2.71
N PRO A 140 26.23 5.24 3.62
CA PRO A 140 25.96 6.45 4.41
C PRO A 140 25.80 7.71 3.58
N LEU A 141 26.28 7.70 2.33
CA LEU A 141 26.09 8.80 1.40
C LEU A 141 24.91 8.58 0.45
N MET A 142 24.07 7.58 0.69
CA MET A 142 22.94 7.34 -0.20
C MET A 142 21.91 8.45 -0.05
N ASP A 143 21.63 9.15 -1.15
CA ASP A 143 20.53 10.10 -1.23
C ASP A 143 19.37 9.35 -1.88
N ALA A 144 18.32 9.07 -1.09
CA ALA A 144 17.25 8.23 -1.60
C ALA A 144 16.56 8.85 -2.81
N ASP A 145 16.50 10.20 -2.86
CA ASP A 145 15.93 10.90 -4.01
C ASP A 145 16.70 10.59 -5.29
N GLU A 146 18.02 10.45 -5.18
CA GLU A 146 18.80 10.17 -6.38
CA GLU A 146 18.84 10.16 -6.35
C GLU A 146 18.64 8.73 -6.83
N VAL A 147 18.60 7.78 -5.90
CA VAL A 147 18.36 6.39 -6.28
C VAL A 147 17.00 6.27 -6.93
N ALA A 148 15.99 6.96 -6.38
CA ALA A 148 14.64 6.88 -6.94
C ALA A 148 14.61 7.38 -8.37
N GLU A 149 15.33 8.47 -8.67
CA GLU A 149 15.42 8.97 -10.03
C GLU A 149 15.99 7.93 -10.96
N ALA A 150 17.07 7.28 -10.52
CA ALA A 150 17.72 6.26 -11.32
C ALA A 150 16.78 5.09 -11.58
N PHE A 151 16.06 4.63 -10.54
CA PHE A 151 15.14 3.52 -10.73
C PHE A 151 14.04 3.87 -11.75
N LEU A 152 13.46 5.07 -11.66
CA LEU A 152 12.39 5.42 -12.60
C LEU A 152 12.92 5.50 -14.01
N ALA A 153 14.12 6.03 -14.20
CA ALA A 153 14.69 6.07 -15.54
C ALA A 153 14.83 4.66 -16.08
N LEU A 154 15.30 3.73 -15.26
CA LEU A 154 15.47 2.34 -15.68
C LEU A 154 14.14 1.64 -15.89
N HIS A 155 13.17 1.87 -15.00
CA HIS A 155 11.87 1.22 -15.16
C HIS A 155 11.13 1.77 -16.36
N HIS A 156 11.16 3.10 -16.55
CA HIS A 156 10.40 3.73 -17.62
C HIS A 156 10.94 3.34 -19.00
N SER A 157 12.25 3.09 -19.10
CA SER A 157 12.86 2.67 -20.35
C SER A 157 12.73 1.17 -20.60
N GLY A 158 12.14 0.42 -19.69
CA GLY A 158 12.01 -1.01 -19.86
C GLY A 158 13.25 -1.80 -19.57
N LYS A 159 14.28 -1.17 -19.01
CA LYS A 159 15.55 -1.86 -18.79
C LYS A 159 15.58 -2.73 -17.55
N VAL A 160 14.76 -2.39 -16.54
CA VAL A 160 14.68 -3.15 -15.29
C VAL A 160 13.21 -3.29 -14.88
N ARG A 161 12.80 -4.51 -14.54
CA ARG A 161 11.40 -4.78 -14.21
C ARG A 161 11.07 -4.44 -12.76
N HIS A 162 11.94 -4.81 -11.82
CA HIS A 162 11.70 -4.60 -10.40
C HIS A 162 12.98 -4.14 -9.71
N PHE A 163 12.84 -3.62 -8.50
CA PHE A 163 13.95 -3.03 -7.76
C PHE A 163 13.94 -3.53 -6.33
N GLY A 164 15.14 -3.64 -5.76
CA GLY A 164 15.26 -4.06 -4.39
C GLY A 164 16.57 -3.61 -3.77
N VAL A 165 16.84 -4.14 -2.58
CA VAL A 165 18.02 -3.78 -1.83
C VAL A 165 18.64 -5.04 -1.28
N SER A 166 19.83 -4.88 -0.74
CA SER A 166 20.52 -5.99 -0.11
C SER A 166 21.25 -5.46 1.11
N ASN A 167 21.14 -6.18 2.24
CA ASN A 167 21.86 -5.86 3.47
C ASN A 167 21.40 -4.56 4.12
N PHE A 168 20.17 -4.16 3.86
CA PHE A 168 19.62 -2.96 4.45
C PHE A 168 19.05 -3.26 5.84
N THR A 169 19.23 -2.31 6.75
CA THR A 169 18.45 -2.28 7.97
C THR A 169 17.03 -1.84 7.63
N PRO A 170 16.07 -2.11 8.52
CA PRO A 170 14.71 -1.60 8.29
C PRO A 170 14.62 -0.09 8.10
N ALA A 171 15.40 0.70 8.86
CA ALA A 171 15.36 2.14 8.66
C ALA A 171 15.85 2.51 7.26
N GLN A 172 16.93 1.88 6.81
CA GLN A 172 17.42 2.14 5.45
C GLN A 172 16.41 1.68 4.40
N PHE A 173 15.77 0.52 4.64
CA PHE A 173 14.74 0.04 3.73
C PHE A 173 13.61 1.05 3.63
N THR A 174 13.11 1.50 4.77
CA THR A 174 11.98 2.43 4.79
C THR A 174 12.33 3.76 4.15
N LEU A 175 13.56 4.24 4.36
CA LEU A 175 13.98 5.48 3.74
C LEU A 175 13.81 5.41 2.23
N LEU A 176 14.37 4.36 1.61
CA LEU A 176 14.31 4.25 0.15
C LEU A 176 12.89 3.97 -0.34
N GLN A 177 12.18 3.06 0.33
CA GLN A 177 10.83 2.74 -0.11
C GLN A 177 9.94 3.96 -0.13
N SER A 178 10.22 4.94 0.75
CA SER A 178 9.40 6.12 0.85
C SER A 178 9.45 6.98 -0.41
N ARG A 179 10.50 6.83 -1.21
CA ARG A 179 10.63 7.62 -2.43
C ARG A 179 10.06 6.91 -3.65
N LEU A 180 9.66 5.66 -3.52
CA LEU A 180 9.36 4.85 -4.70
C LEU A 180 7.86 4.61 -4.88
N PRO A 181 7.35 4.74 -6.11
CA PRO A 181 5.92 4.49 -6.35
C PRO A 181 5.57 3.02 -6.47
N PHE A 182 6.58 2.14 -6.46
CA PHE A 182 6.42 0.70 -6.51
C PHE A 182 7.16 0.08 -5.32
N THR A 183 6.74 -1.12 -4.97
CA THR A 183 7.27 -1.81 -3.80
C THR A 183 8.63 -2.44 -4.08
N LEU A 184 9.57 -2.23 -3.16
CA LEU A 184 10.84 -2.95 -3.21
C LEU A 184 10.57 -4.45 -3.11
N ALA A 185 11.22 -5.23 -3.97
CA ALA A 185 10.84 -6.62 -4.15
C ALA A 185 11.62 -7.59 -3.26
N THR A 186 12.72 -7.17 -2.65
CA THR A 186 13.43 -8.02 -1.70
C THR A 186 14.37 -7.14 -0.88
N ASN A 187 14.84 -7.70 0.23
CA ASN A 187 16.02 -7.22 0.95
C ASN A 187 16.91 -8.45 1.05
N GLN A 188 17.89 -8.55 0.16
CA GLN A 188 18.71 -9.75 0.10
C GLN A 188 19.74 -9.70 1.21
N VAL A 189 19.66 -10.64 2.12
CA VAL A 189 20.42 -10.60 3.37
C VAL A 189 20.98 -11.98 3.65
N GLU A 190 21.92 -12.01 4.60
CA GLU A 190 22.59 -13.24 5.01
C GLU A 190 21.77 -14.00 6.06
N ILE A 191 21.37 -15.23 5.75
CA ILE A 191 20.56 -16.05 6.65
C ILE A 191 21.11 -17.48 6.67
N SER A 192 21.50 -17.94 7.84
CA SER A 192 22.06 -19.29 7.98
CA SER A 192 22.09 -19.26 7.99
C SER A 192 22.02 -19.66 9.45
N PRO A 193 22.09 -20.95 9.76
CA PRO A 193 22.27 -21.31 11.18
C PRO A 193 23.56 -20.72 11.75
N VAL A 194 24.58 -20.50 10.92
CA VAL A 194 25.81 -19.93 11.45
C VAL A 194 25.75 -18.41 11.52
N HIS A 195 24.71 -17.78 10.98
CA HIS A 195 24.57 -16.33 11.06
C HIS A 195 23.09 -15.99 11.22
N GLN A 196 22.66 -15.82 12.48
CA GLN A 196 21.25 -15.61 12.78
C GLN A 196 20.77 -14.23 13.25
N PRO A 197 21.60 -13.18 13.39
CA PRO A 197 21.10 -11.97 14.07
C PRO A 197 19.90 -11.33 13.38
N LEU A 198 19.68 -11.59 12.08
CA LEU A 198 18.57 -10.95 11.40
C LEU A 198 17.23 -11.56 11.79
N LEU A 199 17.23 -12.74 12.39
CA LEU A 199 15.97 -13.34 12.84
C LEU A 199 15.34 -12.52 13.93
N LEU A 200 16.17 -11.85 14.77
CA LEU A 200 15.68 -11.12 15.92
C LEU A 200 15.87 -9.60 15.84
N ASP A 201 16.69 -9.08 14.91
CA ASP A 201 16.99 -7.65 14.98
C ASP A 201 15.96 -6.77 14.26
N GLY A 202 14.90 -7.36 13.71
CA GLY A 202 13.86 -6.61 13.06
C GLY A 202 13.84 -6.69 11.54
N THR A 203 14.94 -7.12 10.92
CA THR A 203 15.03 -7.20 9.46
C THR A 203 13.97 -8.17 8.90
N LEU A 204 13.94 -9.40 9.40
CA LEU A 204 12.98 -10.40 8.96
C LEU A 204 11.58 -10.12 9.50
N ASP A 205 11.45 -9.37 10.62
CA ASP A 205 10.13 -8.93 11.05
C ASP A 205 9.50 -7.99 10.02
N GLN A 206 10.27 -6.98 9.59
CA GLN A 206 9.75 -6.02 8.63
C GLN A 206 9.35 -6.72 7.32
N LEU A 207 10.20 -7.61 6.83
CA LEU A 207 9.91 -8.29 5.56
C LEU A 207 8.65 -9.13 5.67
N GLN A 208 8.51 -9.90 6.75
CA GLN A 208 7.26 -10.65 6.91
C GLN A 208 6.07 -9.71 6.97
N GLN A 209 6.22 -8.57 7.66
CA GLN A 209 5.09 -7.66 7.84
C GLN A 209 4.60 -7.12 6.51
N LEU A 210 5.53 -6.73 5.64
CA LEU A 210 5.26 -6.18 4.32
C LEU A 210 5.03 -7.25 3.26
N ARG A 211 5.22 -8.53 3.61
CA ARG A 211 5.08 -9.66 2.69
C ARG A 211 6.08 -9.57 1.55
N ILE A 212 7.31 -9.14 1.87
CA ILE A 212 8.42 -9.06 0.93
C ILE A 212 9.35 -10.21 1.29
N ARG A 213 9.76 -11.02 0.26
CA ARG A 213 10.53 -12.21 0.58
C ARG A 213 12.03 -11.94 0.46
N PRO A 214 12.85 -12.30 1.44
CA PRO A 214 14.30 -12.11 1.30
C PRO A 214 14.95 -13.22 0.50
N MET A 215 15.81 -12.84 -0.46
CA MET A 215 16.81 -13.77 -0.97
C MET A 215 17.89 -13.92 0.09
N ALA A 216 18.33 -15.15 0.32
CA ALA A 216 19.17 -15.49 1.47
C ALA A 216 20.55 -15.90 0.99
N TRP A 217 21.57 -15.17 1.44
CA TRP A 217 22.91 -15.45 0.95
C TRP A 217 23.77 -16.13 2.00
N SER A 218 24.82 -16.82 1.50
CA SER A 218 25.71 -17.67 2.29
C SER A 218 24.94 -18.54 3.29
N CYS A 219 23.95 -19.27 2.78
CA CYS A 219 23.18 -20.17 3.63
C CYS A 219 24.05 -21.25 4.25
N LEU A 220 25.17 -21.59 3.61
CA LEU A 220 26.13 -22.55 4.15
C LEU A 220 27.38 -21.85 4.72
N GLY A 221 27.28 -20.57 5.04
CA GLY A 221 28.41 -19.85 5.57
C GLY A 221 29.57 -19.69 4.61
N GLY A 222 29.30 -19.77 3.31
CA GLY A 222 30.38 -19.75 2.33
C GLY A 222 31.33 -20.91 2.47
N GLY A 223 30.86 -22.02 3.06
CA GLY A 223 31.69 -23.18 3.34
C GLY A 223 32.07 -23.33 4.80
N ARG A 224 31.87 -22.30 5.62
CA ARG A 224 32.22 -22.35 7.04
C ARG A 224 31.44 -23.44 7.76
N LEU A 225 30.24 -23.79 7.29
CA LEU A 225 29.49 -24.85 7.93
C LEU A 225 30.29 -26.14 7.98
N PHE A 226 31.04 -26.42 6.91
CA PHE A 226 31.76 -27.69 6.85
C PHE A 226 33.13 -27.63 7.52
N ASN A 227 33.75 -26.45 7.62
CA ASN A 227 35.18 -26.39 7.88
C ASN A 227 35.58 -25.75 9.21
N GLU A 228 34.74 -24.90 9.80
CA GLU A 228 35.13 -24.23 11.06
C GLU A 228 34.85 -25.11 12.28
N GLU A 229 35.84 -25.18 13.17
CA GLU A 229 35.77 -26.10 14.31
C GLU A 229 34.60 -25.77 15.23
N CYS A 230 34.31 -24.48 15.44
CA CYS A 230 33.26 -24.11 16.40
C CYS A 230 31.88 -24.51 15.94
N PHE A 231 31.73 -25.09 14.75
CA PHE A 231 30.46 -25.58 14.27
C PHE A 231 30.41 -27.10 14.19
N GLN A 232 31.30 -27.76 14.92
CA GLN A 232 31.24 -29.21 15.04
C GLN A 232 29.90 -29.65 15.63
N ALA A 233 29.48 -29.00 16.71
CA ALA A 233 28.20 -29.33 17.35
C ALA A 233 27.03 -29.15 16.38
N LEU A 234 27.06 -28.10 15.57
CA LEU A 234 26.01 -27.92 14.57
C LEU A 234 26.01 -29.04 13.55
N ARG A 235 27.19 -29.49 13.12
CA ARG A 235 27.26 -30.56 12.13
C ARG A 235 26.71 -31.85 12.71
N ASP A 236 27.06 -32.14 13.97
CA ASP A 236 26.54 -33.33 14.64
C ASP A 236 25.02 -33.33 14.68
N GLU A 237 24.42 -32.21 15.09
CA GLU A 237 22.97 -32.14 15.18
C GLU A 237 22.32 -32.24 13.81
N LEU A 238 22.87 -31.53 12.81
CA LEU A 238 22.30 -31.61 11.47
C LEU A 238 22.31 -33.05 10.97
N ALA A 239 23.36 -33.80 11.31
CA ALA A 239 23.42 -35.21 10.92
C ALA A 239 22.32 -36.01 11.61
N GLN A 240 22.10 -35.73 12.89
CA GLN A 240 21.05 -36.45 13.61
C GLN A 240 19.68 -36.10 13.06
N VAL A 241 19.43 -34.82 12.76
CA VAL A 241 18.15 -34.45 12.18
C VAL A 241 18.01 -35.02 10.77
N ALA A 242 19.12 -35.07 10.01
CA ALA A 242 19.07 -35.66 8.67
C ALA A 242 18.66 -37.12 8.74
N HIS A 243 19.19 -37.86 9.72
CA HIS A 243 18.79 -39.25 9.90
C HIS A 243 17.30 -39.35 10.23
N GLU A 244 16.82 -38.45 11.09
CA GLU A 244 15.41 -38.44 11.48
C GLU A 244 14.51 -38.08 10.32
N LEU A 245 14.97 -37.19 9.44
CA LEU A 245 14.17 -36.70 8.32
C LEU A 245 14.42 -37.47 7.03
N ASN A 246 15.33 -38.46 7.06
CA ASN A 246 15.75 -39.19 5.87
C ASN A 246 16.26 -38.22 4.80
N ALA A 247 17.04 -37.24 5.22
CA ALA A 247 17.67 -36.32 4.28
C ALA A 247 18.98 -36.93 3.79
N ASP A 248 19.47 -36.41 2.68
CA ASP A 248 20.66 -36.96 2.05
C ASP A 248 21.96 -36.35 2.57
N SER A 249 21.91 -35.15 3.16
CA SER A 249 23.12 -34.46 3.59
C SER A 249 22.75 -33.45 4.66
N ILE A 250 23.77 -32.94 5.35
CA ILE A 250 23.50 -31.90 6.35
C ILE A 250 23.07 -30.59 5.70
N GLU A 251 23.56 -30.28 4.49
CA GLU A 251 23.16 -29.02 3.85
C GLU A 251 21.67 -29.02 3.50
N GLN A 252 21.11 -30.16 3.07
CA GLN A 252 19.68 -30.23 2.81
C GLN A 252 18.91 -29.85 4.04
N VAL A 253 19.40 -30.24 5.21
CA VAL A 253 18.74 -29.90 6.46
C VAL A 253 18.87 -28.40 6.73
N VAL A 254 20.05 -27.83 6.46
CA VAL A 254 20.23 -26.39 6.59
C VAL A 254 19.26 -25.65 5.68
N TYR A 255 19.12 -26.10 4.42
CA TYR A 255 18.19 -25.43 3.52
C TYR A 255 16.77 -25.52 4.05
N ALA A 256 16.37 -26.69 4.55
CA ALA A 256 15.05 -26.81 5.15
C ALA A 256 14.90 -25.89 6.35
N TRP A 257 15.97 -25.73 7.13
CA TRP A 257 15.95 -24.84 8.31
C TRP A 257 15.75 -23.38 7.91
N VAL A 258 16.34 -22.97 6.78
CA VAL A 258 16.14 -21.61 6.27
C VAL A 258 14.74 -21.47 5.67
N LEU A 259 14.31 -22.45 4.87
CA LEU A 259 12.99 -22.39 4.21
C LEU A 259 11.86 -22.33 5.22
N ARG A 260 12.07 -22.89 6.41
CA ARG A 260 11.06 -22.91 7.46
CA ARG A 260 11.06 -22.91 7.46
C ARG A 260 10.78 -21.52 8.02
N LEU A 261 11.70 -20.57 7.87
CA LEU A 261 11.49 -19.25 8.49
C LEU A 261 10.25 -18.60 7.92
N PRO A 262 9.45 -17.89 8.73
CA PRO A 262 8.16 -17.37 8.25
C PRO A 262 8.26 -16.14 7.37
N SER A 263 9.43 -15.54 7.21
CA SER A 263 9.59 -14.59 6.13
C SER A 263 9.68 -15.27 4.77
N GLN A 264 9.76 -16.61 4.76
CA GLN A 264 9.85 -17.41 3.54
C GLN A 264 11.05 -17.01 2.70
N PRO A 265 12.28 -17.15 3.21
CA PRO A 265 13.47 -16.78 2.44
C PRO A 265 13.66 -17.68 1.22
N LEU A 266 14.37 -17.13 0.22
CA LEU A 266 14.77 -17.89 -0.97
C LEU A 266 16.26 -18.21 -0.84
N PRO A 267 16.64 -19.44 -0.52
CA PRO A 267 18.06 -19.74 -0.40
C PRO A 267 18.74 -19.60 -1.74
N ILE A 268 19.91 -18.96 -1.75
CA ILE A 268 20.72 -18.88 -2.98
C ILE A 268 21.80 -19.95 -2.93
N ILE A 269 21.80 -20.84 -3.92
CA ILE A 269 22.80 -21.90 -4.02
C ILE A 269 24.08 -21.31 -4.60
N GLY A 270 25.22 -21.61 -3.96
CA GLY A 270 26.50 -21.07 -4.39
C GLY A 270 27.43 -22.08 -5.02
N SER A 271 27.01 -23.35 -5.09
CA SER A 271 27.88 -24.42 -5.55
C SER A 271 27.93 -24.43 -7.06
N GLY A 272 29.12 -24.69 -7.62
CA GLY A 272 29.28 -24.89 -9.03
C GLY A 272 29.15 -26.32 -9.51
N LYS A 273 28.79 -27.25 -8.62
CA LYS A 273 28.58 -28.65 -8.97
C LYS A 273 27.09 -28.89 -9.10
N ILE A 274 26.64 -29.25 -10.30
CA ILE A 274 25.20 -29.41 -10.51
C ILE A 274 24.63 -30.52 -9.64
N GLU A 275 25.45 -31.48 -9.20
CA GLU A 275 24.94 -32.50 -8.30
C GLU A 275 24.66 -31.93 -6.91
N ARG A 276 25.44 -30.94 -6.47
CA ARG A 276 25.08 -30.27 -5.23
C ARG A 276 23.84 -29.40 -5.43
N VAL A 277 23.72 -28.77 -6.59
CA VAL A 277 22.51 -28.01 -6.90
C VAL A 277 21.29 -28.92 -6.86
N ARG A 278 21.39 -30.07 -7.54
CA ARG A 278 20.29 -31.02 -7.59
C ARG A 278 19.90 -31.46 -6.19
N SER A 279 20.91 -31.77 -5.37
CA SER A 279 20.69 -32.24 -4.01
C SER A 279 20.14 -31.14 -3.10
N ALA A 280 20.53 -29.88 -3.34
CA ALA A 280 20.09 -28.81 -2.45
C ALA A 280 18.57 -28.68 -2.47
N ILE A 281 17.97 -28.67 -3.65
CA ILE A 281 16.54 -28.41 -3.79
C ILE A 281 15.69 -29.58 -3.29
N VAL A 282 16.27 -30.74 -3.04
CA VAL A 282 15.51 -31.82 -2.39
C VAL A 282 15.02 -31.38 -1.02
N ALA A 283 15.69 -30.37 -0.45
CA ALA A 283 15.30 -29.84 0.85
C ALA A 283 13.84 -29.43 0.91
N GLU A 284 13.25 -29.09 -0.25
CA GLU A 284 11.85 -28.69 -0.28
C GLU A 284 10.93 -29.78 0.25
N LYS A 285 11.30 -31.06 0.08
CA LYS A 285 10.47 -32.19 0.50
C LYS A 285 10.54 -32.49 1.99
N LEU A 286 11.51 -31.93 2.71
CA LEU A 286 11.70 -32.29 4.10
C LEU A 286 10.63 -31.65 4.98
N SER A 287 10.27 -32.35 6.05
CA SER A 287 9.22 -31.90 6.98
C SER A 287 9.87 -31.71 8.35
N MET A 288 10.51 -30.56 8.55
CA MET A 288 11.23 -30.30 9.79
C MET A 288 10.26 -29.88 10.88
N THR A 289 10.36 -30.53 12.04
CA THR A 289 9.53 -30.13 13.17
C THR A 289 10.12 -28.88 13.82
N ARG A 290 9.30 -28.23 14.64
CA ARG A 290 9.79 -27.09 15.42
C ARG A 290 10.94 -27.51 16.31
N GLN A 291 10.80 -28.64 17.00
CA GLN A 291 11.85 -29.07 17.93
C GLN A 291 13.14 -29.34 17.18
N GLN A 292 13.06 -29.99 16.03
CA GLN A 292 14.25 -30.14 15.21
C GLN A 292 14.84 -28.78 14.85
N TRP A 293 13.98 -27.82 14.50
CA TRP A 293 14.44 -26.48 14.17
C TRP A 293 15.16 -25.83 15.35
N PHE A 294 14.56 -25.89 16.55
CA PHE A 294 15.19 -25.26 17.71
C PHE A 294 16.41 -26.05 18.18
N ARG A 295 16.43 -27.37 17.97
CA ARG A 295 17.64 -28.17 18.25
C ARG A 295 18.80 -27.72 17.37
N ILE A 296 18.54 -27.48 16.08
CA ILE A 296 19.59 -26.99 15.18
C ILE A 296 20.05 -25.60 15.63
N ARG A 297 19.10 -24.72 15.95
CA ARG A 297 19.44 -23.37 16.39
C ARG A 297 20.37 -23.40 17.61
N LYS A 298 20.01 -24.20 18.62
CA LYS A 298 20.82 -24.26 19.83
C LYS A 298 22.20 -24.82 19.54
N ALA A 299 22.27 -25.84 18.68
CA ALA A 299 23.56 -26.42 18.31
C ALA A 299 24.47 -25.39 17.66
N ALA A 300 23.90 -24.46 16.91
CA ALA A 300 24.72 -23.43 16.27
C ALA A 300 25.17 -22.37 17.27
N LEU A 301 24.24 -21.90 18.11
CA LEU A 301 24.47 -20.78 19.02
C LEU A 301 25.04 -21.22 20.36
N GLY A 302 24.71 -22.42 20.82
CA GLY A 302 25.19 -22.95 22.07
C GLY A 302 24.29 -22.71 23.27
N TYR A 303 23.22 -21.92 23.12
CA TYR A 303 22.37 -21.59 24.25
C TYR A 303 20.92 -21.64 23.81
N ASP A 304 20.03 -21.80 24.78
CA ASP A 304 18.60 -21.97 24.55
C ASP A 304 17.94 -20.63 24.24
N VAL A 305 16.72 -20.69 23.73
CA VAL A 305 15.91 -19.49 23.53
C VAL A 305 15.54 -18.96 24.91
N PRO A 306 15.31 -17.64 25.04
CA PRO A 306 14.95 -17.11 26.36
C PRO A 306 13.58 -17.61 26.85
N MET B 9 -9.45 2.12 46.74
CA MET B 9 -8.53 1.00 46.53
C MET B 9 -7.65 1.22 45.32
N VAL B 10 -7.05 0.14 44.81
CA VAL B 10 -6.05 0.25 43.76
C VAL B 10 -6.63 0.92 42.53
N GLN B 11 -5.82 1.79 41.93
CA GLN B 11 -6.18 2.54 40.74
C GLN B 11 -6.59 1.61 39.61
N ARG B 12 -7.63 2.00 38.87
CA ARG B 12 -8.01 1.32 37.64
C ARG B 12 -7.30 1.97 36.47
N ILE B 13 -6.89 1.18 35.48
CA ILE B 13 -6.14 1.75 34.36
C ILE B 13 -6.60 1.11 33.06
N ALA B 14 -6.83 1.93 32.04
CA ALA B 14 -7.19 1.43 30.72
C ALA B 14 -5.94 0.94 30.01
N MET B 15 -5.92 -0.35 29.67
CA MET B 15 -4.72 -0.96 29.10
C MET B 15 -4.42 -0.44 27.71
N ALA B 16 -5.45 -0.05 26.98
CA ALA B 16 -5.33 0.51 25.64
C ALA B 16 -6.58 1.36 25.39
N PRO B 17 -6.52 2.29 24.44
CA PRO B 17 -7.75 3.03 24.08
C PRO B 17 -8.85 2.04 23.68
N GLN B 18 -9.99 2.17 24.36
CA GLN B 18 -11.10 1.22 24.24
C GLN B 18 -10.67 -0.20 24.58
N GLY B 19 -9.55 -0.36 25.29
CA GLY B 19 -9.07 -1.66 25.69
C GLY B 19 -9.62 -1.99 27.07
N PRO B 20 -9.14 -3.09 27.66
CA PRO B 20 -9.68 -3.52 28.96
C PRO B 20 -9.16 -2.66 30.10
N GLU B 21 -9.95 -2.61 31.18
CA GLU B 21 -9.56 -1.93 32.41
C GLU B 21 -9.02 -2.93 33.43
N PHE B 22 -7.78 -2.73 33.85
CA PHE B 22 -7.12 -3.55 34.85
C PHE B 22 -6.87 -2.73 36.12
N SER B 23 -6.50 -3.43 37.19
CA SER B 23 -5.98 -2.75 38.37
C SER B 23 -4.51 -2.43 38.14
N ARG B 24 -4.06 -1.29 38.66
CA ARG B 24 -2.70 -0.85 38.38
C ARG B 24 -1.67 -1.83 38.90
N PHE B 25 -1.96 -2.51 40.00
CA PHE B 25 -1.15 -3.63 40.49
C PHE B 25 -1.82 -4.95 40.11
N VAL B 26 -1.02 -5.89 39.66
CA VAL B 26 -1.45 -7.20 39.20
C VAL B 26 -0.90 -8.24 40.17
N MET B 27 -1.65 -9.31 40.38
CA MET B 27 -1.20 -10.42 41.22
C MET B 27 -0.69 -11.54 40.31
N GLY B 28 0.60 -11.86 40.44
CA GLY B 28 1.23 -12.86 39.59
C GLY B 28 1.30 -14.19 40.30
N TYR B 29 0.95 -15.25 39.58
CA TYR B 29 0.85 -16.58 40.15
C TYR B 29 1.91 -17.53 39.62
N TRP B 30 3.04 -16.98 39.15
CA TRP B 30 4.17 -17.77 38.68
C TRP B 30 4.62 -18.77 39.73
N ARG B 31 4.69 -18.32 40.99
CA ARG B 31 5.28 -19.11 42.06
C ARG B 31 4.22 -19.76 42.95
N LEU B 32 2.99 -19.90 42.44
CA LEU B 32 1.88 -20.45 43.22
C LEU B 32 2.21 -21.81 43.83
N MET B 33 2.76 -22.73 43.02
CA MET B 33 3.06 -24.05 43.54
C MET B 33 4.04 -23.99 44.71
N ASP B 34 4.92 -22.99 44.73
CA ASP B 34 5.88 -22.91 45.83
C ASP B 34 5.21 -22.56 47.16
N TRP B 35 4.07 -21.85 47.12
CA TRP B 35 3.45 -21.38 48.35
C TRP B 35 2.79 -22.51 49.13
N LYS B 36 2.54 -23.64 48.47
CA LYS B 36 1.95 -24.82 49.09
C LYS B 36 0.66 -24.48 49.81
N MET B 37 -0.22 -23.75 49.11
CA MET B 37 -1.52 -23.41 49.65
C MET B 37 -2.54 -24.50 49.37
N SER B 38 -3.36 -24.80 50.37
CA SER B 38 -4.56 -25.59 50.12
C SER B 38 -5.51 -24.79 49.25
N PRO B 39 -6.47 -25.44 48.60
CA PRO B 39 -7.43 -24.66 47.80
C PRO B 39 -8.18 -23.63 48.64
N GLY B 40 -8.50 -23.95 49.89
CA GLY B 40 -9.17 -23.00 50.76
C GLY B 40 -8.28 -21.84 51.15
N GLU B 41 -7.00 -22.13 51.44
CA GLU B 41 -6.06 -21.05 51.70
C GLU B 41 -5.89 -20.17 50.47
N LEU B 42 -5.91 -20.76 49.28
CA LEU B 42 -5.85 -19.98 48.05
C LEU B 42 -7.10 -19.13 47.89
N VAL B 43 -8.28 -19.70 48.17
CA VAL B 43 -9.52 -18.92 48.19
C VAL B 43 -9.35 -17.67 49.04
N SER B 44 -8.80 -17.85 50.24
CA SER B 44 -8.67 -16.73 51.17
C SER B 44 -7.70 -15.69 50.63
N PHE B 45 -6.56 -16.13 50.10
CA PHE B 45 -5.56 -15.23 49.52
C PHE B 45 -6.15 -14.40 48.38
N ILE B 46 -6.89 -15.04 47.47
CA ILE B 46 -7.51 -14.33 46.35
C ILE B 46 -8.53 -13.32 46.85
N GLU B 47 -9.45 -13.77 47.72
CA GLU B 47 -10.42 -12.87 48.33
C GLU B 47 -9.75 -11.65 48.95
N GLN B 48 -8.66 -11.87 49.68
CA GLN B 48 -7.99 -10.74 50.33
C GLN B 48 -7.35 -9.80 49.33
N HIS B 49 -6.72 -10.32 48.27
CA HIS B 49 -6.12 -9.35 47.37
C HIS B 49 -7.18 -8.66 46.52
N LEU B 50 -8.28 -9.34 46.21
CA LEU B 50 -9.40 -8.67 45.57
C LEU B 50 -9.93 -7.54 46.45
N ASP B 51 -10.04 -7.80 47.75
CA ASP B 51 -10.57 -6.80 48.68
C ASP B 51 -9.70 -5.55 48.74
N LEU B 52 -8.41 -5.69 48.44
CA LEU B 52 -7.52 -4.54 48.34
C LEU B 52 -7.68 -3.79 47.02
N GLY B 53 -8.35 -4.37 46.03
CA GLY B 53 -8.39 -3.77 44.72
C GLY B 53 -7.42 -4.35 43.72
N VAL B 54 -6.67 -5.39 44.09
CA VAL B 54 -5.84 -6.11 43.12
C VAL B 54 -6.74 -7.13 42.41
N THR B 55 -7.33 -6.72 41.28
CA THR B 55 -8.29 -7.56 40.58
C THR B 55 -7.67 -8.35 39.45
N THR B 56 -6.61 -7.84 38.82
CA THR B 56 -6.00 -8.51 37.68
C THR B 56 -4.98 -9.54 38.14
N VAL B 57 -5.07 -10.75 37.58
CA VAL B 57 -4.20 -11.85 37.94
C VAL B 57 -3.49 -12.38 36.69
N ASP B 58 -2.25 -12.82 36.87
CA ASP B 58 -1.38 -13.16 35.77
C ASP B 58 -1.00 -14.63 35.87
N HIS B 59 -1.29 -15.37 34.81
CA HIS B 59 -1.04 -16.80 34.70
C HIS B 59 -0.33 -17.08 33.39
N ALA B 60 0.08 -18.33 33.22
CA ALA B 60 0.59 -18.84 31.96
C ALA B 60 0.35 -20.33 31.94
N ASP B 61 0.25 -20.90 30.72
CA ASP B 61 0.04 -22.34 30.65
C ASP B 61 1.19 -23.10 31.29
N ILE B 62 2.42 -22.59 31.17
CA ILE B 62 3.59 -23.36 31.60
C ILE B 62 3.89 -23.25 33.08
N TYR B 63 3.35 -22.24 33.78
CA TYR B 63 3.77 -21.96 35.14
C TYR B 63 3.54 -23.16 36.05
N GLY B 64 4.51 -23.42 36.91
CA GLY B 64 4.47 -24.51 37.86
C GLY B 64 4.51 -25.88 37.22
N ASP B 65 5.27 -26.04 36.13
CA ASP B 65 5.26 -27.26 35.33
C ASP B 65 3.85 -27.61 34.89
N TYR B 66 3.15 -26.62 34.32
CA TYR B 66 1.78 -26.78 33.83
C TYR B 66 0.81 -27.20 34.94
N GLN B 67 0.93 -26.57 36.11
CA GLN B 67 0.04 -26.85 37.24
C GLN B 67 -0.59 -25.62 37.90
N CYS B 68 -0.03 -24.40 37.75
CA CYS B 68 -0.57 -23.26 38.48
C CYS B 68 -1.99 -22.91 38.03
N GLU B 69 -2.26 -22.92 36.72
CA GLU B 69 -3.61 -22.64 36.23
C GLU B 69 -4.63 -23.54 36.90
N ALA B 70 -4.35 -24.85 36.94
CA ALA B 70 -5.28 -25.82 37.51
C ALA B 70 -5.44 -25.63 39.01
N ALA B 71 -4.34 -25.32 39.72
CA ALA B 71 -4.47 -25.05 41.15
C ALA B 71 -5.35 -23.84 41.40
N PHE B 72 -5.16 -22.78 40.61
CA PHE B 72 -6.03 -21.61 40.67
C PHE B 72 -7.47 -21.98 40.34
N GLY B 73 -7.66 -22.90 39.40
CA GLY B 73 -9.00 -23.34 39.07
C GLY B 73 -9.71 -24.04 40.20
N GLU B 74 -8.97 -24.77 41.04
CA GLU B 74 -9.58 -25.37 42.22
C GLU B 74 -10.15 -24.30 43.15
N ALA B 75 -9.48 -23.15 43.25
CA ALA B 75 -10.01 -22.05 44.04
C ALA B 75 -11.30 -21.51 43.44
N LEU B 76 -11.32 -21.31 42.11
CA LEU B 76 -12.51 -20.76 41.47
C LEU B 76 -13.68 -21.75 41.50
N LYS B 77 -13.40 -23.05 41.52
CA LYS B 77 -14.48 -23.99 41.69
C LYS B 77 -15.05 -23.90 43.10
N ARG B 78 -14.19 -23.61 44.08
CA ARG B 78 -14.67 -23.41 45.44
C ARG B 78 -15.53 -22.18 45.54
N ALA B 79 -15.17 -21.11 44.83
CA ALA B 79 -15.82 -19.81 44.97
C ALA B 79 -16.03 -19.16 43.61
N PRO B 80 -16.97 -19.70 42.81
CA PRO B 80 -17.12 -19.20 41.43
C PRO B 80 -17.57 -17.75 41.33
N HIS B 81 -18.27 -17.23 42.33
CA HIS B 81 -18.66 -15.82 42.34
C HIS B 81 -17.46 -14.87 42.30
N LEU B 82 -16.26 -15.38 42.58
CA LEU B 82 -15.07 -14.53 42.54
C LEU B 82 -14.62 -14.18 41.11
N ARG B 83 -14.98 -15.00 40.12
CA ARG B 83 -14.54 -14.76 38.75
C ARG B 83 -14.98 -13.39 38.26
N SER B 84 -16.19 -12.99 38.62
CA SER B 84 -16.72 -11.72 38.13
C SER B 84 -16.00 -10.52 38.74
N ARG B 85 -15.18 -10.74 39.76
CA ARG B 85 -14.45 -9.66 40.41
C ARG B 85 -13.04 -9.48 39.87
N MET B 86 -12.58 -10.37 38.99
CA MET B 86 -11.18 -10.39 38.60
C MET B 86 -11.04 -10.35 37.08
N GLU B 87 -9.86 -9.95 36.63
CA GLU B 87 -9.48 -10.10 35.23
C GLU B 87 -8.38 -11.16 35.16
N ILE B 88 -8.59 -12.18 34.33
CA ILE B 88 -7.63 -13.26 34.19
C ILE B 88 -6.82 -13.03 32.93
N VAL B 89 -5.50 -12.95 33.10
CA VAL B 89 -4.54 -12.93 32.01
C VAL B 89 -3.85 -14.28 32.02
N SER B 90 -3.78 -14.94 30.86
CA SER B 90 -2.86 -16.06 30.73
C SER B 90 -2.10 -15.94 29.41
N LYS B 91 -1.22 -16.90 29.19
CA LYS B 91 -0.27 -16.86 28.07
C LYS B 91 -0.11 -18.25 27.51
N CYS B 92 0.35 -18.28 26.26
CA CYS B 92 0.84 -19.49 25.62
C CYS B 92 1.97 -19.11 24.69
N GLY B 93 2.61 -20.12 24.11
CA GLY B 93 3.68 -19.95 23.16
C GLY B 93 4.98 -20.63 23.55
N ILE B 94 5.15 -20.97 24.83
CA ILE B 94 6.36 -21.64 25.31
C ILE B 94 6.11 -23.14 25.45
N ALA B 95 7.13 -23.92 25.10
CA ALA B 95 7.13 -25.37 25.32
C ALA B 95 8.34 -25.68 26.19
N THR B 96 8.09 -26.17 27.40
CA THR B 96 9.17 -26.52 28.32
C THR B 96 9.41 -28.03 28.30
N ARG B 97 10.55 -28.42 28.88
CA ARG B 97 10.86 -29.84 29.03
C ARG B 97 10.13 -30.49 30.19
N ALA B 98 9.27 -29.74 30.89
CA ALA B 98 8.42 -30.37 31.88
C ALA B 98 7.54 -31.43 31.24
N ARG B 99 7.24 -31.28 29.94
CA ARG B 99 6.51 -32.28 29.18
C ARG B 99 7.47 -33.27 28.53
N ALA B 100 7.12 -34.56 28.61
CA ALA B 100 8.01 -35.61 28.12
C ALA B 100 8.30 -35.47 26.63
N GLU B 101 7.30 -35.00 25.86
CA GLU B 101 7.43 -34.85 24.41
C GLU B 101 8.40 -33.74 24.00
N ASN B 102 8.82 -32.88 24.94
CA ASN B 102 9.72 -31.78 24.64
C ASN B 102 11.12 -32.12 25.13
N THR B 103 12.01 -32.49 24.20
CA THR B 103 13.41 -32.74 24.53
C THR B 103 14.22 -31.46 24.65
N ILE B 104 13.67 -30.35 24.18
CA ILE B 104 14.32 -29.05 24.24
CA ILE B 104 14.32 -29.05 24.26
C ILE B 104 13.26 -28.02 24.58
N GLY B 105 13.67 -26.98 25.31
CA GLY B 105 12.79 -25.84 25.49
C GLY B 105 12.68 -25.06 24.19
N HIS B 106 11.47 -24.76 23.78
CA HIS B 106 11.32 -24.07 22.50
C HIS B 106 9.98 -23.34 22.52
N TYR B 107 9.55 -22.86 21.36
CA TYR B 107 8.33 -22.09 21.23
C TYR B 107 7.41 -22.78 20.25
N ILE B 108 6.10 -22.65 20.45
CA ILE B 108 5.11 -23.11 19.49
C ILE B 108 4.08 -22.01 19.36
N THR B 109 4.06 -21.34 18.22
CA THR B 109 3.08 -20.28 18.00
C THR B 109 2.19 -20.57 16.80
N ASP B 110 1.97 -21.85 16.46
CA ASP B 110 1.08 -22.20 15.36
CA ASP B 110 1.08 -22.12 15.35
C ASP B 110 -0.37 -22.01 15.78
N ARG B 111 -1.25 -21.92 14.78
CA ARG B 111 -2.65 -21.61 15.03
CA ARG B 111 -2.65 -21.61 15.03
C ARG B 111 -3.27 -22.59 16.03
N ASP B 112 -3.27 -23.89 15.68
CA ASP B 112 -3.97 -24.88 16.52
C ASP B 112 -3.42 -24.91 17.93
N HIS B 113 -2.11 -24.74 18.08
CA HIS B 113 -1.54 -24.80 19.42
C HIS B 113 -2.06 -23.68 20.29
N ILE B 114 -2.16 -22.47 19.73
CA ILE B 114 -2.65 -21.31 20.48
C ILE B 114 -4.11 -21.52 20.88
N VAL B 115 -4.93 -21.98 19.94
CA VAL B 115 -6.33 -22.25 20.25
C VAL B 115 -6.45 -23.33 21.32
N LEU B 116 -5.75 -24.45 21.14
CA LEU B 116 -5.85 -25.55 22.08
C LEU B 116 -5.27 -25.16 23.45
N SER B 117 -4.23 -24.34 23.46
CA SER B 117 -3.69 -23.86 24.73
C SER B 117 -4.69 -22.98 25.47
N ALA B 118 -5.32 -22.03 24.76
CA ALA B 118 -6.30 -21.18 25.42
C ALA B 118 -7.50 -22.01 25.90
N GLU B 119 -7.93 -23.00 25.11
CA GLU B 119 -9.04 -23.84 25.55
C GLU B 119 -8.67 -24.66 26.78
N GLN B 120 -7.42 -25.13 26.86
CA GLN B 120 -6.99 -25.85 28.06
C GLN B 120 -6.96 -24.93 29.27
N SER B 121 -6.50 -23.68 29.08
CA SER B 121 -6.47 -22.72 30.16
C SER B 121 -7.85 -22.52 30.77
N LEU B 122 -8.89 -22.46 29.94
CA LEU B 122 -10.23 -22.27 30.48
C LEU B 122 -10.63 -23.45 31.35
N ARG B 123 -10.36 -24.68 30.88
CA ARG B 123 -10.67 -25.86 31.67
C ARG B 123 -9.84 -25.90 32.94
N ASN B 124 -8.56 -25.51 32.86
CA ASN B 124 -7.72 -25.48 34.06
C ASN B 124 -8.24 -24.43 35.06
N LEU B 125 -8.59 -23.24 34.57
CA LEU B 125 -8.98 -22.12 35.41
C LEU B 125 -10.44 -22.19 35.84
N ALA B 126 -11.20 -23.18 35.34
CA ALA B 126 -12.62 -23.37 35.67
C ALA B 126 -13.42 -22.10 35.38
N THR B 127 -13.20 -21.56 34.19
CA THR B 127 -13.87 -20.36 33.70
C THR B 127 -14.17 -20.51 32.22
N ASP B 128 -15.14 -19.73 31.74
CA ASP B 128 -15.60 -19.77 30.36
C ASP B 128 -14.93 -18.74 29.46
N HIS B 129 -14.10 -17.85 29.99
CA HIS B 129 -13.40 -16.87 29.16
C HIS B 129 -12.16 -16.35 29.89
N LEU B 130 -11.15 -15.99 29.11
CA LEU B 130 -10.00 -15.22 29.56
C LEU B 130 -10.22 -13.74 29.28
N ASP B 131 -9.73 -12.89 30.18
CA ASP B 131 -9.77 -11.48 29.85
C ASP B 131 -8.69 -11.10 28.85
N LEU B 132 -7.52 -11.72 28.98
CA LEU B 132 -6.38 -11.37 28.12
C LEU B 132 -5.54 -12.62 27.90
N LEU B 133 -5.15 -12.86 26.66
CA LEU B 133 -4.25 -13.95 26.29
C LEU B 133 -3.02 -13.36 25.63
N LEU B 134 -1.85 -13.75 26.11
CA LEU B 134 -0.59 -13.22 25.60
C LEU B 134 0.19 -14.30 24.87
N ILE B 135 0.85 -13.92 23.78
CA ILE B 135 1.96 -14.73 23.31
C ILE B 135 3.13 -14.51 24.26
N HIS B 136 3.65 -15.61 24.82
CA HIS B 136 4.53 -15.51 25.99
C HIS B 136 5.92 -14.97 25.62
N ARG B 137 6.46 -15.36 24.47
CA ARG B 137 7.78 -14.92 24.07
C ARG B 137 7.79 -14.71 22.57
N PRO B 138 8.57 -13.76 22.08
CA PRO B 138 8.77 -13.67 20.63
C PRO B 138 9.46 -14.91 20.10
N ASP B 139 8.96 -15.42 19.00
CA ASP B 139 9.35 -16.71 18.45
C ASP B 139 9.92 -16.46 17.05
N PRO B 140 11.15 -16.87 16.76
CA PRO B 140 11.67 -16.68 15.39
C PRO B 140 10.85 -17.38 14.32
N LEU B 141 10.04 -18.37 14.69
CA LEU B 141 9.14 -19.05 13.77
C LEU B 141 7.72 -18.53 13.83
N MET B 142 7.46 -17.40 14.50
CA MET B 142 6.11 -16.88 14.56
C MET B 142 5.65 -16.39 13.19
N ASP B 143 4.57 -16.98 12.69
CA ASP B 143 3.87 -16.52 11.50
C ASP B 143 2.69 -15.68 12.00
N ALA B 144 2.75 -14.36 11.77
CA ALA B 144 1.75 -13.47 12.36
C ALA B 144 0.34 -13.76 11.84
N ASP B 145 0.22 -14.24 10.60
CA ASP B 145 -1.07 -14.64 10.06
C ASP B 145 -1.67 -15.78 10.87
N GLU B 146 -0.85 -16.72 11.29
CA GLU B 146 -1.35 -17.88 12.04
C GLU B 146 -1.78 -17.48 13.43
N VAL B 147 -0.95 -16.70 14.13
CA VAL B 147 -1.35 -16.15 15.41
C VAL B 147 -2.64 -15.38 15.27
N ALA B 148 -2.75 -14.56 14.21
CA ALA B 148 -3.97 -13.79 14.01
C ALA B 148 -5.17 -14.69 13.79
N GLU B 149 -5.01 -15.79 13.04
CA GLU B 149 -6.12 -16.71 12.83
C GLU B 149 -6.62 -17.25 14.16
N ALA B 150 -5.70 -17.66 15.02
CA ALA B 150 -6.07 -18.20 16.33
C ALA B 150 -6.78 -17.15 17.17
N PHE B 151 -6.23 -15.93 17.21
CA PHE B 151 -6.84 -14.86 17.99
C PHE B 151 -8.26 -14.57 17.51
N LEU B 152 -8.47 -14.48 16.19
CA LEU B 152 -9.81 -14.18 15.71
C LEU B 152 -10.78 -15.31 16.05
N ALA B 153 -10.34 -16.56 15.95
CA ALA B 153 -11.23 -17.67 16.31
C ALA B 153 -11.59 -17.61 17.79
N LEU B 154 -10.57 -17.35 18.63
CA LEU B 154 -10.82 -17.26 20.06
C LEU B 154 -11.71 -16.07 20.39
N HIS B 155 -11.51 -14.97 19.68
CA HIS B 155 -12.32 -13.78 19.89
C HIS B 155 -13.76 -14.03 19.46
N HIS B 156 -13.95 -14.64 18.28
CA HIS B 156 -15.31 -14.87 17.81
C HIS B 156 -16.06 -15.86 18.65
N SER B 157 -15.36 -16.82 19.26
CA SER B 157 -16.04 -17.78 20.13
C SER B 157 -16.28 -17.24 21.52
N GLY B 158 -15.80 -16.03 21.83
CA GLY B 158 -16.01 -15.46 23.14
C GLY B 158 -15.11 -16.00 24.22
N LYS B 159 -14.10 -16.80 23.86
CA LYS B 159 -13.25 -17.45 24.86
C LYS B 159 -12.15 -16.53 25.37
N VAL B 160 -11.77 -15.52 24.60
CA VAL B 160 -10.77 -14.53 25.00
C VAL B 160 -11.29 -13.15 24.64
N ARG B 161 -11.29 -12.23 25.60
CA ARG B 161 -11.80 -10.88 25.36
C ARG B 161 -10.76 -10.00 24.66
N HIS B 162 -9.50 -10.08 25.07
CA HIS B 162 -8.46 -9.21 24.54
C HIS B 162 -7.16 -9.99 24.38
N PHE B 163 -6.24 -9.42 23.60
CA PHE B 163 -5.03 -10.12 23.21
C PHE B 163 -3.85 -9.20 23.38
N GLY B 164 -2.70 -9.79 23.68
CA GLY B 164 -1.47 -9.05 23.83
C GLY B 164 -0.25 -9.93 23.64
N VAL B 165 0.91 -9.37 23.98
CA VAL B 165 2.20 -10.04 23.80
C VAL B 165 3.02 -9.85 25.06
N SER B 166 4.13 -10.58 25.13
CA SER B 166 5.05 -10.44 26.25
C SER B 166 6.47 -10.56 25.73
N ASN B 167 7.35 -9.66 26.16
CA ASN B 167 8.77 -9.69 25.82
C ASN B 167 9.03 -9.45 24.32
N PHE B 168 8.12 -8.78 23.63
CA PHE B 168 8.30 -8.44 22.23
C PHE B 168 9.13 -7.16 22.06
N THR B 169 9.96 -7.13 21.02
CA THR B 169 10.55 -5.88 20.54
C THR B 169 9.49 -5.03 19.85
N PRO B 170 9.77 -3.74 19.62
CA PRO B 170 8.80 -2.94 18.86
C PRO B 170 8.51 -3.53 17.47
N ALA B 171 9.55 -4.04 16.79
CA ALA B 171 9.35 -4.60 15.45
C ALA B 171 8.48 -5.84 15.48
N GLN B 172 8.66 -6.70 16.48
CA GLN B 172 7.79 -7.87 16.63
C GLN B 172 6.36 -7.45 16.98
N PHE B 173 6.22 -6.45 17.86
CA PHE B 173 4.90 -5.92 18.19
C PHE B 173 4.19 -5.40 16.95
N THR B 174 4.89 -4.58 16.15
CA THR B 174 4.25 -3.99 14.99
C THR B 174 3.88 -5.05 13.95
N LEU B 175 4.72 -6.08 13.79
CA LEU B 175 4.41 -7.18 12.87
C LEU B 175 3.10 -7.88 13.25
N LEU B 176 2.98 -8.30 14.50
CA LEU B 176 1.74 -8.97 14.89
C LEU B 176 0.56 -8.02 14.82
N GLN B 177 0.73 -6.79 15.31
CA GLN B 177 -0.36 -5.81 15.33
C GLN B 177 -0.88 -5.53 13.93
N SER B 178 -0.03 -5.64 12.92
CA SER B 178 -0.43 -5.36 11.55
C SER B 178 -1.45 -6.37 11.02
N ARG B 179 -1.55 -7.55 11.62
CA ARG B 179 -2.48 -8.58 11.19
C ARG B 179 -3.81 -8.52 11.92
N LEU B 180 -3.95 -7.68 12.95
CA LEU B 180 -5.10 -7.75 13.86
C LEU B 180 -6.02 -6.55 13.72
N PRO B 181 -7.34 -6.75 13.65
CA PRO B 181 -8.28 -5.62 13.58
C PRO B 181 -8.56 -4.99 14.94
N PHE B 182 -7.99 -5.51 16.02
CA PHE B 182 -8.13 -4.93 17.34
C PHE B 182 -6.75 -4.62 17.91
N THR B 183 -6.72 -3.69 18.86
CA THR B 183 -5.45 -3.22 19.40
C THR B 183 -4.92 -4.23 20.42
N LEU B 184 -3.64 -4.57 20.30
CA LEU B 184 -3.00 -5.37 21.36
C LEU B 184 -3.02 -4.58 22.67
N ALA B 185 -3.39 -5.26 23.77
CA ALA B 185 -3.68 -4.55 25.02
C ALA B 185 -2.48 -4.38 25.94
N THR B 186 -1.39 -5.09 25.73
CA THR B 186 -0.20 -4.91 26.54
C THR B 186 1.01 -5.51 25.84
N ASN B 187 2.18 -5.09 26.29
CA ASN B 187 3.42 -5.82 26.01
C ASN B 187 4.02 -6.02 27.39
N GLN B 188 3.86 -7.24 27.91
CA GLN B 188 4.27 -7.54 29.28
C GLN B 188 5.76 -7.76 29.30
N VAL B 189 6.50 -6.86 29.98
CA VAL B 189 7.94 -6.85 29.91
C VAL B 189 8.55 -6.63 31.29
N GLU B 190 9.85 -6.93 31.39
CA GLU B 190 10.62 -6.84 32.63
C GLU B 190 11.09 -5.40 32.84
N ILE B 191 10.67 -4.78 33.94
CA ILE B 191 11.03 -3.41 34.27
C ILE B 191 11.39 -3.35 35.74
N SER B 192 12.64 -3.01 36.06
CA SER B 192 12.99 -2.77 37.45
C SER B 192 14.22 -1.86 37.50
N PRO B 193 14.58 -1.35 38.68
CA PRO B 193 15.89 -0.68 38.80
C PRO B 193 17.05 -1.60 38.48
N VAL B 194 16.91 -2.92 38.67
CA VAL B 194 18.00 -3.84 38.33
C VAL B 194 17.98 -4.29 36.87
N HIS B 195 16.95 -3.94 36.09
CA HIS B 195 16.91 -4.32 34.68
C HIS B 195 16.20 -3.20 33.90
N GLN B 196 16.98 -2.27 33.36
CA GLN B 196 16.42 -1.07 32.73
C GLN B 196 16.53 -0.94 31.20
N PRO B 197 17.08 -1.88 30.44
CA PRO B 197 17.34 -1.58 29.02
C PRO B 197 16.09 -1.22 28.21
N LEU B 198 14.89 -1.59 28.66
CA LEU B 198 13.70 -1.25 27.90
C LEU B 198 13.33 0.23 28.01
N LEU B 199 13.87 0.94 28.99
CA LEU B 199 13.60 2.37 29.08
C LEU B 199 14.19 3.12 27.89
N LEU B 200 15.30 2.63 27.33
CA LEU B 200 15.99 3.31 26.24
C LEU B 200 15.95 2.60 24.89
N ASP B 201 15.57 1.31 24.80
CA ASP B 201 15.71 0.58 23.53
C ASP B 201 14.52 0.72 22.59
N GLY B 202 13.52 1.55 22.92
CA GLY B 202 12.35 1.75 22.10
C GLY B 202 11.09 1.06 22.59
N THR B 203 11.22 0.06 23.47
CA THR B 203 10.06 -0.69 23.90
C THR B 203 9.03 0.19 24.61
N LEU B 204 9.47 0.94 25.62
CA LEU B 204 8.56 1.80 26.35
C LEU B 204 8.19 3.06 25.59
N ASP B 205 9.04 3.51 24.64
CA ASP B 205 8.66 4.61 23.77
C ASP B 205 7.44 4.25 22.94
N GLN B 206 7.48 3.08 22.30
CA GLN B 206 6.36 2.62 21.48
C GLN B 206 5.09 2.49 22.30
N LEU B 207 5.18 1.84 23.47
CA LEU B 207 3.98 1.66 24.28
C LEU B 207 3.39 3.00 24.71
N GLN B 208 4.25 3.97 25.12
CA GLN B 208 3.70 5.28 25.45
C GLN B 208 3.06 5.92 24.22
N GLN B 209 3.70 5.79 23.06
CA GLN B 209 3.19 6.45 21.87
C GLN B 209 1.80 5.92 21.51
N LEU B 210 1.62 4.61 21.58
CA LEU B 210 0.35 3.99 21.24
C LEU B 210 -0.63 3.97 22.40
N ARG B 211 -0.22 4.47 23.58
CA ARG B 211 -1.08 4.52 24.78
C ARG B 211 -1.50 3.12 25.22
N ILE B 212 -0.57 2.18 25.14
CA ILE B 212 -0.74 0.81 25.60
C ILE B 212 0.11 0.63 26.86
N ARG B 213 -0.48 0.04 27.90
CA ARG B 213 0.25 0.00 29.17
C ARG B 213 0.98 -1.33 29.34
N PRO B 214 2.25 -1.32 29.74
CA PRO B 214 2.96 -2.59 29.97
C PRO B 214 2.69 -3.14 31.36
N MET B 215 2.33 -4.42 31.44
CA MET B 215 2.44 -5.14 32.70
C MET B 215 3.91 -5.45 32.92
N ALA B 216 4.39 -5.23 34.13
CA ALA B 216 5.83 -5.24 34.40
C ALA B 216 6.19 -6.40 35.30
N TRP B 217 7.07 -7.28 34.82
CA TRP B 217 7.38 -8.49 35.58
C TRP B 217 8.76 -8.41 36.22
N SER B 218 8.91 -9.21 37.28
CA SER B 218 10.08 -9.20 38.16
C SER B 218 10.52 -7.78 38.50
N CYS B 219 9.56 -6.98 38.98
CA CYS B 219 9.88 -5.62 39.41
C CYS B 219 10.87 -5.60 40.56
N LEU B 220 10.93 -6.67 41.35
CA LEU B 220 11.90 -6.83 42.41
C LEU B 220 13.04 -7.78 42.01
N GLY B 221 13.30 -7.91 40.72
CA GLY B 221 14.37 -8.79 40.24
C GLY B 221 14.14 -10.25 40.57
N GLY B 222 12.89 -10.65 40.83
CA GLY B 222 12.62 -12.01 41.27
C GLY B 222 13.29 -12.37 42.58
N GLY B 223 13.59 -11.37 43.42
CA GLY B 223 14.33 -11.55 44.64
C GLY B 223 15.77 -11.09 44.61
N ARG B 224 16.33 -10.82 43.42
CA ARG B 224 17.72 -10.38 43.30
C ARG B 224 17.97 -9.07 44.02
N LEU B 225 16.96 -8.20 44.11
CA LEU B 225 17.15 -6.91 44.77
C LEU B 225 17.62 -7.06 46.22
N PHE B 226 17.11 -8.08 46.91
CA PHE B 226 17.46 -8.26 48.31
C PHE B 226 18.75 -9.05 48.47
N ASN B 227 19.10 -9.89 47.50
CA ASN B 227 20.11 -10.91 47.71
C ASN B 227 21.41 -10.73 46.93
N GLU B 228 21.43 -9.89 45.90
CA GLU B 228 22.65 -9.71 45.12
C GLU B 228 23.51 -8.65 45.76
N GLU B 229 24.80 -8.97 45.94
CA GLU B 229 25.69 -8.08 46.67
C GLU B 229 25.90 -6.77 45.93
N CYS B 230 26.04 -6.82 44.59
CA CYS B 230 26.35 -5.64 43.79
C CYS B 230 25.20 -4.62 43.76
N PHE B 231 24.08 -4.91 44.43
CA PHE B 231 22.98 -3.95 44.54
C PHE B 231 22.88 -3.38 45.94
N GLN B 232 23.94 -3.48 46.73
CA GLN B 232 23.98 -2.82 48.04
C GLN B 232 23.80 -1.31 47.91
N ALA B 233 24.57 -0.70 47.01
CA ALA B 233 24.43 0.75 46.80
C ALA B 233 23.01 1.11 46.42
N LEU B 234 22.38 0.29 45.57
CA LEU B 234 20.99 0.53 45.22
C LEU B 234 20.09 0.40 46.44
N ARG B 235 20.36 -0.59 47.30
CA ARG B 235 19.51 -0.78 48.45
C ARG B 235 19.65 0.37 49.44
N ASP B 236 20.89 0.84 49.64
CA ASP B 236 21.11 2.01 50.50
C ASP B 236 20.34 3.21 49.98
N GLU B 237 20.40 3.47 48.67
CA GLU B 237 19.69 4.61 48.11
C GLU B 237 18.17 4.48 48.27
N LEU B 238 17.64 3.28 48.05
CA LEU B 238 16.20 3.06 48.22
C LEU B 238 15.78 3.31 49.66
N ALA B 239 16.62 2.90 50.61
CA ALA B 239 16.35 3.15 52.02
C ALA B 239 16.38 4.64 52.32
N GLN B 240 17.30 5.38 51.72
CA GLN B 240 17.35 6.82 51.96
C GLN B 240 16.11 7.48 51.38
N VAL B 241 15.70 7.07 50.18
CA VAL B 241 14.51 7.60 49.53
C VAL B 241 13.24 7.20 50.29
N ALA B 242 13.22 6.00 50.87
CA ALA B 242 12.07 5.59 51.69
C ALA B 242 11.91 6.51 52.91
N HIS B 243 13.02 6.88 53.55
CA HIS B 243 12.92 7.83 54.65
C HIS B 243 12.37 9.17 54.16
N GLU B 244 12.84 9.63 53.00
CA GLU B 244 12.37 10.89 52.46
C GLU B 244 10.91 10.84 52.04
N LEU B 245 10.43 9.69 51.56
CA LEU B 245 9.06 9.58 51.08
C LEU B 245 8.08 9.08 52.13
N ASN B 246 8.54 8.81 53.35
CA ASN B 246 7.70 8.19 54.39
C ASN B 246 7.18 6.82 53.91
N ALA B 247 8.07 6.03 53.32
CA ALA B 247 7.75 4.68 52.89
C ALA B 247 8.01 3.68 54.02
N ASP B 248 7.43 2.49 53.89
CA ASP B 248 7.62 1.42 54.86
C ASP B 248 8.76 0.49 54.52
N SER B 249 9.11 0.37 53.24
CA SER B 249 10.10 -0.59 52.79
C SER B 249 10.73 -0.08 51.50
N ILE B 250 11.86 -0.69 51.15
CA ILE B 250 12.52 -0.38 49.88
C ILE B 250 11.71 -0.90 48.69
N GLU B 251 10.96 -2.00 48.86
CA GLU B 251 10.15 -2.51 47.75
C GLU B 251 9.12 -1.48 47.31
N GLN B 252 8.50 -0.81 48.29
CA GLN B 252 7.54 0.25 47.98
C GLN B 252 8.19 1.33 47.13
N VAL B 253 9.45 1.65 47.43
CA VAL B 253 10.16 2.64 46.62
C VAL B 253 10.45 2.10 45.23
N VAL B 254 10.81 0.81 45.14
CA VAL B 254 11.01 0.22 43.81
C VAL B 254 9.74 0.30 42.99
N TYR B 255 8.61 -0.07 43.60
CA TYR B 255 7.33 -0.04 42.88
C TYR B 255 6.98 1.38 42.45
N ALA B 256 7.16 2.35 43.35
CA ALA B 256 6.90 3.74 43.00
C ALA B 256 7.80 4.17 41.86
N TRP B 257 9.05 3.68 41.85
CA TRP B 257 9.98 3.97 40.76
C TRP B 257 9.47 3.39 39.45
N VAL B 258 8.87 2.19 39.48
CA VAL B 258 8.31 1.65 38.24
C VAL B 258 7.05 2.42 37.87
N LEU B 259 6.18 2.71 38.85
CA LEU B 259 4.93 3.42 38.56
C LEU B 259 5.18 4.77 37.92
N ARG B 260 6.30 5.41 38.29
CA ARG B 260 6.58 6.76 37.84
CA ARG B 260 6.58 6.76 37.84
C ARG B 260 6.84 6.84 36.34
N LEU B 261 7.15 5.70 35.70
CA LEU B 261 7.49 5.72 34.27
C LEU B 261 6.31 6.22 33.44
N PRO B 262 6.55 7.02 32.40
CA PRO B 262 5.42 7.62 31.66
C PRO B 262 4.71 6.66 30.72
N SER B 263 5.21 5.44 30.54
CA SER B 263 4.36 4.44 29.90
C SER B 263 3.32 3.89 30.86
N GLN B 264 3.40 4.27 32.13
CA GLN B 264 2.48 3.86 33.19
C GLN B 264 2.45 2.34 33.31
N PRO B 265 3.55 1.70 33.71
CA PRO B 265 3.55 0.24 33.86
C PRO B 265 2.68 -0.22 35.01
N LEU B 266 2.24 -1.47 34.90
CA LEU B 266 1.50 -2.15 35.96
C LEU B 266 2.39 -3.17 36.64
N PRO B 267 2.90 -2.91 37.85
CA PRO B 267 3.75 -3.92 38.51
C PRO B 267 2.96 -5.16 38.86
N ILE B 268 3.55 -6.32 38.59
CA ILE B 268 2.99 -7.62 38.93
C ILE B 268 3.67 -8.11 40.20
N ILE B 269 2.88 -8.29 41.25
CA ILE B 269 3.38 -8.73 42.54
C ILE B 269 3.66 -10.23 42.49
N GLY B 270 4.81 -10.66 43.02
CA GLY B 270 5.14 -12.07 42.98
C GLY B 270 5.07 -12.81 44.31
N SER B 271 4.75 -12.12 45.40
CA SER B 271 4.81 -12.71 46.72
C SER B 271 3.54 -13.48 47.08
N GLY B 272 3.70 -14.61 47.74
CA GLY B 272 2.61 -15.38 48.28
C GLY B 272 2.21 -14.97 49.67
N LYS B 273 2.78 -13.88 50.17
CA LYS B 273 2.48 -13.33 51.48
C LYS B 273 1.51 -12.16 51.34
N ILE B 274 0.31 -12.32 51.90
CA ILE B 274 -0.72 -11.27 51.75
C ILE B 274 -0.27 -9.97 52.40
N GLU B 275 0.55 -10.05 53.45
CA GLU B 275 1.08 -8.82 54.05
CA GLU B 275 1.13 -8.86 54.07
C GLU B 275 2.01 -8.10 53.09
N ARG B 276 2.74 -8.84 52.25
CA ARG B 276 3.58 -8.17 51.27
C ARG B 276 2.76 -7.59 50.14
N VAL B 277 1.71 -8.29 49.74
CA VAL B 277 0.79 -7.73 48.76
C VAL B 277 0.20 -6.42 49.28
N ARG B 278 -0.31 -6.44 50.52
CA ARG B 278 -0.87 -5.22 51.13
C ARG B 278 0.15 -4.09 51.23
N SER B 279 1.38 -4.42 51.63
CA SER B 279 2.39 -3.37 51.75
C SER B 279 2.80 -2.84 50.38
N ALA B 280 2.79 -3.68 49.35
CA ALA B 280 3.25 -3.27 48.02
C ALA B 280 2.39 -2.16 47.42
N ILE B 281 1.07 -2.27 47.53
CA ILE B 281 0.22 -1.31 46.82
C ILE B 281 0.30 0.10 47.42
N VAL B 282 0.89 0.26 48.60
CA VAL B 282 1.12 1.58 49.17
C VAL B 282 1.96 2.46 48.24
N ALA B 283 2.72 1.86 47.32
CA ALA B 283 3.54 2.63 46.38
C ALA B 283 2.72 3.64 45.59
N GLU B 284 1.42 3.38 45.40
CA GLU B 284 0.55 4.32 44.71
C GLU B 284 0.49 5.66 45.42
N LYS B 285 0.53 5.65 46.76
CA LYS B 285 0.41 6.87 47.55
C LYS B 285 1.72 7.68 47.63
N LEU B 286 2.86 7.08 47.31
CA LEU B 286 4.13 7.80 47.44
C LEU B 286 4.30 8.78 46.28
N SER B 287 4.99 9.88 46.56
CA SER B 287 5.22 10.96 45.60
C SER B 287 6.71 11.12 45.38
N MET B 288 7.26 10.33 44.46
CA MET B 288 8.69 10.35 44.18
C MET B 288 9.03 11.54 43.29
N THR B 289 10.03 12.31 43.70
CA THR B 289 10.53 13.41 42.89
C THR B 289 11.42 12.89 41.76
N ARG B 290 11.66 13.75 40.77
CA ARG B 290 12.58 13.39 39.69
C ARG B 290 13.97 13.08 40.24
N GLN B 291 14.48 13.95 41.12
CA GLN B 291 15.82 13.75 41.63
C GLN B 291 15.94 12.41 42.35
N GLN B 292 14.93 12.07 43.17
CA GLN B 292 14.91 10.74 43.79
C GLN B 292 14.89 9.65 42.75
N TRP B 293 14.07 9.79 41.70
CA TRP B 293 14.04 8.77 40.66
C TRP B 293 15.40 8.57 40.03
N PHE B 294 16.07 9.68 39.66
CA PHE B 294 17.37 9.56 39.01
C PHE B 294 18.43 9.11 40.00
N ARG B 295 18.25 9.41 41.29
CA ARG B 295 19.17 8.89 42.30
C ARG B 295 19.10 7.37 42.36
N ILE B 296 17.90 6.82 42.28
CA ILE B 296 17.75 5.36 42.27
C ILE B 296 18.35 4.77 41.00
N ARG B 297 18.05 5.39 39.85
CA ARG B 297 18.61 4.94 38.58
C ARG B 297 20.12 4.85 38.64
N LYS B 298 20.76 5.92 39.13
CA LYS B 298 22.21 5.96 39.18
C LYS B 298 22.77 4.96 40.19
N ALA B 299 22.11 4.82 41.35
CA ALA B 299 22.56 3.83 42.32
C ALA B 299 22.53 2.43 41.73
N ALA B 300 21.56 2.14 40.87
CA ALA B 300 21.47 0.82 40.24
C ALA B 300 22.50 0.64 39.13
N LEU B 301 22.65 1.63 38.26
CA LEU B 301 23.53 1.49 37.10
C LEU B 301 24.98 1.83 37.38
N GLY B 302 25.26 2.74 38.31
CA GLY B 302 26.62 3.14 38.60
C GLY B 302 27.11 4.36 37.85
N TYR B 303 26.30 4.93 36.95
CA TYR B 303 26.74 6.08 36.18
C TYR B 303 25.57 7.04 35.94
N ASP B 304 25.92 8.29 35.63
CA ASP B 304 24.96 9.36 35.44
C ASP B 304 24.28 9.25 34.08
N VAL B 305 23.17 9.97 33.92
CA VAL B 305 22.51 10.11 32.61
C VAL B 305 23.42 10.97 31.74
N PRO B 306 23.41 10.79 30.39
CA PRO B 306 24.29 11.55 29.49
C PRO B 306 24.02 13.06 29.49
N MET C 9 -17.19 20.62 18.17
CA MET C 9 -17.33 21.24 16.86
C MET C 9 -17.30 20.19 15.74
N VAL C 10 -17.04 20.65 14.51
CA VAL C 10 -17.12 19.77 13.34
C VAL C 10 -16.12 18.61 13.44
N GLN C 11 -16.56 17.42 13.03
CA GLN C 11 -15.73 16.23 13.07
C GLN C 11 -14.45 16.43 12.28
N ARG C 12 -13.36 15.84 12.78
CA ARG C 12 -12.11 15.71 12.04
C ARG C 12 -12.09 14.37 11.30
N ILE C 13 -11.53 14.35 10.08
CA ILE C 13 -11.52 13.13 9.28
C ILE C 13 -10.19 12.98 8.56
N ALA C 14 -9.62 11.78 8.63
CA ALA C 14 -8.39 11.47 7.90
C ALA C 14 -8.75 11.23 6.45
N MET C 15 -8.15 12.00 5.55
CA MET C 15 -8.53 11.94 4.15
C MET C 15 -8.07 10.66 3.49
N ALA C 16 -6.99 10.08 3.98
CA ALA C 16 -6.40 8.86 3.45
C ALA C 16 -5.58 8.23 4.55
N PRO C 17 -5.26 6.94 4.45
CA PRO C 17 -4.35 6.35 5.43
C PRO C 17 -3.04 7.11 5.42
N GLN C 18 -2.61 7.54 6.61
CA GLN C 18 -1.45 8.40 6.79
C GLN C 18 -1.56 9.72 6.03
N GLY C 19 -2.79 10.11 5.68
CA GLY C 19 -3.03 11.35 4.96
C GLY C 19 -3.33 12.50 5.90
N PRO C 20 -3.73 13.63 5.34
CA PRO C 20 -4.02 14.79 6.17
C PRO C 20 -5.38 14.66 6.85
N GLU C 21 -5.50 15.31 7.98
CA GLU C 21 -6.76 15.39 8.68
C GLU C 21 -7.44 16.69 8.31
N PHE C 22 -8.64 16.60 7.80
CA PHE C 22 -9.47 17.74 7.43
C PHE C 22 -10.65 17.85 8.40
N SER C 23 -11.37 18.96 8.33
CA SER C 23 -12.68 19.05 8.95
C SER C 23 -13.71 18.43 8.03
N ARG C 24 -14.70 17.76 8.62
CA ARG C 24 -15.67 17.02 7.80
C ARG C 24 -16.45 17.94 6.88
N PHE C 25 -16.70 19.18 7.29
CA PHE C 25 -17.27 20.18 6.39
C PHE C 25 -16.16 21.13 5.94
N VAL C 26 -16.20 21.49 4.66
CA VAL C 26 -15.20 22.33 4.02
C VAL C 26 -15.88 23.63 3.61
N MET C 27 -15.13 24.73 3.66
CA MET C 27 -15.63 26.00 3.16
C MET C 27 -15.09 26.20 1.75
N GLY C 28 -15.97 26.29 0.77
CA GLY C 28 -15.59 26.46 -0.62
C GLY C 28 -15.70 27.91 -1.04
N TYR C 29 -14.68 28.38 -1.75
CA TYR C 29 -14.59 29.80 -2.09
C TYR C 29 -14.78 30.05 -3.56
N TRP C 30 -15.48 29.14 -4.27
CA TRP C 30 -15.77 29.32 -5.68
C TRP C 30 -16.45 30.65 -5.96
N ARG C 31 -17.40 31.03 -5.10
CA ARG C 31 -18.26 32.20 -5.35
C ARG C 31 -17.81 33.44 -4.58
N LEU C 32 -16.55 33.48 -4.13
CA LEU C 32 -16.08 34.55 -3.24
C LEU C 32 -16.29 35.94 -3.84
N MET C 33 -15.94 36.13 -5.13
CA MET C 33 -16.10 37.44 -5.75
C MET C 33 -17.56 37.89 -5.76
N ASP C 34 -18.50 36.95 -5.80
CA ASP C 34 -19.92 37.26 -5.79
C ASP C 34 -20.37 37.85 -4.46
N TRP C 35 -19.68 37.56 -3.37
CA TRP C 35 -20.10 38.03 -2.05
C TRP C 35 -19.82 39.51 -1.83
N LYS C 36 -18.93 40.11 -2.64
CA LYS C 36 -18.63 41.55 -2.54
C LYS C 36 -18.23 41.94 -1.12
N MET C 37 -17.34 41.14 -0.52
CA MET C 37 -16.81 41.43 0.79
C MET C 37 -15.55 42.27 0.67
N SER C 38 -15.42 43.25 1.56
CA SER C 38 -14.14 43.88 1.76
C SER C 38 -13.19 42.87 2.40
N PRO C 39 -11.89 43.15 2.36
CA PRO C 39 -10.96 42.24 3.05
C PRO C 39 -11.25 42.08 4.54
N GLY C 40 -11.72 43.14 5.21
CA GLY C 40 -12.06 43.00 6.63
C GLY C 40 -13.26 42.10 6.88
N GLU C 41 -14.29 42.22 6.03
CA GLU C 41 -15.45 41.33 6.13
C GLU C 41 -15.06 39.87 5.85
N LEU C 42 -14.14 39.66 4.91
CA LEU C 42 -13.66 38.31 4.64
C LEU C 42 -12.89 37.75 5.83
N VAL C 43 -12.02 38.58 6.44
CA VAL C 43 -11.37 38.18 7.68
C VAL C 43 -12.39 37.69 8.70
N SER C 44 -13.48 38.45 8.84
CA SER C 44 -14.48 38.10 9.84
C SER C 44 -15.22 36.83 9.44
N PHE C 45 -15.53 36.68 8.16
CA PHE C 45 -16.14 35.45 7.68
C PHE C 45 -15.24 34.25 7.98
N ILE C 46 -13.96 34.38 7.66
CA ILE C 46 -13.01 33.27 7.83
C ILE C 46 -12.89 32.89 9.31
N GLU C 47 -12.80 33.90 10.18
CA GLU C 47 -12.65 33.65 11.61
C GLU C 47 -13.89 32.98 12.19
N GLN C 48 -15.06 33.37 11.71
CA GLN C 48 -16.28 32.78 12.26
C GLN C 48 -16.41 31.31 11.87
N HIS C 49 -16.07 30.95 10.63
CA HIS C 49 -16.23 29.54 10.27
C HIS C 49 -15.08 28.71 10.83
N LEU C 50 -13.89 29.31 10.98
CA LEU C 50 -12.82 28.62 11.71
C LEU C 50 -13.27 28.30 13.13
N ASP C 51 -13.92 29.26 13.79
CA ASP C 51 -14.36 29.06 15.16
C ASP C 51 -15.38 27.94 15.26
N LEU C 52 -16.16 27.70 14.20
CA LEU C 52 -17.13 26.60 14.18
C LEU C 52 -16.47 25.24 13.96
N GLY C 53 -15.20 25.19 13.61
CA GLY C 53 -14.57 23.94 13.26
C GLY C 53 -14.46 23.69 11.79
N VAL C 54 -14.94 24.61 10.95
CA VAL C 54 -14.71 24.50 9.52
C VAL C 54 -13.32 25.06 9.23
N THR C 55 -12.32 24.18 9.27
CA THR C 55 -10.92 24.55 9.12
C THR C 55 -10.41 24.37 7.70
N THR C 56 -10.98 23.43 6.94
CA THR C 56 -10.54 23.15 5.58
C THR C 56 -11.24 24.07 4.60
N VAL C 57 -10.46 24.70 3.72
CA VAL C 57 -10.96 25.65 2.73
C VAL C 57 -10.56 25.20 1.33
N ASP C 58 -11.45 25.47 0.35
CA ASP C 58 -11.28 24.95 -1.00
C ASP C 58 -11.22 26.07 -2.03
N HIS C 59 -10.14 26.10 -2.80
CA HIS C 59 -9.87 27.12 -3.82
C HIS C 59 -9.51 26.44 -5.13
N ALA C 60 -9.35 27.26 -6.17
CA ALA C 60 -8.75 26.84 -7.43
C ALA C 60 -8.15 28.06 -8.08
N ASP C 61 -7.13 27.84 -8.92
CA ASP C 61 -6.48 28.96 -9.58
C ASP C 61 -7.47 29.77 -10.43
N ILE C 62 -8.44 29.09 -11.04
CA ILE C 62 -9.34 29.74 -11.99
C ILE C 62 -10.52 30.46 -11.35
N TYR C 63 -10.84 30.19 -10.08
CA TYR C 63 -12.08 30.68 -9.50
C TYR C 63 -12.13 32.21 -9.52
N GLY C 64 -13.29 32.74 -9.88
CA GLY C 64 -13.50 34.18 -9.92
C GLY C 64 -12.69 34.90 -10.96
N ASP C 65 -12.54 34.31 -12.15
CA ASP C 65 -11.64 34.80 -13.20
C ASP C 65 -10.23 35.03 -12.64
N TYR C 66 -9.71 33.99 -11.98
CA TYR C 66 -8.37 34.04 -11.38
C TYR C 66 -8.26 35.16 -10.34
N GLN C 67 -9.27 35.32 -9.49
CA GLN C 67 -9.27 36.36 -8.46
C GLN C 67 -9.56 35.88 -7.05
N CYS C 68 -10.21 34.73 -6.87
CA CYS C 68 -10.60 34.34 -5.52
C CYS C 68 -9.38 34.05 -4.65
N GLU C 69 -8.37 33.37 -5.19
CA GLU C 69 -7.17 33.08 -4.41
C GLU C 69 -6.56 34.37 -3.85
N ALA C 70 -6.40 35.39 -4.71
CA ALA C 70 -5.79 36.64 -4.28
C ALA C 70 -6.67 37.37 -3.28
N ALA C 71 -7.99 37.36 -3.48
CA ALA C 71 -8.89 37.99 -2.52
C ALA C 71 -8.78 37.30 -1.16
N PHE C 72 -8.71 35.97 -1.15
CA PHE C 72 -8.46 35.26 0.09
C PHE C 72 -7.12 35.66 0.69
N GLY C 73 -6.12 35.91 -0.17
CA GLY C 73 -4.81 36.29 0.31
C GLY C 73 -4.79 37.64 1.00
N GLU C 74 -5.62 38.59 0.54
CA GLU C 74 -5.73 39.86 1.25
C GLU C 74 -6.22 39.64 2.66
N ALA C 75 -7.11 38.67 2.86
CA ALA C 75 -7.51 38.33 4.23
C ALA C 75 -6.34 37.76 5.01
N LEU C 76 -5.58 36.85 4.40
CA LEU C 76 -4.46 36.24 5.13
C LEU C 76 -3.35 37.24 5.40
N LYS C 77 -3.19 38.28 4.56
CA LYS C 77 -2.20 39.30 4.90
C LYS C 77 -2.64 40.10 6.13
N ARG C 78 -3.94 40.34 6.27
CA ARG C 78 -4.44 41.07 7.43
C ARG C 78 -4.29 40.28 8.73
N ALA C 79 -4.46 38.97 8.67
CA ALA C 79 -4.49 38.12 9.85
C ALA C 79 -3.67 36.88 9.59
N PRO C 80 -2.35 36.99 9.56
CA PRO C 80 -1.53 35.84 9.16
C PRO C 80 -1.63 34.67 10.11
N HIS C 81 -1.90 34.93 11.39
CA HIS C 81 -2.06 33.85 12.37
C HIS C 81 -3.18 32.89 12.01
N LEU C 82 -4.06 33.25 11.08
CA LEU C 82 -5.15 32.35 10.71
C LEU C 82 -4.68 31.17 9.88
N ARG C 83 -3.52 31.28 9.21
CA ARG C 83 -3.07 30.18 8.35
C ARG C 83 -2.88 28.89 9.12
N SER C 84 -2.33 28.97 10.32
CA SER C 84 -2.02 27.76 11.08
C SER C 84 -3.27 27.05 11.58
N ARG C 85 -4.44 27.71 11.50
CA ARG C 85 -5.68 27.11 11.97
C ARG C 85 -6.45 26.41 10.85
N MET C 86 -6.01 26.54 9.60
CA MET C 86 -6.76 26.06 8.47
C MET C 86 -5.91 25.13 7.63
N GLU C 87 -6.59 24.31 6.83
CA GLU C 87 -5.98 23.52 5.76
C GLU C 87 -6.45 24.10 4.44
N ILE C 88 -5.50 24.49 3.58
CA ILE C 88 -5.83 25.10 2.29
C ILE C 88 -5.72 24.06 1.19
N VAL C 89 -6.80 23.91 0.42
CA VAL C 89 -6.85 23.11 -0.79
C VAL C 89 -6.93 24.06 -1.99
N SER C 90 -6.07 23.86 -2.98
CA SER C 90 -6.27 24.54 -4.25
C SER C 90 -6.10 23.56 -5.40
N LYS C 91 -6.26 24.06 -6.62
CA LYS C 91 -6.29 23.22 -7.80
C LYS C 91 -5.62 23.95 -8.96
N CYS C 92 -5.18 23.15 -9.91
CA CYS C 92 -4.78 23.62 -11.23
C CYS C 92 -5.16 22.58 -12.27
N GLY C 93 -4.96 22.95 -13.53
CA GLY C 93 -5.21 22.08 -14.66
C GLY C 93 -6.19 22.63 -15.65
N ILE C 94 -7.03 23.59 -15.27
CA ILE C 94 -8.01 24.21 -16.17
C ILE C 94 -7.46 25.53 -16.68
N ALA C 95 -7.72 25.81 -17.97
CA ALA C 95 -7.42 27.12 -18.54
C ALA C 95 -8.70 27.70 -19.12
N THR C 96 -9.16 28.83 -18.57
CA THR C 96 -10.39 29.46 -19.02
C THR C 96 -10.10 30.67 -19.92
N ARG C 97 -11.15 31.14 -20.58
CA ARG C 97 -11.07 32.31 -21.44
C ARG C 97 -11.06 33.61 -20.65
N ALA C 98 -11.08 33.56 -19.31
CA ALA C 98 -10.84 34.77 -18.54
C ALA C 98 -9.46 35.34 -18.82
N ARG C 99 -8.50 34.50 -19.23
CA ARG C 99 -7.20 34.98 -19.66
C ARG C 99 -7.21 35.23 -21.17
N ALA C 100 -6.60 36.35 -21.58
CA ALA C 100 -6.65 36.74 -22.98
C ALA C 100 -5.97 35.70 -23.88
N GLU C 101 -4.89 35.10 -23.40
CA GLU C 101 -4.14 34.14 -24.22
C GLU C 101 -4.92 32.85 -24.46
N ASN C 102 -6.03 32.64 -23.78
CA ASN C 102 -6.82 31.42 -23.93
C ASN C 102 -8.02 31.70 -24.83
N THR C 103 -7.93 31.28 -26.09
CA THR C 103 -9.03 31.42 -27.03
C THR C 103 -10.10 30.36 -26.81
N ILE C 104 -9.76 29.25 -26.16
CA ILE C 104 -10.69 28.17 -25.89
C ILE C 104 -10.49 27.74 -24.44
N GLY C 105 -11.58 27.38 -23.77
CA GLY C 105 -11.49 26.71 -22.48
C GLY C 105 -10.86 25.33 -22.69
N HIS C 106 -9.82 25.00 -21.93
CA HIS C 106 -9.11 23.74 -22.17
C HIS C 106 -8.37 23.34 -20.90
N TYR C 107 -7.47 22.37 -21.03
CA TYR C 107 -6.72 21.82 -19.91
C TYR C 107 -5.22 21.94 -20.18
N ILE C 108 -4.46 22.19 -19.12
CA ILE C 108 -2.99 22.19 -19.17
C ILE C 108 -2.51 21.40 -17.97
N THR C 109 -1.94 20.21 -18.20
CA THR C 109 -1.40 19.42 -17.12
C THR C 109 0.07 19.11 -17.35
N ASP C 110 0.78 19.96 -18.08
CA ASP C 110 2.21 19.75 -18.21
C ASP C 110 2.92 20.10 -16.90
N ARG C 111 4.16 19.60 -16.77
CA ARG C 111 4.90 19.72 -15.51
C ARG C 111 5.06 21.17 -15.07
N ASP C 112 5.66 22.01 -15.92
CA ASP C 112 5.95 23.38 -15.53
C ASP C 112 4.68 24.15 -15.19
N HIS C 113 3.59 23.88 -15.91
CA HIS C 113 2.36 24.62 -15.62
C HIS C 113 1.84 24.28 -14.23
N ILE C 114 1.93 23.01 -13.85
CA ILE C 114 1.48 22.60 -12.53
C ILE C 114 2.34 23.24 -11.45
N VAL C 115 3.66 23.21 -11.62
CA VAL C 115 4.55 23.83 -10.64
C VAL C 115 4.28 25.33 -10.53
N LEU C 116 4.27 26.03 -11.67
CA LEU C 116 4.13 27.49 -11.65
C LEU C 116 2.75 27.91 -11.15
N SER C 117 1.72 27.11 -11.45
CA SER C 117 0.37 27.38 -10.94
C SER C 117 0.35 27.27 -9.43
N ALA C 118 0.97 26.22 -8.88
CA ALA C 118 1.00 26.06 -7.45
C ALA C 118 1.78 27.20 -6.80
N GLU C 119 2.91 27.58 -7.40
CA GLU C 119 3.71 28.69 -6.89
C GLU C 119 2.91 29.98 -6.93
N GLN C 120 2.14 30.21 -7.99
CA GLN C 120 1.29 31.40 -8.05
C GLN C 120 0.21 31.36 -6.97
N SER C 121 -0.36 30.19 -6.70
CA SER C 121 -1.37 30.09 -5.64
C SER C 121 -0.81 30.56 -4.30
N LEU C 122 0.43 30.19 -3.99
CA LEU C 122 1.05 30.61 -2.73
C LEU C 122 1.19 32.12 -2.67
N ARG C 123 1.63 32.75 -3.77
CA ARG C 123 1.71 34.20 -3.81
C ARG C 123 0.31 34.82 -3.69
N ASN C 124 -0.69 34.24 -4.37
CA ASN C 124 -2.03 34.80 -4.29
C ASN C 124 -2.60 34.69 -2.87
N LEU C 125 -2.42 33.52 -2.25
CA LEU C 125 -3.00 33.25 -0.95
C LEU C 125 -2.17 33.85 0.19
N ALA C 126 -1.01 34.42 -0.08
CA ALA C 126 -0.10 34.96 0.94
C ALA C 126 0.25 33.89 1.99
N THR C 127 0.68 32.73 1.51
CA THR C 127 1.11 31.65 2.39
C THR C 127 2.30 30.95 1.73
N ASP C 128 3.08 30.22 2.54
CA ASP C 128 4.26 29.53 2.00
C ASP C 128 3.99 28.08 1.58
N HIS C 129 2.79 27.55 1.81
CA HIS C 129 2.52 26.16 1.39
C HIS C 129 1.02 25.93 1.24
N LEU C 130 0.68 24.96 0.38
CA LEU C 130 -0.65 24.39 0.32
C LEU C 130 -0.69 23.09 1.11
N ASP C 131 -1.85 22.84 1.73
CA ASP C 131 -2.04 21.54 2.36
C ASP C 131 -2.31 20.48 1.30
N LEU C 132 -3.06 20.84 0.26
CA LEU C 132 -3.48 19.89 -0.77
C LEU C 132 -3.61 20.59 -2.11
N LEU C 133 -3.04 19.99 -3.14
CA LEU C 133 -3.18 20.48 -4.51
C LEU C 133 -3.82 19.38 -5.33
N LEU C 134 -4.89 19.74 -6.06
CA LEU C 134 -5.65 18.81 -6.90
C LEU C 134 -5.41 19.08 -8.38
N ILE C 135 -5.37 18.02 -9.18
CA ILE C 135 -5.65 18.21 -10.61
C ILE C 135 -7.15 18.41 -10.75
N HIS C 136 -7.55 19.52 -11.37
CA HIS C 136 -8.92 20.00 -11.31
C HIS C 136 -9.87 19.15 -12.18
N ARG C 137 -9.40 18.73 -13.35
CA ARG C 137 -10.22 17.92 -14.24
C ARG C 137 -9.36 16.86 -14.88
N PRO C 138 -9.91 15.68 -15.16
CA PRO C 138 -9.15 14.72 -15.95
C PRO C 138 -8.93 15.27 -17.34
N ASP C 139 -7.70 15.15 -17.82
CA ASP C 139 -7.29 15.80 -19.06
C ASP C 139 -6.90 14.71 -20.04
N PRO C 140 -7.54 14.63 -21.21
CA PRO C 140 -7.18 13.59 -22.18
C PRO C 140 -5.72 13.66 -22.65
N LEU C 141 -5.06 14.80 -22.48
CA LEU C 141 -3.64 14.94 -22.76
C LEU C 141 -2.76 14.80 -21.53
N MET C 142 -3.31 14.36 -20.41
CA MET C 142 -2.53 14.22 -19.17
C MET C 142 -1.49 13.12 -19.31
N ASP C 143 -0.22 13.49 -19.16
CA ASP C 143 0.86 12.51 -19.08
C ASP C 143 1.18 12.33 -17.61
N ALA C 144 0.85 11.16 -17.06
CA ALA C 144 0.95 10.96 -15.62
C ALA C 144 2.39 11.07 -15.11
N ASP C 145 3.37 10.72 -15.94
CA ASP C 145 4.77 10.89 -15.55
C ASP C 145 5.13 12.36 -15.34
N GLU C 146 4.59 13.24 -16.20
CA GLU C 146 4.84 14.67 -16.07
CA GLU C 146 4.87 14.66 -16.06
C GLU C 146 4.17 15.24 -14.83
N VAL C 147 2.95 14.78 -14.55
CA VAL C 147 2.28 15.23 -13.33
C VAL C 147 3.07 14.79 -12.11
N ALA C 148 3.56 13.54 -12.11
CA ALA C 148 4.30 13.04 -10.96
C ALA C 148 5.57 13.85 -10.73
N GLU C 149 6.27 14.21 -11.81
CA GLU C 149 7.47 15.05 -11.70
C GLU C 149 7.16 16.39 -11.05
N ALA C 150 6.07 17.02 -11.46
CA ALA C 150 5.65 18.28 -10.87
C ALA C 150 5.30 18.10 -9.39
N PHE C 151 4.55 17.04 -9.07
CA PHE C 151 4.18 16.79 -7.67
C PHE C 151 5.42 16.57 -6.81
N LEU C 152 6.39 15.79 -7.30
CA LEU C 152 7.60 15.54 -6.52
C LEU C 152 8.37 16.84 -6.25
N ALA C 153 8.41 17.76 -7.22
CA ALA C 153 9.13 19.01 -7.02
C ALA C 153 8.43 19.87 -5.98
N LEU C 154 7.11 19.94 -6.03
CA LEU C 154 6.36 20.73 -5.07
C LEU C 154 6.47 20.15 -3.67
N HIS C 155 6.39 18.81 -3.55
CA HIS C 155 6.49 18.17 -2.25
C HIS C 155 7.90 18.27 -1.68
N HIS C 156 8.92 18.03 -2.51
CA HIS C 156 10.28 18.02 -2.02
C HIS C 156 10.74 19.42 -1.56
N SER C 157 10.20 20.48 -2.16
CA SER C 157 10.53 21.84 -1.74
C SER C 157 9.64 22.34 -0.59
N GLY C 158 8.71 21.52 -0.10
CA GLY C 158 7.86 21.92 1.01
C GLY C 158 6.71 22.84 0.65
N LYS C 159 6.45 23.05 -0.65
CA LYS C 159 5.40 23.98 -1.07
C LYS C 159 4.01 23.36 -1.05
N VAL C 160 3.90 22.03 -1.18
CA VAL C 160 2.61 21.34 -1.12
C VAL C 160 2.77 20.11 -0.24
N ARG C 161 1.83 19.91 0.69
CA ARG C 161 1.92 18.78 1.62
C ARG C 161 1.33 17.49 1.05
N HIS C 162 0.18 17.56 0.37
CA HIS C 162 -0.49 16.38 -0.14
C HIS C 162 -1.07 16.70 -1.50
N PHE C 163 -1.42 15.64 -2.24
CA PHE C 163 -1.86 15.75 -3.63
C PHE C 163 -3.08 14.87 -3.82
N GLY C 164 -3.97 15.30 -4.72
CA GLY C 164 -5.17 14.59 -5.06
C GLY C 164 -5.65 15.02 -6.43
N VAL C 165 -6.87 14.59 -6.76
CA VAL C 165 -7.46 14.82 -8.07
C VAL C 165 -8.90 15.28 -7.87
N SER C 166 -9.54 15.71 -8.95
CA SER C 166 -10.94 16.09 -8.90
C SER C 166 -11.61 15.63 -10.17
N ASN C 167 -12.79 15.02 -10.05
CA ASN C 167 -13.60 14.61 -11.20
C ASN C 167 -12.95 13.48 -12.02
N PHE C 168 -12.10 12.68 -11.39
CA PHE C 168 -11.46 11.58 -12.09
C PHE C 168 -12.35 10.34 -12.09
N THR C 169 -12.33 9.60 -13.19
CA THR C 169 -12.84 8.24 -13.16
C THR C 169 -11.84 7.36 -12.43
N PRO C 170 -12.27 6.17 -11.96
CA PRO C 170 -11.30 5.26 -11.32
C PRO C 170 -10.11 4.91 -12.21
N ALA C 171 -10.31 4.75 -13.52
CA ALA C 171 -9.18 4.45 -14.41
C ALA C 171 -8.21 5.63 -14.46
N GLN C 172 -8.72 6.85 -14.52
CA GLN C 172 -7.81 8.00 -14.47
C GLN C 172 -7.09 8.08 -13.12
N PHE C 173 -7.82 7.83 -12.01
CA PHE C 173 -7.24 7.86 -10.66
C PHE C 173 -6.09 6.88 -10.53
N THR C 174 -6.31 5.65 -11.00
CA THR C 174 -5.32 4.59 -10.91
C THR C 174 -4.10 4.90 -11.77
N LEU C 175 -4.32 5.47 -12.95
CA LEU C 175 -3.19 5.86 -13.80
C LEU C 175 -2.27 6.82 -13.07
N LEU C 176 -2.82 7.89 -12.48
CA LEU C 176 -1.95 8.84 -11.81
C LEU C 176 -1.35 8.25 -10.54
N GLN C 177 -2.16 7.55 -9.74
CA GLN C 177 -1.66 6.98 -8.50
C GLN C 177 -0.49 6.06 -8.73
N SER C 178 -0.46 5.38 -9.89
CA SER C 178 0.59 4.43 -10.21
C SER C 178 1.94 5.08 -10.35
N ARG C 179 1.99 6.39 -10.59
CA ARG C 179 3.27 7.06 -10.75
C ARG C 179 3.77 7.68 -9.43
N LEU C 180 2.96 7.68 -8.36
CA LEU C 180 3.25 8.51 -7.18
C LEU C 180 3.73 7.68 -5.99
N PRO C 181 4.74 8.16 -5.27
CA PRO C 181 5.21 7.45 -4.06
C PRO C 181 4.36 7.69 -2.83
N PHE C 182 3.35 8.56 -2.90
CA PHE C 182 2.45 8.86 -1.81
C PHE C 182 1.02 8.71 -2.30
N THR C 183 0.13 8.48 -1.35
CA THR C 183 -1.26 8.20 -1.69
C THR C 183 -2.00 9.49 -2.05
N LEU C 184 -2.76 9.44 -3.14
CA LEU C 184 -3.67 10.53 -3.46
C LEU C 184 -4.67 10.70 -2.34
N ALA C 185 -4.86 11.95 -1.88
CA ALA C 185 -5.61 12.18 -0.64
C ALA C 185 -7.10 12.38 -0.86
N THR C 186 -7.54 12.65 -2.09
CA THR C 186 -8.96 12.73 -2.35
C THR C 186 -9.18 12.65 -3.85
N ASN C 187 -10.44 12.40 -4.20
CA ASN C 187 -10.97 12.66 -5.53
C ASN C 187 -12.19 13.53 -5.25
N GLN C 188 -12.04 14.84 -5.46
CA GLN C 188 -13.12 15.76 -5.17
C GLN C 188 -14.13 15.70 -6.31
N VAL C 189 -15.36 15.27 -6.00
CA VAL C 189 -16.35 14.96 -7.01
C VAL C 189 -17.73 15.49 -6.60
N GLU C 190 -18.63 15.54 -7.58
CA GLU C 190 -19.98 16.03 -7.34
C GLU C 190 -20.87 14.92 -6.78
N ILE C 191 -21.43 15.16 -5.57
CA ILE C 191 -22.29 14.21 -4.86
C ILE C 191 -23.48 14.97 -4.26
N SER C 192 -24.69 14.58 -4.63
CA SER C 192 -25.90 15.23 -4.13
CA SER C 192 -25.89 15.26 -4.18
C SER C 192 -27.10 14.38 -4.50
N PRO C 193 -28.23 14.59 -3.82
CA PRO C 193 -29.46 13.93 -4.28
C PRO C 193 -29.80 14.32 -5.70
N VAL C 194 -29.41 15.52 -6.16
CA VAL C 194 -29.70 15.91 -7.53
C VAL C 194 -28.65 15.44 -8.51
N HIS C 195 -27.54 14.87 -8.04
CA HIS C 195 -26.54 14.33 -8.96
C HIS C 195 -25.92 13.10 -8.32
N GLN C 196 -26.45 11.91 -8.67
CA GLN C 196 -26.04 10.67 -8.02
C GLN C 196 -25.26 9.64 -8.83
N PRO C 197 -24.84 9.87 -10.08
CA PRO C 197 -24.28 8.74 -10.86
C PRO C 197 -23.03 8.14 -10.24
N LEU C 198 -22.30 8.88 -9.41
CA LEU C 198 -21.06 8.36 -8.84
C LEU C 198 -21.31 7.32 -7.76
N LEU C 199 -22.53 7.23 -7.23
CA LEU C 199 -22.83 6.20 -6.25
C LEU C 199 -22.73 4.81 -6.87
N LEU C 200 -23.02 4.68 -8.17
CA LEU C 200 -23.07 3.36 -8.83
C LEU C 200 -22.01 3.12 -9.91
N ASP C 201 -21.32 4.16 -10.41
CA ASP C 201 -20.47 3.96 -11.59
C ASP C 201 -19.05 3.53 -11.25
N GLY C 202 -18.76 3.25 -9.98
CA GLY C 202 -17.43 2.82 -9.56
C GLY C 202 -16.60 3.87 -8.84
N THR C 203 -16.95 5.16 -8.98
CA THR C 203 -16.13 6.22 -8.36
C THR C 203 -16.06 6.06 -6.85
N LEU C 204 -17.22 6.04 -6.19
CA LEU C 204 -17.25 5.95 -4.74
C LEU C 204 -16.91 4.56 -4.23
N ASP C 205 -17.10 3.53 -5.06
CA ASP C 205 -16.65 2.18 -4.70
C ASP C 205 -15.15 2.19 -4.52
N GLN C 206 -14.43 2.74 -5.51
CA GLN C 206 -12.97 2.79 -5.43
C GLN C 206 -12.52 3.55 -4.20
N LEU C 207 -13.14 4.70 -3.92
CA LEU C 207 -12.72 5.51 -2.78
C LEU C 207 -12.93 4.78 -1.45
N GLN C 208 -14.10 4.16 -1.26
CA GLN C 208 -14.27 3.37 -0.04
C GLN C 208 -13.25 2.24 0.02
N GLN C 209 -12.98 1.62 -1.12
CA GLN C 209 -12.08 0.47 -1.11
C GLN C 209 -10.70 0.88 -0.63
N LEU C 210 -10.19 2.01 -1.14
CA LEU C 210 -8.87 2.52 -0.78
C LEU C 210 -8.87 3.35 0.50
N ARG C 211 -10.04 3.61 1.10
CA ARG C 211 -10.16 4.41 2.32
C ARG C 211 -9.71 5.84 2.09
N ILE C 212 -10.03 6.38 0.90
CA ILE C 212 -9.76 7.77 0.54
C ILE C 212 -11.11 8.48 0.51
N ARG C 213 -11.16 9.68 1.16
CA ARG C 213 -12.46 10.33 1.31
C ARG C 213 -12.66 11.39 0.23
N PRO C 214 -13.82 11.40 -0.44
CA PRO C 214 -14.09 12.45 -1.44
C PRO C 214 -14.58 13.73 -0.76
N MET C 215 -14.00 14.86 -1.16
CA MET C 215 -14.66 16.15 -0.93
C MET C 215 -15.78 16.26 -1.94
N ALA C 216 -16.95 16.71 -1.50
CA ALA C 216 -18.16 16.60 -2.30
C ALA C 216 -18.61 18.00 -2.69
N TRP C 217 -18.69 18.27 -4.00
CA TRP C 217 -19.02 19.60 -4.46
C TRP C 217 -20.44 19.69 -5.01
N SER C 218 -20.94 20.94 -4.99
CA SER C 218 -22.33 21.26 -5.31
C SER C 218 -23.31 20.30 -4.65
N CYS C 219 -23.17 20.14 -3.33
CA CYS C 219 -24.07 19.27 -2.58
C CYS C 219 -25.52 19.75 -2.66
N LEU C 220 -25.73 21.05 -2.85
CA LEU C 220 -27.07 21.59 -3.07
C LEU C 220 -27.34 21.88 -4.54
N GLY C 221 -26.61 21.26 -5.45
CA GLY C 221 -26.80 21.50 -6.86
C GLY C 221 -26.46 22.91 -7.31
N GLY C 222 -25.62 23.62 -6.57
CA GLY C 222 -25.36 25.01 -6.90
C GLY C 222 -26.59 25.88 -6.84
N GLY C 223 -27.59 25.49 -6.04
CA GLY C 223 -28.86 26.17 -5.95
C GLY C 223 -30.01 25.48 -6.66
N ARG C 224 -29.70 24.51 -7.54
CA ARG C 224 -30.74 23.80 -8.28
C ARG C 224 -31.74 23.13 -7.35
N LEU C 225 -31.30 22.73 -6.17
CA LEU C 225 -32.19 22.08 -5.21
C LEU C 225 -33.40 22.94 -4.88
N PHE C 226 -33.19 24.26 -4.74
CA PHE C 226 -34.26 25.13 -4.29
C PHE C 226 -35.19 25.62 -5.39
N ASN C 227 -34.68 25.85 -6.61
CA ASN C 227 -35.43 26.58 -7.62
CA ASN C 227 -35.44 26.57 -7.62
C ASN C 227 -35.79 25.76 -8.86
N GLU C 228 -35.20 24.60 -9.08
CA GLU C 228 -35.52 23.81 -10.26
C GLU C 228 -36.84 23.08 -10.05
N GLU C 229 -37.74 23.18 -11.04
CA GLU C 229 -39.08 22.61 -10.88
C GLU C 229 -39.03 21.10 -10.72
N CYS C 230 -38.15 20.43 -11.47
CA CYS C 230 -38.09 18.97 -11.47
C CYS C 230 -37.65 18.39 -10.14
N PHE C 231 -37.30 19.24 -9.16
CA PHE C 231 -36.94 18.77 -7.84
C PHE C 231 -37.99 19.10 -6.79
N GLN C 232 -39.22 19.39 -7.24
CA GLN C 232 -40.31 19.62 -6.31
C GLN C 232 -40.54 18.42 -5.41
N ALA C 233 -40.63 17.22 -6.00
CA ALA C 233 -40.82 16.00 -5.22
C ALA C 233 -39.69 15.80 -4.21
N LEU C 234 -38.45 16.09 -4.61
CA LEU C 234 -37.31 15.99 -3.70
C LEU C 234 -37.44 16.96 -2.54
N ARG C 235 -37.88 18.20 -2.82
CA ARG C 235 -38.04 19.19 -1.76
C ARG C 235 -39.12 18.77 -0.78
N ASP C 236 -40.23 18.22 -1.29
CA ASP C 236 -41.31 17.70 -0.44
C ASP C 236 -40.80 16.62 0.50
N GLU C 237 -40.03 15.66 -0.01
CA GLU C 237 -39.54 14.59 0.84
C GLU C 237 -38.55 15.10 1.87
N LEU C 238 -37.64 15.99 1.46
CA LEU C 238 -36.69 16.59 2.41
C LEU C 238 -37.41 17.32 3.52
N ALA C 239 -38.53 17.98 3.20
CA ALA C 239 -39.31 18.62 4.26
C ALA C 239 -39.88 17.59 5.22
N GLN C 240 -40.39 16.48 4.70
CA GLN C 240 -40.99 15.46 5.54
C GLN C 240 -39.95 14.80 6.44
N VAL C 241 -38.80 14.44 5.89
CA VAL C 241 -37.74 13.84 6.69
C VAL C 241 -37.16 14.83 7.70
N ALA C 242 -37.09 16.11 7.32
CA ALA C 242 -36.63 17.11 8.29
C ALA C 242 -37.54 17.16 9.50
N HIS C 243 -38.85 17.07 9.29
CA HIS C 243 -39.78 17.06 10.42
C HIS C 243 -39.58 15.81 11.29
N GLU C 244 -39.38 14.65 10.65
CA GLU C 244 -39.16 13.42 11.41
C GLU C 244 -37.86 13.48 12.21
N LEU C 245 -36.85 14.16 11.67
CA LEU C 245 -35.54 14.27 12.28
C LEU C 245 -35.40 15.51 13.16
N ASN C 246 -36.42 16.37 13.21
CA ASN C 246 -36.33 17.69 13.87
C ASN C 246 -35.16 18.50 13.32
N ALA C 247 -35.02 18.51 12.00
CA ALA C 247 -33.99 19.32 11.37
C ALA C 247 -34.50 20.75 11.16
N ASP C 248 -33.57 21.67 10.89
CA ASP C 248 -33.91 23.07 10.71
C ASP C 248 -34.23 23.44 9.26
N SER C 249 -33.71 22.69 8.28
CA SER C 249 -33.90 23.05 6.88
C SER C 249 -33.74 21.81 6.02
N ILE C 250 -34.17 21.92 4.76
CA ILE C 250 -33.96 20.78 3.86
C ILE C 250 -32.48 20.63 3.52
N GLU C 251 -31.70 21.72 3.60
CA GLU C 251 -30.26 21.62 3.35
C GLU C 251 -29.59 20.70 4.35
N GLN C 252 -29.93 20.86 5.64
CA GLN C 252 -29.37 19.99 6.67
C GLN C 252 -29.65 18.53 6.36
N VAL C 253 -30.82 18.24 5.80
CA VAL C 253 -31.15 16.86 5.46
C VAL C 253 -30.32 16.40 4.28
N VAL C 254 -30.12 17.28 3.29
CA VAL C 254 -29.26 16.95 2.16
C VAL C 254 -27.86 16.62 2.65
N TYR C 255 -27.33 17.46 3.55
CA TYR C 255 -26.00 17.21 4.08
C TYR C 255 -25.93 15.89 4.83
N ALA C 256 -26.93 15.60 5.67
CA ALA C 256 -26.95 14.31 6.36
C ALA C 256 -27.02 13.16 5.36
N TRP C 257 -27.74 13.36 4.26
CA TRP C 257 -27.84 12.34 3.22
C TRP C 257 -26.50 12.07 2.56
N VAL C 258 -25.69 13.14 2.36
CA VAL C 258 -24.36 12.97 1.78
C VAL C 258 -23.41 12.32 2.79
N LEU C 259 -23.42 12.82 4.03
CA LEU C 259 -22.55 12.27 5.07
C LEU C 259 -22.84 10.79 5.31
N ARG C 260 -24.06 10.36 5.03
CA ARG C 260 -24.45 8.97 5.25
CA ARG C 260 -24.45 8.97 5.26
C ARG C 260 -23.67 8.00 4.37
N LEU C 261 -23.21 8.46 3.20
CA LEU C 261 -22.60 7.54 2.25
C LEU C 261 -21.37 6.88 2.89
N PRO C 262 -21.15 5.59 2.64
CA PRO C 262 -20.07 4.88 3.32
C PRO C 262 -18.68 5.22 2.77
N SER C 263 -18.58 5.99 1.68
CA SER C 263 -17.29 6.58 1.34
C SER C 263 -16.93 7.74 2.24
N GLN C 264 -17.87 8.17 3.10
CA GLN C 264 -17.73 9.26 4.05
C GLN C 264 -17.32 10.57 3.38
N PRO C 265 -18.13 11.11 2.48
CA PRO C 265 -17.77 12.35 1.81
C PRO C 265 -17.72 13.52 2.78
N LEU C 266 -16.94 14.55 2.38
CA LEU C 266 -16.85 15.83 3.10
C LEU C 266 -17.64 16.86 2.32
N PRO C 267 -18.83 17.24 2.74
CA PRO C 267 -19.58 18.27 1.99
C PRO C 267 -18.86 19.61 2.06
N ILE C 268 -18.75 20.27 0.92
CA ILE C 268 -18.15 21.60 0.82
C ILE C 268 -19.29 22.62 0.79
N ILE C 269 -19.24 23.59 1.70
CA ILE C 269 -20.30 24.59 1.82
C ILE C 269 -20.01 25.68 0.81
N GLY C 270 -21.02 26.10 0.06
CA GLY C 270 -20.78 27.12 -0.95
C GLY C 270 -21.35 28.49 -0.64
N SER C 271 -22.03 28.63 0.49
CA SER C 271 -22.73 29.87 0.81
C SER C 271 -21.78 30.91 1.41
N GLY C 272 -21.99 32.17 1.03
CA GLY C 272 -21.30 33.30 1.61
C GLY C 272 -21.97 33.90 2.82
N LYS C 273 -23.05 33.26 3.28
CA LYS C 273 -23.80 33.67 4.47
C LYS C 273 -23.38 32.79 5.63
N ILE C 274 -22.79 33.42 6.65
CA ILE C 274 -22.25 32.69 7.80
C ILE C 274 -23.36 31.95 8.55
N GLU C 275 -24.58 32.48 8.55
CA GLU C 275 -25.68 31.81 9.23
CA GLU C 275 -25.66 31.79 9.24
C GLU C 275 -26.03 30.51 8.52
N ARG C 276 -25.91 30.49 7.18
CA ARG C 276 -26.11 29.24 6.45
C ARG C 276 -24.94 28.29 6.67
N VAL C 277 -23.73 28.83 6.80
CA VAL C 277 -22.58 28.01 7.18
C VAL C 277 -22.85 27.36 8.53
N ARG C 278 -23.25 28.19 9.50
CA ARG C 278 -23.56 27.71 10.84
C ARG C 278 -24.65 26.65 10.83
N SER C 279 -25.70 26.85 10.02
CA SER C 279 -26.80 25.90 9.95
C SER C 279 -26.39 24.58 9.29
N ALA C 280 -25.50 24.65 8.27
CA ALA C 280 -25.14 23.46 7.51
C ALA C 280 -24.51 22.38 8.39
N ILE C 281 -23.61 22.79 9.30
CA ILE C 281 -22.86 21.83 10.09
C ILE C 281 -23.69 21.16 11.16
N VAL C 282 -24.89 21.68 11.44
CA VAL C 282 -25.80 21.02 12.38
C VAL C 282 -26.19 19.64 11.87
N ALA C 283 -26.07 19.41 10.56
CA ALA C 283 -26.41 18.13 9.95
C ALA C 283 -25.63 16.95 10.53
N GLU C 284 -24.42 17.17 11.05
CA GLU C 284 -23.71 16.04 11.64
C GLU C 284 -24.49 15.43 12.81
N LYS C 285 -25.33 16.20 13.48
CA LYS C 285 -26.11 15.67 14.60
C LYS C 285 -27.30 14.83 14.15
N LEU C 286 -27.72 14.93 12.90
CA LEU C 286 -28.92 14.21 12.51
C LEU C 286 -28.63 12.71 12.37
N SER C 287 -29.64 11.90 12.65
CA SER C 287 -29.53 10.44 12.63
C SER C 287 -30.53 9.91 11.60
N MET C 288 -30.10 9.86 10.34
CA MET C 288 -30.98 9.45 9.25
C MET C 288 -31.06 7.93 9.18
N THR C 289 -32.28 7.40 9.09
CA THR C 289 -32.47 5.97 8.90
C THR C 289 -32.23 5.57 7.44
N ARG C 290 -32.05 4.26 7.21
CA ARG C 290 -31.90 3.78 5.84
C ARG C 290 -33.13 4.12 5.00
N GLN C 291 -34.33 3.86 5.53
CA GLN C 291 -35.54 4.13 4.76
C GLN C 291 -35.67 5.60 4.44
N GLN C 292 -35.34 6.49 5.39
CA GLN C 292 -35.32 7.91 5.08
C GLN C 292 -34.33 8.21 3.96
N TRP C 293 -33.14 7.59 4.01
CA TRP C 293 -32.15 7.80 2.95
C TRP C 293 -32.72 7.36 1.60
N PHE C 294 -33.36 6.18 1.56
CA PHE C 294 -33.91 5.67 0.31
C PHE C 294 -35.16 6.42 -0.14
N ARG C 295 -35.94 6.98 0.80
CA ARG C 295 -37.07 7.82 0.40
C ARG C 295 -36.58 9.07 -0.33
N ILE C 296 -35.50 9.67 0.19
CA ILE C 296 -34.92 10.85 -0.43
C ILE C 296 -34.34 10.51 -1.81
N ARG C 297 -33.60 9.41 -1.89
CA ARG C 297 -33.07 8.97 -3.18
C ARG C 297 -34.18 8.85 -4.22
N LYS C 298 -35.29 8.21 -3.85
CA LYS C 298 -36.35 7.97 -4.82
C LYS C 298 -37.05 9.27 -5.18
N ALA C 299 -37.22 10.17 -4.19
CA ALA C 299 -37.84 11.46 -4.46
C ALA C 299 -37.04 12.25 -5.50
N ALA C 300 -35.72 12.09 -5.49
CA ALA C 300 -34.87 12.79 -6.44
C ALA C 300 -34.92 12.14 -7.83
N LEU C 301 -34.78 10.82 -7.88
CA LEU C 301 -34.69 10.08 -9.12
C LEU C 301 -36.05 9.67 -9.70
N GLY C 302 -37.04 9.42 -8.83
CA GLY C 302 -38.38 9.06 -9.27
C GLY C 302 -38.69 7.58 -9.39
N TYR C 303 -37.71 6.70 -9.22
CA TYR C 303 -37.91 5.26 -9.37
C TYR C 303 -37.16 4.57 -8.25
N ASP C 304 -37.59 3.34 -7.96
CA ASP C 304 -37.08 2.54 -6.85
C ASP C 304 -35.74 1.91 -7.21
N VAL C 305 -35.05 1.41 -6.19
CA VAL C 305 -33.82 0.64 -6.39
C VAL C 305 -34.23 -0.67 -7.06
N PRO C 306 -33.34 -1.31 -7.84
CA PRO C 306 -33.68 -2.57 -8.53
C PRO C 306 -33.99 -3.71 -7.55
N MET D 9 -24.93 -38.46 -13.83
CA MET D 9 -25.80 -37.37 -13.41
C MET D 9 -25.24 -36.01 -13.81
N VAL D 10 -25.80 -34.94 -13.24
CA VAL D 10 -25.42 -33.58 -13.61
C VAL D 10 -23.96 -33.31 -13.24
N GLN D 11 -23.25 -32.62 -14.14
CA GLN D 11 -21.85 -32.26 -13.95
C GLN D 11 -21.64 -31.51 -12.65
N ARG D 12 -20.52 -31.80 -11.98
CA ARG D 12 -20.07 -31.04 -10.81
C ARG D 12 -19.11 -29.94 -11.24
N ILE D 13 -19.20 -28.78 -10.58
CA ILE D 13 -18.35 -27.65 -10.93
C ILE D 13 -17.92 -26.90 -9.65
N ALA D 14 -16.63 -26.60 -9.56
CA ALA D 14 -16.07 -25.83 -8.45
C ALA D 14 -16.36 -24.35 -8.65
N MET D 15 -17.02 -23.73 -7.67
CA MET D 15 -17.49 -22.35 -7.79
C MET D 15 -16.36 -21.33 -7.76
N ALA D 16 -15.27 -21.66 -7.08
CA ALA D 16 -14.08 -20.81 -6.97
C ALA D 16 -12.92 -21.72 -6.58
N PRO D 17 -11.68 -21.28 -6.77
CA PRO D 17 -10.55 -22.09 -6.29
C PRO D 17 -10.70 -22.36 -4.80
N GLN D 18 -10.66 -23.65 -4.45
CA GLN D 18 -10.92 -24.10 -3.08
C GLN D 18 -12.29 -23.67 -2.57
N GLY D 19 -13.22 -23.35 -3.48
CA GLY D 19 -14.55 -23.00 -3.09
C GLY D 19 -15.43 -24.23 -3.02
N PRO D 20 -16.73 -24.05 -2.86
CA PRO D 20 -17.62 -25.21 -2.79
C PRO D 20 -17.86 -25.82 -4.16
N GLU D 21 -18.18 -27.10 -4.16
CA GLU D 21 -18.54 -27.83 -5.37
C GLU D 21 -20.06 -27.84 -5.49
N PHE D 22 -20.58 -27.28 -6.59
CA PHE D 22 -22.00 -27.24 -6.87
C PHE D 22 -22.34 -28.16 -8.06
N SER D 23 -23.64 -28.41 -8.22
CA SER D 23 -24.11 -29.03 -9.47
C SER D 23 -24.25 -27.96 -10.54
N ARG D 24 -23.94 -28.33 -11.79
CA ARG D 24 -23.94 -27.32 -12.85
C ARG D 24 -25.32 -26.71 -13.02
N PHE D 25 -26.38 -27.48 -12.79
CA PHE D 25 -27.74 -26.94 -12.76
C PHE D 25 -28.21 -26.78 -11.32
N VAL D 26 -28.84 -25.64 -11.06
CA VAL D 26 -29.32 -25.26 -9.75
C VAL D 26 -30.84 -25.24 -9.81
N MET D 27 -31.49 -25.65 -8.72
CA MET D 27 -32.93 -25.56 -8.60
C MET D 27 -33.25 -24.29 -7.81
N GLY D 28 -33.95 -23.35 -8.45
CA GLY D 28 -34.31 -22.09 -7.81
C GLY D 28 -35.74 -22.15 -7.29
N TYR D 29 -35.92 -21.68 -6.06
CA TYR D 29 -37.19 -21.80 -5.37
C TYR D 29 -37.92 -20.47 -5.19
N TRP D 30 -37.62 -19.52 -6.09
CA TRP D 30 -38.29 -18.21 -6.11
C TRP D 30 -39.80 -18.36 -6.18
N ARG D 31 -40.26 -19.30 -7.01
CA ARG D 31 -41.67 -19.44 -7.33
C ARG D 31 -42.33 -20.58 -6.55
N LEU D 32 -41.72 -21.01 -5.44
CA LEU D 32 -42.21 -22.15 -4.67
C LEU D 32 -43.66 -21.97 -4.23
N MET D 33 -43.98 -20.81 -3.65
CA MET D 33 -45.33 -20.60 -3.15
C MET D 33 -46.37 -20.73 -4.25
N ASP D 34 -46.00 -20.37 -5.48
CA ASP D 34 -46.91 -20.46 -6.61
C ASP D 34 -47.22 -21.91 -6.98
N TRP D 35 -46.33 -22.84 -6.63
CA TRP D 35 -46.56 -24.23 -7.01
C TRP D 35 -47.66 -24.88 -6.20
N LYS D 36 -48.00 -24.32 -5.03
CA LYS D 36 -49.06 -24.85 -4.17
C LYS D 36 -48.84 -26.34 -3.85
N MET D 37 -47.61 -26.69 -3.46
CA MET D 37 -47.30 -28.06 -3.12
C MET D 37 -47.50 -28.31 -1.63
N SER D 38 -48.08 -29.45 -1.32
CA SER D 38 -48.05 -29.95 0.03
C SER D 38 -46.60 -30.30 0.39
N PRO D 39 -46.28 -30.42 1.68
CA PRO D 39 -44.91 -30.79 2.05
C PRO D 39 -44.48 -32.11 1.44
N GLY D 40 -45.40 -33.07 1.35
CA GLY D 40 -45.06 -34.36 0.78
C GLY D 40 -44.73 -34.25 -0.70
N GLU D 41 -45.48 -33.42 -1.43
CA GLU D 41 -45.19 -33.19 -2.84
C GLU D 41 -43.83 -32.53 -3.05
N LEU D 42 -43.48 -31.58 -2.18
CA LEU D 42 -42.18 -30.93 -2.28
C LEU D 42 -41.06 -31.92 -1.99
N VAL D 43 -41.22 -32.74 -0.95
CA VAL D 43 -40.27 -33.82 -0.66
C VAL D 43 -40.08 -34.69 -1.88
N SER D 44 -41.18 -35.06 -2.52
CA SER D 44 -41.09 -35.85 -3.74
C SER D 44 -40.37 -35.05 -4.83
N PHE D 45 -40.70 -33.76 -4.96
CA PHE D 45 -40.05 -32.94 -5.98
C PHE D 45 -38.56 -32.80 -5.71
N ILE D 46 -38.17 -32.59 -4.45
CA ILE D 46 -36.76 -32.49 -4.10
C ILE D 46 -36.04 -33.79 -4.39
N GLU D 47 -36.53 -34.90 -3.80
CA GLU D 47 -35.90 -36.19 -4.04
CA GLU D 47 -35.94 -36.21 -4.04
C GLU D 47 -35.69 -36.44 -5.52
N GLN D 48 -36.65 -36.04 -6.37
CA GLN D 48 -36.55 -36.32 -7.79
C GLN D 48 -35.46 -35.50 -8.44
N HIS D 49 -35.31 -34.21 -8.09
CA HIS D 49 -34.25 -33.45 -8.75
C HIS D 49 -32.89 -33.82 -8.16
N LEU D 50 -32.84 -34.21 -6.89
CA LEU D 50 -31.59 -34.75 -6.34
C LEU D 50 -31.14 -35.99 -7.11
N ASP D 51 -32.08 -36.87 -7.43
CA ASP D 51 -31.75 -38.10 -8.16
C ASP D 51 -31.21 -37.80 -9.55
N LEU D 52 -31.59 -36.67 -10.14
CA LEU D 52 -31.03 -36.27 -11.43
C LEU D 52 -29.63 -35.69 -11.30
N GLY D 53 -29.17 -35.38 -10.09
CA GLY D 53 -27.90 -34.71 -9.91
C GLY D 53 -28.02 -33.22 -9.68
N VAL D 54 -29.24 -32.67 -9.64
CA VAL D 54 -29.45 -31.27 -9.29
C VAL D 54 -29.46 -31.17 -7.77
N THR D 55 -28.28 -30.94 -7.20
CA THR D 55 -28.10 -30.91 -5.75
C THR D 55 -28.12 -29.51 -5.16
N THR D 56 -27.73 -28.49 -5.94
CA THR D 56 -27.66 -27.12 -5.43
C THR D 56 -29.02 -26.46 -5.55
N VAL D 57 -29.47 -25.82 -4.46
CA VAL D 57 -30.79 -25.21 -4.42
C VAL D 57 -30.63 -23.75 -4.04
N ASP D 58 -31.51 -22.90 -4.61
CA ASP D 58 -31.35 -21.46 -4.52
C ASP D 58 -32.55 -20.82 -3.83
N HIS D 59 -32.30 -20.08 -2.76
CA HIS D 59 -33.31 -19.41 -1.96
C HIS D 59 -32.88 -17.97 -1.72
N ALA D 60 -33.78 -17.20 -1.10
CA ALA D 60 -33.50 -15.89 -0.57
C ALA D 60 -34.51 -15.66 0.53
N ASP D 61 -34.16 -14.81 1.50
CA ASP D 61 -35.07 -14.55 2.60
C ASP D 61 -36.39 -13.97 2.11
N ILE D 62 -36.37 -13.15 1.06
CA ILE D 62 -37.56 -12.43 0.63
C ILE D 62 -38.51 -13.25 -0.23
N TYR D 63 -38.06 -14.35 -0.83
CA TYR D 63 -38.86 -15.04 -1.83
C TYR D 63 -40.22 -15.49 -1.29
N GLY D 64 -41.26 -15.26 -2.08
CA GLY D 64 -42.61 -15.61 -1.73
C GLY D 64 -43.17 -14.80 -0.57
N ASP D 65 -42.84 -13.51 -0.49
CA ASP D 65 -43.15 -12.67 0.67
C ASP D 65 -42.66 -13.33 1.96
N TYR D 66 -41.37 -13.68 1.95
CA TYR D 66 -40.68 -14.26 3.12
C TYR D 66 -41.31 -15.59 3.54
N GLN D 67 -41.65 -16.43 2.57
CA GLN D 67 -42.28 -17.71 2.90
C GLN D 67 -41.62 -18.91 2.25
N CYS D 68 -40.85 -18.75 1.18
CA CYS D 68 -40.33 -19.92 0.48
C CYS D 68 -39.35 -20.71 1.36
N GLU D 69 -38.46 -20.02 2.08
CA GLU D 69 -37.52 -20.71 2.94
C GLU D 69 -38.25 -21.61 3.92
N ALA D 70 -39.30 -21.08 4.56
CA ALA D 70 -40.03 -21.85 5.56
C ALA D 70 -40.75 -23.05 4.94
N ALA D 71 -41.30 -22.88 3.73
CA ALA D 71 -41.93 -23.99 3.04
C ALA D 71 -40.93 -25.08 2.68
N PHE D 72 -39.74 -24.68 2.20
CA PHE D 72 -38.68 -25.65 1.96
C PHE D 72 -38.28 -26.35 3.25
N GLY D 73 -38.28 -25.63 4.38
CA GLY D 73 -37.92 -26.23 5.65
C GLY D 73 -38.89 -27.31 6.11
N GLU D 74 -40.18 -27.17 5.81
CA GLU D 74 -41.13 -28.23 6.13
C GLU D 74 -40.78 -29.53 5.41
N ALA D 75 -40.29 -29.41 4.17
CA ALA D 75 -39.80 -30.59 3.46
C ALA D 75 -38.59 -31.20 4.15
N LEU D 76 -37.64 -30.35 4.59
CA LEU D 76 -36.45 -30.86 5.25
C LEU D 76 -36.78 -31.42 6.64
N LYS D 77 -37.83 -30.93 7.30
CA LYS D 77 -38.22 -31.55 8.57
C LYS D 77 -38.85 -32.92 8.35
N ARG D 78 -39.59 -33.11 7.26
CA ARG D 78 -40.14 -34.42 6.94
C ARG D 78 -39.04 -35.42 6.64
N ALA D 79 -37.99 -34.98 5.97
CA ALA D 79 -36.95 -35.85 5.43
C ALA D 79 -35.58 -35.25 5.72
N PRO D 80 -35.14 -35.30 6.97
CA PRO D 80 -33.89 -34.60 7.34
C PRO D 80 -32.65 -35.16 6.67
N HIS D 81 -32.65 -36.43 6.30
CA HIS D 81 -31.53 -37.04 5.61
C HIS D 81 -31.23 -36.38 4.27
N LEU D 82 -32.17 -35.62 3.72
CA LEU D 82 -31.94 -35.00 2.43
C LEU D 82 -30.97 -33.83 2.50
N ARG D 83 -30.76 -33.24 3.69
CA ARG D 83 -29.89 -32.06 3.79
C ARG D 83 -28.48 -32.36 3.27
N SER D 84 -27.92 -33.53 3.61
CA SER D 84 -26.55 -33.84 3.23
C SER D 84 -26.39 -34.10 1.74
N ARG D 85 -27.49 -34.22 0.99
CA ARG D 85 -27.40 -34.48 -0.44
C ARG D 85 -27.46 -33.22 -1.27
N MET D 86 -27.66 -32.06 -0.64
CA MET D 86 -27.88 -30.82 -1.35
C MET D 86 -26.93 -29.77 -0.80
N GLU D 87 -26.74 -28.73 -1.60
CA GLU D 87 -26.09 -27.49 -1.21
C GLU D 87 -27.15 -26.41 -1.16
N ILE D 88 -27.28 -25.71 -0.03
CA ILE D 88 -28.30 -24.68 0.12
C ILE D 88 -27.68 -23.29 -0.05
N VAL D 89 -28.21 -22.52 -1.00
CA VAL D 89 -27.87 -21.11 -1.20
C VAL D 89 -29.05 -20.26 -0.75
N SER D 90 -28.80 -19.27 0.11
CA SER D 90 -29.78 -18.22 0.37
C SER D 90 -29.11 -16.85 0.30
N LYS D 91 -29.92 -15.80 0.49
CA LYS D 91 -29.48 -14.43 0.29
C LYS D 91 -30.16 -13.51 1.31
N CYS D 92 -29.53 -12.37 1.56
CA CYS D 92 -30.17 -11.29 2.30
C CYS D 92 -29.69 -9.94 1.78
N GLY D 93 -30.32 -8.88 2.27
CA GLY D 93 -29.97 -7.52 1.91
C GLY D 93 -31.13 -6.70 1.35
N ILE D 94 -32.24 -7.34 0.94
CA ILE D 94 -33.40 -6.63 0.40
C ILE D 94 -34.44 -6.45 1.50
N ALA D 95 -35.09 -5.30 1.51
CA ALA D 95 -36.20 -5.01 2.39
C ALA D 95 -37.40 -4.64 1.52
N THR D 96 -38.42 -5.50 1.51
CA THR D 96 -39.60 -5.27 0.69
C THR D 96 -40.75 -4.67 1.51
N ARG D 97 -41.76 -4.18 0.78
CA ARG D 97 -42.97 -3.65 1.37
C ARG D 97 -43.94 -4.74 1.79
N ALA D 98 -43.59 -6.02 1.59
CA ALA D 98 -44.40 -7.09 2.16
C ALA D 98 -44.43 -6.98 3.67
N ARG D 99 -43.38 -6.41 4.26
CA ARG D 99 -43.35 -6.15 5.70
C ARG D 99 -43.88 -4.75 5.99
N ALA D 100 -44.70 -4.67 7.06
CA ALA D 100 -45.37 -3.41 7.40
C ALA D 100 -44.40 -2.31 7.74
N GLU D 101 -43.27 -2.65 8.38
CA GLU D 101 -42.29 -1.66 8.77
C GLU D 101 -41.57 -1.03 7.60
N ASN D 102 -41.67 -1.59 6.39
CA ASN D 102 -40.98 -1.06 5.23
C ASN D 102 -41.99 -0.31 4.35
N THR D 103 -41.97 1.02 4.43
CA THR D 103 -42.80 1.87 3.58
C THR D 103 -42.22 2.01 2.18
N ILE D 104 -40.97 1.60 1.99
CA ILE D 104 -40.32 1.67 0.68
C ILE D 104 -39.46 0.43 0.53
N GLY D 105 -39.32 -0.03 -0.71
CA GLY D 105 -38.39 -1.10 -0.98
C GLY D 105 -36.98 -0.56 -0.97
N HIS D 106 -36.10 -1.22 -0.22
CA HIS D 106 -34.75 -0.71 -0.10
C HIS D 106 -33.83 -1.87 0.24
N TYR D 107 -32.65 -1.54 0.74
CA TYR D 107 -31.62 -2.51 1.07
C TYR D 107 -31.17 -2.30 2.50
N ILE D 108 -30.78 -3.40 3.14
CA ILE D 108 -30.16 -3.34 4.47
C ILE D 108 -28.97 -4.28 4.42
N THR D 109 -27.78 -3.72 4.43
CA THR D 109 -26.54 -4.49 4.38
C THR D 109 -25.68 -4.22 5.62
N ASP D 110 -26.32 -3.86 6.74
CA ASP D 110 -25.63 -3.66 8.00
C ASP D 110 -25.31 -5.01 8.63
N ARG D 111 -24.33 -4.98 9.55
CA ARG D 111 -23.81 -6.21 10.13
CA ARG D 111 -23.82 -6.21 10.14
C ARG D 111 -24.92 -7.02 10.80
N ASP D 112 -25.64 -6.42 11.75
CA ASP D 112 -26.62 -7.19 12.52
C ASP D 112 -27.72 -7.76 11.62
N HIS D 113 -28.12 -7.00 10.60
CA HIS D 113 -29.16 -7.49 9.71
C HIS D 113 -28.69 -8.71 8.93
N ILE D 114 -27.44 -8.71 8.46
CA ILE D 114 -26.91 -9.86 7.73
C ILE D 114 -26.84 -11.08 8.64
N VAL D 115 -26.30 -10.92 9.85
CA VAL D 115 -26.21 -12.02 10.80
C VAL D 115 -27.61 -12.53 11.18
N LEU D 116 -28.52 -11.63 11.54
CA LEU D 116 -29.84 -12.08 11.95
C LEU D 116 -30.61 -12.69 10.79
N SER D 117 -30.40 -12.20 9.56
CA SER D 117 -31.07 -12.78 8.41
C SER D 117 -30.64 -14.22 8.19
N ALA D 118 -29.33 -14.48 8.22
CA ALA D 118 -28.83 -15.84 8.02
C ALA D 118 -29.33 -16.77 9.14
N GLU D 119 -29.37 -16.28 10.38
CA GLU D 119 -29.87 -17.10 11.49
C GLU D 119 -31.36 -17.41 11.31
N GLN D 120 -32.13 -16.45 10.80
CA GLN D 120 -33.51 -16.75 10.48
C GLN D 120 -33.60 -17.76 9.33
N SER D 121 -32.73 -17.64 8.32
CA SER D 121 -32.75 -18.61 7.23
C SER D 121 -32.53 -20.02 7.77
N LEU D 122 -31.62 -20.18 8.73
CA LEU D 122 -31.37 -21.51 9.28
C LEU D 122 -32.62 -22.06 9.97
N ARG D 123 -33.27 -21.24 10.79
CA ARG D 123 -34.50 -21.67 11.42
C ARG D 123 -35.59 -21.95 10.38
N ASN D 124 -35.69 -21.11 9.35
CA ASN D 124 -36.70 -21.35 8.32
C ASN D 124 -36.42 -22.66 7.59
N LEU D 125 -35.17 -22.89 7.22
CA LEU D 125 -34.80 -24.04 6.39
C LEU D 125 -34.66 -25.33 7.18
N ALA D 126 -34.83 -25.28 8.49
CA ALA D 126 -34.69 -26.45 9.35
C ALA D 126 -33.33 -27.12 9.14
N THR D 127 -32.28 -26.29 9.10
CA THR D 127 -30.93 -26.77 8.93
C THR D 127 -30.00 -25.98 9.84
N ASP D 128 -28.83 -26.55 10.12
CA ASP D 128 -27.83 -25.92 10.98
C ASP D 128 -26.76 -25.13 10.21
N HIS D 129 -26.79 -25.13 8.88
CA HIS D 129 -25.81 -24.35 8.12
C HIS D 129 -26.34 -24.08 6.73
N LEU D 130 -25.90 -22.95 6.17
CA LEU D 130 -25.99 -22.64 4.75
C LEU D 130 -24.69 -23.00 4.07
N ASP D 131 -24.79 -23.48 2.83
CA ASP D 131 -23.57 -23.67 2.06
C ASP D 131 -23.04 -22.33 1.58
N LEU D 132 -23.92 -21.41 1.17
CA LEU D 132 -23.51 -20.15 0.56
C LEU D 132 -24.52 -19.07 0.92
N LEU D 133 -24.03 -17.89 1.32
CA LEU D 133 -24.88 -16.73 1.62
C LEU D 133 -24.50 -15.59 0.69
N LEU D 134 -25.48 -15.02 0.01
CA LEU D 134 -25.23 -13.97 -0.96
C LEU D 134 -25.76 -12.63 -0.44
N ILE D 135 -25.02 -11.55 -0.73
CA ILE D 135 -25.65 -10.24 -0.68
C ILE D 135 -26.50 -10.12 -1.93
N HIS D 136 -27.80 -9.85 -1.75
CA HIS D 136 -28.78 -10.06 -2.82
C HIS D 136 -28.66 -9.00 -3.92
N ARG D 137 -28.38 -7.75 -3.55
CA ARG D 137 -28.24 -6.65 -4.51
C ARG D 137 -27.15 -5.71 -4.04
N PRO D 138 -26.42 -5.07 -4.97
CA PRO D 138 -25.51 -4.01 -4.55
C PRO D 138 -26.26 -2.83 -3.95
N ASP D 139 -25.74 -2.30 -2.86
CA ASP D 139 -26.42 -1.30 -2.06
C ASP D 139 -25.55 -0.04 -1.99
N PRO D 140 -26.03 1.12 -2.43
CA PRO D 140 -25.20 2.32 -2.38
C PRO D 140 -24.76 2.71 -0.99
N LEU D 141 -25.43 2.19 0.04
CA LEU D 141 -25.04 2.37 1.44
C LEU D 141 -24.24 1.20 1.99
N MET D 142 -23.77 0.29 1.12
CA MET D 142 -23.03 -0.86 1.61
C MET D 142 -21.68 -0.44 2.14
N ASP D 143 -21.45 -0.72 3.41
CA ASP D 143 -20.17 -0.55 4.06
C ASP D 143 -19.50 -1.91 4.05
N ALA D 144 -18.47 -2.07 3.21
CA ALA D 144 -17.86 -3.39 3.03
C ALA D 144 -17.25 -3.92 4.32
N ASP D 145 -16.78 -3.02 5.22
CA ASP D 145 -16.29 -3.46 6.53
C ASP D 145 -17.39 -4.12 7.35
N GLU D 146 -18.60 -3.56 7.33
CA GLU D 146 -19.66 -4.14 8.13
CA GLU D 146 -19.71 -4.11 8.10
C GLU D 146 -20.14 -5.46 7.55
N VAL D 147 -20.21 -5.56 6.22
CA VAL D 147 -20.56 -6.83 5.59
C VAL D 147 -19.51 -7.87 5.92
N ALA D 148 -18.23 -7.48 5.90
CA ALA D 148 -17.15 -8.41 6.21
C ALA D 148 -17.25 -8.91 7.65
N GLU D 149 -17.59 -8.03 8.60
CA GLU D 149 -17.76 -8.40 9.99
C GLU D 149 -18.84 -9.48 10.15
N ALA D 150 -19.98 -9.28 9.49
CA ALA D 150 -21.06 -10.26 9.53
C ALA D 150 -20.63 -11.59 8.90
N PHE D 151 -20.00 -11.55 7.73
CA PHE D 151 -19.55 -12.78 7.10
C PHE D 151 -18.55 -13.55 7.98
N LEU D 152 -17.62 -12.83 8.61
CA LEU D 152 -16.64 -13.49 9.47
CA LEU D 152 -16.65 -13.49 9.48
C LEU D 152 -17.30 -14.07 10.72
N ALA D 153 -18.26 -13.34 11.31
CA ALA D 153 -18.99 -13.91 12.45
C ALA D 153 -19.75 -15.18 12.04
N LEU D 154 -20.42 -15.13 10.88
CA LEU D 154 -21.14 -16.30 10.40
C LEU D 154 -20.20 -17.46 10.06
N HIS D 155 -19.05 -17.14 9.48
CA HIS D 155 -18.09 -18.20 9.13
C HIS D 155 -17.52 -18.86 10.38
N HIS D 156 -17.15 -18.07 11.38
CA HIS D 156 -16.53 -18.64 12.59
C HIS D 156 -17.49 -19.50 13.39
N SER D 157 -18.79 -19.20 13.37
CA SER D 157 -19.77 -20.00 14.10
C SER D 157 -20.24 -21.22 13.31
N GLY D 158 -19.74 -21.42 12.09
CA GLY D 158 -20.10 -22.56 11.28
C GLY D 158 -21.46 -22.47 10.62
N LYS D 159 -22.12 -21.32 10.70
CA LYS D 159 -23.49 -21.21 10.21
C LYS D 159 -23.55 -21.01 8.70
N VAL D 160 -22.49 -20.47 8.11
CA VAL D 160 -22.38 -20.23 6.67
C VAL D 160 -21.01 -20.70 6.21
N ARG D 161 -20.97 -21.56 5.18
CA ARG D 161 -19.71 -22.11 4.72
CA ARG D 161 -19.71 -22.11 4.72
C ARG D 161 -19.00 -21.19 3.74
N HIS D 162 -19.75 -20.54 2.86
CA HIS D 162 -19.16 -19.73 1.80
C HIS D 162 -20.02 -18.49 1.56
N PHE D 163 -19.42 -17.52 0.89
CA PHE D 163 -20.04 -16.21 0.72
C PHE D 163 -19.89 -15.76 -0.72
N GLY D 164 -20.90 -15.03 -1.19
CA GLY D 164 -20.87 -14.49 -2.52
C GLY D 164 -21.80 -13.31 -2.62
N VAL D 165 -21.99 -12.84 -3.86
CA VAL D 165 -22.79 -11.67 -4.13
C VAL D 165 -23.74 -11.98 -5.27
N SER D 166 -24.66 -11.06 -5.50
CA SER D 166 -25.58 -11.19 -6.61
C SER D 166 -25.82 -9.82 -7.22
N ASN D 167 -25.76 -9.76 -8.55
CA ASN D 167 -26.06 -8.55 -9.28
C ASN D 167 -25.05 -7.44 -9.02
N PHE D 168 -23.85 -7.78 -8.60
CA PHE D 168 -22.81 -6.80 -8.37
C PHE D 168 -22.10 -6.44 -9.68
N THR D 169 -21.70 -5.17 -9.78
CA THR D 169 -20.75 -4.76 -10.80
C THR D 169 -19.35 -5.25 -10.41
N PRO D 170 -18.40 -5.28 -11.37
CA PRO D 170 -17.03 -5.64 -10.97
C PRO D 170 -16.47 -4.74 -9.87
N ALA D 171 -16.72 -3.42 -9.92
CA ALA D 171 -16.20 -2.54 -8.87
C ALA D 171 -16.83 -2.86 -7.52
N GLN D 172 -18.13 -3.15 -7.49
CA GLN D 172 -18.74 -3.52 -6.21
C GLN D 172 -18.19 -4.85 -5.72
N PHE D 173 -18.02 -5.81 -6.63
CA PHE D 173 -17.42 -7.10 -6.28
C PHE D 173 -16.05 -6.89 -5.68
N THR D 174 -15.22 -6.08 -6.34
CA THR D 174 -13.84 -5.88 -5.89
C THR D 174 -13.79 -5.15 -4.56
N LEU D 175 -14.69 -4.19 -4.34
CA LEU D 175 -14.75 -3.49 -3.07
C LEU D 175 -14.99 -4.46 -1.92
N LEU D 176 -16.00 -5.34 -2.05
CA LEU D 176 -16.30 -6.27 -0.98
C LEU D 176 -15.21 -7.33 -0.84
N GLN D 177 -14.75 -7.89 -1.95
CA GLN D 177 -13.70 -8.91 -1.87
C GLN D 177 -12.46 -8.36 -1.17
N SER D 178 -12.20 -7.06 -1.27
CA SER D 178 -11.00 -6.51 -0.66
C SER D 178 -11.01 -6.65 0.84
N ARG D 179 -12.18 -6.84 1.45
CA ARG D 179 -12.29 -6.94 2.90
C ARG D 179 -12.25 -8.36 3.44
N LEU D 180 -12.26 -9.39 2.56
CA LEU D 180 -12.51 -10.77 2.95
C LEU D 180 -11.25 -11.63 2.82
N PRO D 181 -10.95 -12.47 3.82
CA PRO D 181 -9.80 -13.36 3.71
C PRO D 181 -10.08 -14.62 2.89
N PHE D 182 -11.32 -14.81 2.45
CA PHE D 182 -11.70 -15.93 1.61
C PHE D 182 -12.30 -15.41 0.33
N THR D 183 -12.33 -16.28 -0.67
CA THR D 183 -12.76 -15.91 -2.00
C THR D 183 -14.28 -15.86 -2.07
N LEU D 184 -14.83 -14.80 -2.68
CA LEU D 184 -16.25 -14.80 -3.00
C LEU D 184 -16.54 -15.93 -3.97
N ALA D 185 -17.59 -16.70 -3.70
CA ALA D 185 -17.82 -17.94 -4.42
C ALA D 185 -18.67 -17.80 -5.66
N THR D 186 -19.39 -16.69 -5.82
CA THR D 186 -20.15 -16.45 -7.04
C THR D 186 -20.52 -14.98 -7.09
N ASN D 187 -20.95 -14.56 -8.27
CA ASN D 187 -21.69 -13.33 -8.48
C ASN D 187 -22.90 -13.80 -9.28
N GLN D 188 -24.04 -13.96 -8.60
CA GLN D 188 -25.23 -14.50 -9.24
C GLN D 188 -25.90 -13.42 -10.06
N VAL D 189 -25.96 -13.62 -11.38
CA VAL D 189 -26.38 -12.58 -12.29
C VAL D 189 -27.34 -13.12 -13.35
N GLU D 190 -28.04 -12.20 -13.99
CA GLU D 190 -29.01 -12.54 -15.04
C GLU D 190 -28.29 -12.72 -16.36
N ILE D 191 -28.40 -13.92 -16.95
CA ILE D 191 -27.75 -14.26 -18.22
C ILE D 191 -28.76 -15.04 -19.07
N SER D 192 -29.09 -14.53 -20.26
CA SER D 192 -29.96 -15.25 -21.18
CA SER D 192 -30.01 -15.21 -21.16
C SER D 192 -29.83 -14.63 -22.56
N PRO D 193 -30.24 -15.34 -23.61
CA PRO D 193 -30.29 -14.72 -24.94
C PRO D 193 -31.15 -13.47 -24.97
N VAL D 194 -32.16 -13.36 -24.10
CA VAL D 194 -32.97 -12.16 -24.06
C VAL D 194 -32.37 -11.09 -23.15
N HIS D 195 -31.29 -11.39 -22.42
CA HIS D 195 -30.64 -10.37 -21.59
C HIS D 195 -29.14 -10.62 -21.61
N GLN D 196 -28.43 -9.89 -22.47
CA GLN D 196 -27.02 -10.18 -22.65
C GLN D 196 -26.01 -9.11 -22.21
N PRO D 197 -26.39 -8.01 -21.55
CA PRO D 197 -25.39 -6.94 -21.36
C PRO D 197 -24.18 -7.34 -20.53
N LEU D 198 -24.30 -8.37 -19.70
CA LEU D 198 -23.18 -8.79 -18.86
C LEU D 198 -22.10 -9.53 -19.64
N LEU D 199 -22.41 -10.00 -20.85
CA LEU D 199 -21.39 -10.64 -21.67
C LEU D 199 -20.31 -9.64 -22.08
N LEU D 200 -20.66 -8.36 -22.19
CA LEU D 200 -19.72 -7.34 -22.68
C LEU D 200 -19.33 -6.25 -21.67
N ASP D 201 -20.04 -6.10 -20.54
CA ASP D 201 -19.78 -4.94 -19.66
C ASP D 201 -18.69 -5.17 -18.61
N GLY D 202 -18.00 -6.32 -18.66
CA GLY D 202 -16.93 -6.63 -17.74
C GLY D 202 -17.31 -7.63 -16.65
N THR D 203 -18.59 -7.81 -16.39
CA THR D 203 -19.02 -8.70 -15.30
C THR D 203 -18.50 -10.13 -15.53
N LEU D 204 -18.76 -10.70 -16.70
CA LEU D 204 -18.31 -12.06 -16.96
C LEU D 204 -16.82 -12.13 -17.25
N ASP D 205 -16.21 -11.03 -17.72
CA ASP D 205 -14.76 -11.00 -17.86
C ASP D 205 -14.09 -11.20 -16.51
N GLN D 206 -14.56 -10.45 -15.50
CA GLN D 206 -13.99 -10.54 -14.16
C GLN D 206 -14.14 -11.97 -13.61
N LEU D 207 -15.34 -12.53 -13.73
CA LEU D 207 -15.56 -13.87 -13.18
C LEU D 207 -14.69 -14.91 -13.87
N GLN D 208 -14.57 -14.84 -15.21
CA GLN D 208 -13.68 -15.80 -15.88
C GLN D 208 -12.25 -15.61 -15.40
N GLN D 209 -11.83 -14.36 -15.20
CA GLN D 209 -10.46 -14.08 -14.81
C GLN D 209 -10.15 -14.65 -13.44
N LEU D 210 -11.07 -14.49 -12.50
CA LEU D 210 -10.88 -14.98 -11.14
C LEU D 210 -11.27 -16.44 -10.98
N ARG D 211 -11.80 -17.07 -12.03
CA ARG D 211 -12.22 -18.47 -11.99
C ARG D 211 -13.33 -18.67 -10.95
N ILE D 212 -14.24 -17.69 -10.89
CA ILE D 212 -15.42 -17.73 -10.04
C ILE D 212 -16.62 -17.93 -10.96
N ARG D 213 -17.49 -18.88 -10.61
CA ARG D 213 -18.57 -19.21 -11.55
C ARG D 213 -19.84 -18.47 -11.19
N PRO D 214 -20.50 -17.80 -12.14
CA PRO D 214 -21.78 -17.14 -11.82
C PRO D 214 -22.93 -18.14 -11.86
N MET D 215 -23.75 -18.14 -10.81
CA MET D 215 -25.07 -18.72 -10.93
C MET D 215 -25.90 -17.78 -11.78
N ALA D 216 -26.66 -18.36 -12.72
CA ALA D 216 -27.30 -17.58 -13.78
C ALA D 216 -28.82 -17.59 -13.61
N TRP D 217 -29.41 -16.40 -13.42
CA TRP D 217 -30.84 -16.37 -13.13
C TRP D 217 -31.66 -15.86 -14.30
N SER D 218 -32.94 -16.25 -14.26
CA SER D 218 -33.93 -16.06 -15.33
C SER D 218 -33.35 -16.40 -16.70
N CYS D 219 -32.75 -17.58 -16.79
CA CYS D 219 -32.18 -18.02 -18.07
C CYS D 219 -33.22 -18.08 -19.17
N LEU D 220 -34.49 -18.27 -18.81
CA LEU D 220 -35.58 -18.26 -19.78
C LEU D 220 -36.37 -16.96 -19.77
N GLY D 221 -35.75 -15.86 -19.29
CA GLY D 221 -36.45 -14.60 -19.23
C GLY D 221 -37.64 -14.61 -18.30
N GLY D 222 -37.66 -15.50 -17.31
CA GLY D 222 -38.81 -15.66 -16.43
C GLY D 222 -40.08 -16.03 -17.17
N GLY D 223 -39.97 -16.67 -18.33
CA GLY D 223 -41.10 -17.02 -19.18
C GLY D 223 -41.27 -16.13 -20.40
N ARG D 224 -40.61 -14.96 -20.44
CA ARG D 224 -40.76 -14.01 -21.55
C ARG D 224 -40.34 -14.63 -22.87
N LEU D 225 -39.39 -15.57 -22.85
CA LEU D 225 -38.90 -16.18 -24.08
C LEU D 225 -40.04 -16.80 -24.86
N PHE D 226 -41.04 -17.36 -24.16
CA PHE D 226 -42.14 -18.07 -24.81
C PHE D 226 -43.26 -17.15 -25.26
N ASN D 227 -43.52 -16.07 -24.51
CA ASN D 227 -44.80 -15.36 -24.61
C ASN D 227 -44.70 -13.93 -25.11
N GLU D 228 -43.52 -13.44 -25.46
CA GLU D 228 -43.39 -12.09 -26.02
C GLU D 228 -43.18 -12.20 -27.52
N GLU D 229 -43.94 -11.42 -28.28
CA GLU D 229 -43.90 -11.52 -29.74
C GLU D 229 -42.52 -11.16 -30.29
N CYS D 230 -41.87 -10.15 -29.71
CA CYS D 230 -40.62 -9.65 -30.26
C CYS D 230 -39.47 -10.67 -30.20
N PHE D 231 -39.70 -11.85 -29.62
CA PHE D 231 -38.70 -12.90 -29.63
C PHE D 231 -39.09 -14.05 -30.53
N GLN D 232 -40.01 -13.83 -31.47
CA GLN D 232 -40.36 -14.87 -32.44
C GLN D 232 -39.15 -15.28 -33.27
N ALA D 233 -38.40 -14.30 -33.79
CA ALA D 233 -37.19 -14.62 -34.54
C ALA D 233 -36.23 -15.46 -33.72
N LEU D 234 -36.10 -15.15 -32.42
CA LEU D 234 -35.27 -15.96 -31.56
C LEU D 234 -35.85 -17.37 -31.41
N ARG D 235 -37.17 -17.49 -31.29
CA ARG D 235 -37.78 -18.79 -31.10
C ARG D 235 -37.63 -19.66 -32.35
N ASP D 236 -37.83 -19.07 -33.53
CA ASP D 236 -37.61 -19.80 -34.78
C ASP D 236 -36.18 -20.31 -34.88
N GLU D 237 -35.21 -19.45 -34.55
CA GLU D 237 -33.82 -19.84 -34.61
C GLU D 237 -33.53 -20.96 -33.62
N LEU D 238 -34.06 -20.86 -32.40
CA LEU D 238 -33.87 -21.91 -31.41
C LEU D 238 -34.47 -23.23 -31.89
N ALA D 239 -35.64 -23.17 -32.52
CA ALA D 239 -36.25 -24.38 -33.08
C ALA D 239 -35.37 -24.97 -34.17
N GLN D 240 -34.78 -24.11 -35.01
CA GLN D 240 -33.90 -24.60 -36.05
C GLN D 240 -32.65 -25.24 -35.46
N VAL D 241 -32.06 -24.61 -34.45
CA VAL D 241 -30.89 -25.17 -33.79
C VAL D 241 -31.25 -26.43 -33.00
N ALA D 242 -32.45 -26.47 -32.40
CA ALA D 242 -32.84 -27.69 -31.70
C ALA D 242 -32.87 -28.87 -32.66
N HIS D 243 -33.39 -28.65 -33.88
CA HIS D 243 -33.42 -29.72 -34.88
C HIS D 243 -32.02 -30.15 -35.28
N GLU D 244 -31.10 -29.19 -35.43
CA GLU D 244 -29.73 -29.53 -35.80
C GLU D 244 -29.02 -30.29 -34.71
N LEU D 245 -29.34 -29.99 -33.45
CA LEU D 245 -28.69 -30.59 -32.29
C LEU D 245 -29.39 -31.83 -31.76
N ASN D 246 -30.46 -32.28 -32.42
CA ASN D 246 -31.24 -33.42 -31.95
C ASN D 246 -31.74 -33.18 -30.52
N ALA D 247 -32.16 -31.94 -30.24
CA ALA D 247 -32.71 -31.52 -28.97
C ALA D 247 -34.22 -31.76 -28.93
N ASP D 248 -34.76 -31.75 -27.71
CA ASP D 248 -36.19 -31.94 -27.55
C ASP D 248 -36.95 -30.62 -27.51
N SER D 249 -36.30 -29.52 -27.16
CA SER D 249 -37.03 -28.29 -26.94
C SER D 249 -36.12 -27.08 -27.14
N ILE D 250 -36.76 -25.91 -27.28
CA ILE D 250 -35.97 -24.70 -27.41
C ILE D 250 -35.29 -24.36 -26.09
N GLU D 251 -35.91 -24.70 -24.94
CA GLU D 251 -35.29 -24.37 -23.65
C GLU D 251 -33.95 -25.06 -23.52
N GLN D 252 -33.89 -26.32 -23.96
CA GLN D 252 -32.64 -27.06 -23.92
C GLN D 252 -31.57 -26.32 -24.69
N VAL D 253 -31.94 -25.74 -25.83
CA VAL D 253 -30.98 -25.00 -26.63
C VAL D 253 -30.56 -23.72 -25.92
N VAL D 254 -31.52 -23.04 -25.28
CA VAL D 254 -31.20 -21.86 -24.46
C VAL D 254 -30.25 -22.23 -23.32
N TYR D 255 -30.53 -23.34 -22.61
CA TYR D 255 -29.64 -23.75 -21.53
C TYR D 255 -28.25 -24.06 -22.05
N ALA D 256 -28.15 -24.78 -23.18
CA ALA D 256 -26.85 -25.06 -23.77
C ALA D 256 -26.14 -23.78 -24.16
N TRP D 257 -26.89 -22.75 -24.59
CA TRP D 257 -26.31 -21.47 -24.99
C TRP D 257 -25.68 -20.76 -23.79
N VAL D 258 -26.31 -20.83 -22.62
CA VAL D 258 -25.74 -20.21 -21.42
C VAL D 258 -24.53 -21.02 -20.95
N LEU D 259 -24.65 -22.35 -20.95
CA LEU D 259 -23.56 -23.22 -20.53
C LEU D 259 -22.32 -23.08 -21.42
N ARG D 260 -22.49 -22.62 -22.64
CA ARG D 260 -21.37 -22.48 -23.57
CA ARG D 260 -21.35 -22.51 -23.54
C ARG D 260 -20.47 -21.32 -23.21
N LEU D 261 -20.92 -20.42 -22.32
CA LEU D 261 -20.15 -19.24 -21.98
C LEU D 261 -18.89 -19.64 -21.21
N PRO D 262 -17.75 -18.99 -21.48
CA PRO D 262 -16.49 -19.44 -20.86
C PRO D 262 -16.30 -19.03 -19.41
N SER D 263 -17.17 -18.20 -18.84
CA SER D 263 -17.21 -18.09 -17.39
C SER D 263 -17.87 -19.30 -16.76
N GLN D 264 -18.45 -20.21 -17.57
CA GLN D 264 -19.12 -21.44 -17.15
C GLN D 264 -20.25 -21.16 -16.18
N PRO D 265 -21.32 -20.45 -16.59
CA PRO D 265 -22.43 -20.16 -15.68
C PRO D 265 -23.19 -21.42 -15.29
N LEU D 266 -23.86 -21.33 -14.14
CA LEU D 266 -24.75 -22.38 -13.64
C LEU D 266 -26.19 -21.96 -13.83
N PRO D 267 -26.91 -22.50 -14.81
CA PRO D 267 -28.31 -22.12 -14.99
C PRO D 267 -29.15 -22.57 -13.81
N ILE D 268 -30.00 -21.67 -13.33
CA ILE D 268 -30.92 -21.95 -12.25
C ILE D 268 -32.28 -22.24 -12.87
N ILE D 269 -32.77 -23.45 -12.64
CA ILE D 269 -34.06 -23.88 -13.17
C ILE D 269 -35.15 -23.26 -12.31
N GLY D 270 -36.15 -22.67 -12.95
CA GLY D 270 -37.23 -22.04 -12.20
C GLY D 270 -38.56 -22.76 -12.24
N SER D 271 -38.64 -23.87 -12.95
CA SER D 271 -39.93 -24.53 -13.19
C SER D 271 -40.35 -25.39 -11.99
N GLY D 272 -41.64 -25.39 -11.71
CA GLY D 272 -42.13 -26.28 -10.67
C GLY D 272 -42.55 -27.64 -11.19
N LYS D 273 -42.31 -27.90 -12.47
CA LYS D 273 -42.65 -29.15 -13.13
C LYS D 273 -41.40 -30.03 -13.24
N ILE D 274 -41.43 -31.18 -12.58
CA ILE D 274 -40.25 -32.05 -12.54
C ILE D 274 -39.88 -32.54 -13.94
N GLU D 275 -40.88 -32.72 -14.82
CA GLU D 275 -40.59 -33.13 -16.20
CA GLU D 275 -40.55 -33.15 -16.18
C GLU D 275 -39.80 -32.06 -16.94
N ARG D 276 -40.01 -30.79 -16.59
CA ARG D 276 -39.22 -29.73 -17.21
C ARG D 276 -37.83 -29.68 -16.63
N VAL D 277 -37.70 -30.00 -15.33
CA VAL D 277 -36.39 -30.11 -14.70
C VAL D 277 -35.57 -31.19 -15.40
N ARG D 278 -36.18 -32.38 -15.58
CA ARG D 278 -35.51 -33.50 -16.26
C ARG D 278 -35.15 -33.16 -17.70
N SER D 279 -36.06 -32.50 -18.42
CA SER D 279 -35.76 -32.12 -19.80
C SER D 279 -34.69 -31.05 -19.86
N ALA D 280 -34.64 -30.14 -18.88
CA ALA D 280 -33.67 -29.05 -18.93
C ALA D 280 -32.24 -29.57 -18.93
N ILE D 281 -31.95 -30.56 -18.07
CA ILE D 281 -30.57 -30.98 -17.90
C ILE D 281 -30.01 -31.72 -19.10
N VAL D 282 -30.84 -32.08 -20.09
CA VAL D 282 -30.35 -32.64 -21.35
C VAL D 282 -29.40 -31.68 -22.04
N ALA D 283 -29.44 -30.39 -21.68
CA ALA D 283 -28.57 -29.39 -22.30
C ALA D 283 -27.09 -29.77 -22.19
N GLU D 284 -26.71 -30.48 -21.13
CA GLU D 284 -25.31 -30.91 -21.01
C GLU D 284 -24.89 -31.82 -22.17
N LYS D 285 -25.81 -32.63 -22.71
CA LYS D 285 -25.43 -33.54 -23.79
C LYS D 285 -25.33 -32.84 -25.14
N LEU D 286 -25.88 -31.64 -25.29
CA LEU D 286 -25.88 -30.96 -26.58
C LEU D 286 -24.49 -30.38 -26.84
N SER D 287 -24.11 -30.33 -28.11
CA SER D 287 -22.79 -29.85 -28.54
C SER D 287 -23.05 -28.69 -29.50
N MET D 288 -23.24 -27.51 -28.95
CA MET D 288 -23.57 -26.35 -29.77
C MET D 288 -22.31 -25.82 -30.46
N THR D 289 -22.40 -25.60 -31.77
CA THR D 289 -21.29 -24.99 -32.49
C THR D 289 -21.24 -23.48 -32.21
N ARG D 290 -20.09 -22.88 -32.53
CA ARG D 290 -19.95 -21.44 -32.43
C ARG D 290 -20.94 -20.73 -33.34
N GLN D 291 -21.08 -21.17 -34.59
CA GLN D 291 -22.01 -20.51 -35.49
C GLN D 291 -23.44 -20.60 -34.96
N GLN D 292 -23.83 -21.73 -34.40
CA GLN D 292 -25.15 -21.83 -33.78
C GLN D 292 -25.30 -20.81 -32.64
N TRP D 293 -24.29 -20.71 -31.78
CA TRP D 293 -24.34 -19.74 -30.69
C TRP D 293 -24.52 -18.32 -31.21
N PHE D 294 -23.76 -17.95 -32.26
CA PHE D 294 -23.87 -16.59 -32.78
C PHE D 294 -25.16 -16.40 -33.56
N ARG D 295 -25.66 -17.45 -34.21
CA ARG D 295 -26.96 -17.33 -34.87
C ARG D 295 -28.05 -17.01 -33.86
N ILE D 296 -28.00 -17.67 -32.69
CA ILE D 296 -28.96 -17.40 -31.63
C ILE D 296 -28.77 -15.99 -31.06
N ARG D 297 -27.51 -15.60 -30.81
CA ARG D 297 -27.23 -14.23 -30.38
C ARG D 297 -27.83 -13.21 -31.35
N LYS D 298 -27.62 -13.43 -32.66
CA LYS D 298 -28.12 -12.45 -33.63
C LYS D 298 -29.63 -12.47 -33.68
N ALA D 299 -30.24 -13.64 -33.59
CA ALA D 299 -31.70 -13.70 -33.60
C ALA D 299 -32.31 -12.95 -32.43
N ALA D 300 -31.65 -12.98 -31.27
CA ALA D 300 -32.17 -12.30 -30.08
C ALA D 300 -31.99 -10.80 -30.16
N LEU D 301 -30.79 -10.36 -30.55
CA LEU D 301 -30.40 -8.96 -30.56
C LEU D 301 -30.81 -8.24 -31.84
N GLY D 302 -30.85 -8.94 -32.97
CA GLY D 302 -31.21 -8.33 -34.24
C GLY D 302 -30.04 -7.81 -35.07
N TYR D 303 -28.82 -7.84 -34.56
CA TYR D 303 -27.66 -7.35 -35.30
C TYR D 303 -26.45 -8.23 -35.05
N ASP D 304 -25.48 -8.15 -35.97
CA ASP D 304 -24.27 -8.96 -35.96
C ASP D 304 -23.26 -8.43 -34.95
N VAL D 305 -22.22 -9.22 -34.71
CA VAL D 305 -21.09 -8.80 -33.89
C VAL D 305 -20.30 -7.75 -34.68
N PRO D 306 -19.61 -6.79 -34.02
CA PRO D 306 -18.84 -5.78 -34.76
C PRO D 306 -17.71 -6.43 -35.54
N MET E 9 27.39 34.79 0.46
CA MET E 9 27.15 34.48 1.88
C MET E 9 26.72 33.03 2.09
N VAL E 10 26.74 32.61 3.36
CA VAL E 10 26.48 31.22 3.72
C VAL E 10 25.10 30.79 3.25
N GLN E 11 25.04 29.58 2.68
CA GLN E 11 23.79 28.99 2.18
C GLN E 11 22.70 29.00 3.25
N ARG E 12 21.47 29.29 2.81
CA ARG E 12 20.27 29.18 3.62
C ARG E 12 19.65 27.80 3.40
N ILE E 13 19.04 27.24 4.44
CA ILE E 13 18.46 25.90 4.33
C ILE E 13 17.21 25.82 5.19
N ALA E 14 16.15 25.27 4.62
CA ALA E 14 14.93 25.02 5.38
C ALA E 14 15.13 23.81 6.26
N MET E 15 14.82 23.96 7.56
CA MET E 15 15.09 22.91 8.53
C MET E 15 14.10 21.76 8.42
N ALA E 16 12.88 22.02 7.97
CA ALA E 16 11.86 20.99 7.77
C ALA E 16 10.88 21.51 6.75
N PRO E 17 10.04 20.64 6.18
CA PRO E 17 8.94 21.14 5.34
C PRO E 17 8.11 22.16 6.12
N GLN E 18 7.95 23.34 5.54
CA GLN E 18 7.31 24.47 6.20
C GLN E 18 8.05 24.91 7.46
N GLY E 19 9.31 24.51 7.61
CA GLY E 19 10.08 24.83 8.79
C GLY E 19 10.77 26.17 8.65
N PRO E 20 11.56 26.55 9.66
CA PRO E 20 12.29 27.81 9.58
C PRO E 20 13.50 27.67 8.68
N GLU E 21 13.98 28.80 8.20
CA GLU E 21 15.16 28.87 7.34
C GLU E 21 16.36 29.27 8.19
N PHE E 22 17.41 28.44 8.18
CA PHE E 22 18.64 28.76 8.89
C PHE E 22 19.80 28.94 7.92
N SER E 23 20.92 29.47 8.45
CA SER E 23 22.18 29.43 7.74
C SER E 23 22.78 28.05 7.92
N ARG E 24 23.44 27.55 6.88
CA ARG E 24 23.92 26.17 6.93
C ARG E 24 24.98 25.97 8.00
N PHE E 25 25.67 27.05 8.39
CA PHE E 25 26.59 27.05 9.52
C PHE E 25 25.96 27.83 10.67
N VAL E 26 26.00 27.24 11.86
CA VAL E 26 25.42 27.79 13.09
C VAL E 26 26.57 28.22 13.99
N MET E 27 26.36 29.29 14.76
CA MET E 27 27.33 29.70 15.76
C MET E 27 26.88 29.19 17.14
N GLY E 28 27.71 28.37 17.77
CA GLY E 28 27.39 27.80 19.07
C GLY E 28 28.04 28.58 20.20
N TYR E 29 27.26 28.83 21.25
CA TYR E 29 27.74 29.62 22.38
C TYR E 29 27.88 28.79 23.66
N TRP E 30 28.13 27.49 23.51
CA TRP E 30 28.42 26.63 24.66
C TRP E 30 29.58 27.18 25.50
N ARG E 31 30.61 27.69 24.84
CA ARG E 31 31.86 28.06 25.51
C ARG E 31 31.98 29.56 25.72
N LEU E 32 30.87 30.30 25.64
CA LEU E 32 30.92 31.76 25.65
C LEU E 32 31.68 32.30 26.86
N MET E 33 31.41 31.76 28.06
CA MET E 33 32.11 32.25 29.24
C MET E 33 33.60 31.93 29.18
N ASP E 34 33.97 30.83 28.54
CA ASP E 34 35.39 30.51 28.40
C ASP E 34 36.14 31.55 27.59
N TRP E 35 35.43 32.29 26.73
CA TRP E 35 36.10 33.26 25.87
C TRP E 35 36.50 34.53 26.61
N LYS E 36 35.94 34.77 27.80
CA LYS E 36 36.29 35.92 28.64
C LYS E 36 36.16 37.23 27.88
N MET E 37 35.08 37.34 27.10
CA MET E 37 34.80 38.52 26.29
C MET E 37 33.86 39.44 27.04
N SER E 38 34.08 40.75 26.91
CA SER E 38 33.19 41.77 27.45
C SER E 38 31.95 41.87 26.57
N PRO E 39 30.89 42.55 27.04
CA PRO E 39 29.71 42.73 26.19
C PRO E 39 29.99 43.40 24.85
N GLY E 40 30.90 44.38 24.82
CA GLY E 40 31.17 45.09 23.58
C GLY E 40 32.00 44.27 22.61
N GLU E 41 32.88 43.42 23.12
CA GLU E 41 33.59 42.50 22.24
C GLU E 41 32.61 41.50 21.63
N LEU E 42 31.67 40.99 22.44
CA LEU E 42 30.67 40.04 21.96
C LEU E 42 29.78 40.67 20.91
N VAL E 43 29.35 41.92 21.12
CA VAL E 43 28.63 42.65 20.07
C VAL E 43 29.43 42.62 18.78
N SER E 44 30.71 42.99 18.86
CA SER E 44 31.57 42.97 17.68
C SER E 44 31.63 41.58 17.07
N PHE E 45 31.85 40.55 17.90
CA PHE E 45 31.93 39.18 17.41
C PHE E 45 30.66 38.76 16.70
N ILE E 46 29.50 39.15 17.25
CA ILE E 46 28.22 38.75 16.67
C ILE E 46 28.01 39.42 15.33
N GLU E 47 28.29 40.73 15.25
CA GLU E 47 28.17 41.45 13.99
CA GLU E 47 28.15 41.43 13.98
C GLU E 47 29.09 40.87 12.94
N GLN E 48 30.28 40.42 13.35
CA GLN E 48 31.24 39.89 12.39
C GLN E 48 30.78 38.55 11.82
N HIS E 49 30.19 37.69 12.65
CA HIS E 49 29.75 36.44 12.04
C HIS E 49 28.39 36.61 11.36
N LEU E 50 27.58 37.58 11.80
CA LEU E 50 26.38 37.91 11.04
C LEU E 50 26.73 38.44 9.65
N ASP E 51 27.82 39.21 9.55
CA ASP E 51 28.29 39.71 8.25
C ASP E 51 28.61 38.59 7.29
N LEU E 52 29.09 37.45 7.78
CA LEU E 52 29.41 36.29 6.96
C LEU E 52 28.17 35.51 6.51
N GLY E 53 27.00 35.80 7.06
CA GLY E 53 25.84 34.98 6.83
C GLY E 53 25.57 33.93 7.89
N VAL E 54 26.47 33.76 8.87
CA VAL E 54 26.20 32.87 9.99
C VAL E 54 25.15 33.54 10.84
N THR E 55 23.87 33.31 10.52
CA THR E 55 22.76 34.01 11.17
C THR E 55 22.14 33.22 12.32
N THR E 56 22.27 31.89 12.31
CA THR E 56 21.68 31.04 13.34
C THR E 56 22.69 30.85 14.48
N VAL E 57 22.23 31.02 15.72
CA VAL E 57 23.06 30.86 16.93
C VAL E 57 22.41 29.87 17.89
N ASP E 58 23.24 29.03 18.51
CA ASP E 58 22.79 27.91 19.34
C ASP E 58 23.14 28.19 20.79
N HIS E 59 22.12 28.16 21.65
CA HIS E 59 22.29 28.33 23.08
C HIS E 59 21.61 27.16 23.81
N ALA E 60 21.64 27.22 25.12
CA ALA E 60 20.92 26.29 25.99
C ALA E 60 20.85 26.93 27.36
N ASP E 61 19.82 26.59 28.13
CA ASP E 61 19.66 27.21 29.44
C ASP E 61 20.84 26.89 30.36
N ILE E 62 21.44 25.71 30.24
CA ILE E 62 22.44 25.32 31.23
C ILE E 62 23.83 25.87 30.94
N TYR E 63 24.11 26.24 29.69
CA TYR E 63 25.47 26.56 29.25
C TYR E 63 26.13 27.61 30.14
N GLY E 64 27.41 27.37 30.44
CA GLY E 64 28.19 28.28 31.26
C GLY E 64 27.69 28.38 32.68
N ASP E 65 27.15 27.29 33.23
CA ASP E 65 26.49 27.31 34.54
C ASP E 65 25.34 28.31 34.54
N TYR E 66 24.46 28.20 33.53
CA TYR E 66 23.27 29.05 33.39
C TYR E 66 23.67 30.53 33.21
N GLN E 67 24.76 30.80 32.52
CA GLN E 67 25.24 32.17 32.36
C GLN E 67 25.31 32.63 30.91
N CYS E 68 25.46 31.72 29.95
CA CYS E 68 25.74 32.14 28.59
C CYS E 68 24.58 32.92 27.97
N GLU E 69 23.34 32.47 28.21
CA GLU E 69 22.20 33.18 27.64
C GLU E 69 22.19 34.64 28.08
N ALA E 70 22.13 34.87 29.40
CA ALA E 70 22.20 36.22 29.94
C ALA E 70 23.42 36.98 29.44
N ALA E 71 24.54 36.29 29.22
CA ALA E 71 25.73 36.94 28.66
C ALA E 71 25.47 37.44 27.25
N PHE E 72 24.90 36.58 26.41
CA PHE E 72 24.50 36.97 25.06
C PHE E 72 23.47 38.09 25.09
N GLY E 73 22.57 38.06 26.07
CA GLY E 73 21.56 39.10 26.19
C GLY E 73 22.14 40.47 26.51
N GLU E 74 23.28 40.50 27.21
CA GLU E 74 23.98 41.76 27.42
C GLU E 74 24.43 42.35 26.09
N ALA E 75 24.83 41.48 25.16
CA ALA E 75 25.28 41.94 23.84
C ALA E 75 24.11 42.44 23.02
N LEU E 76 23.02 41.68 22.95
CA LEU E 76 21.84 42.10 22.18
C LEU E 76 21.28 43.43 22.69
N LYS E 77 21.35 43.66 24.01
CA LYS E 77 20.81 44.91 24.54
C LYS E 77 21.60 46.11 24.04
N ARG E 78 22.91 45.97 23.84
CA ARG E 78 23.69 47.09 23.31
C ARG E 78 23.31 47.42 21.88
N ALA E 79 22.70 46.48 21.16
CA ALA E 79 22.42 46.63 19.73
C ALA E 79 21.19 45.80 19.37
N PRO E 80 20.00 46.23 19.83
CA PRO E 80 18.80 45.40 19.65
C PRO E 80 18.37 45.23 18.20
N HIS E 81 18.90 46.04 17.27
CA HIS E 81 18.58 45.87 15.86
C HIS E 81 19.03 44.52 15.32
N LEU E 82 19.98 43.87 16.01
CA LEU E 82 20.54 42.60 15.54
C LEU E 82 19.56 41.45 15.64
N ARG E 83 18.54 41.55 16.50
CA ARG E 83 17.65 40.41 16.71
C ARG E 83 16.93 40.03 15.42
N SER E 84 16.59 41.01 14.60
CA SER E 84 15.88 40.69 13.36
C SER E 84 16.77 39.93 12.39
N ARG E 85 18.10 40.11 12.49
CA ARG E 85 19.04 39.48 11.56
C ARG E 85 19.40 38.04 11.93
N MET E 86 19.02 37.57 13.10
CA MET E 86 19.46 36.25 13.54
C MET E 86 18.26 35.34 13.82
N GLU E 87 18.52 34.04 13.81
CA GLU E 87 17.59 33.06 14.32
C GLU E 87 18.21 32.44 15.57
N ILE E 88 17.47 32.50 16.68
CA ILE E 88 17.97 32.12 18.00
C ILE E 88 17.44 30.74 18.35
N VAL E 89 18.36 29.81 18.64
CA VAL E 89 18.05 28.46 19.11
C VAL E 89 18.46 28.38 20.58
N SER E 90 17.55 27.90 21.43
CA SER E 90 17.91 27.52 22.80
C SER E 90 17.33 26.14 23.13
N LYS E 91 17.57 25.69 24.37
CA LYS E 91 17.19 24.36 24.83
C LYS E 91 16.83 24.41 26.31
N CYS E 92 16.04 23.42 26.74
CA CYS E 92 15.82 23.11 28.15
C CYS E 92 15.71 21.60 28.29
N GLY E 93 15.66 21.14 29.54
CA GLY E 93 15.50 19.73 29.82
C GLY E 93 16.52 19.10 30.75
N ILE E 94 17.67 19.73 30.88
CA ILE E 94 18.75 19.25 31.72
C ILE E 94 18.76 20.05 33.02
N ALA E 95 18.91 19.35 34.14
CA ALA E 95 19.13 19.95 35.46
C ALA E 95 20.53 19.56 35.92
N THR E 96 21.39 20.58 36.12
CA THR E 96 22.80 20.36 36.42
C THR E 96 23.10 20.60 37.89
N ARG E 97 24.16 19.95 38.37
CA ARG E 97 24.60 20.12 39.75
C ARG E 97 25.02 21.56 40.07
N ALA E 98 25.05 22.45 39.06
CA ALA E 98 25.34 23.86 39.31
C ALA E 98 24.31 24.47 40.25
N ARG E 99 23.03 24.32 39.91
CA ARG E 99 21.95 24.65 40.83
C ARG E 99 22.18 23.93 42.16
N ALA E 100 22.12 24.70 43.26
CA ALA E 100 22.37 24.12 44.58
C ALA E 100 21.31 23.08 44.95
N GLU E 101 20.07 23.26 44.48
CA GLU E 101 18.97 22.32 44.74
C GLU E 101 19.04 21.07 43.87
N ASN E 102 20.12 20.87 43.12
CA ASN E 102 20.31 19.70 42.27
C ASN E 102 21.52 18.92 42.79
N THR E 103 21.28 17.90 43.62
CA THR E 103 22.37 17.07 44.10
C THR E 103 22.83 16.05 43.06
N ILE E 104 21.99 15.78 42.06
CA ILE E 104 22.34 14.87 40.97
C ILE E 104 22.03 15.59 39.66
N GLY E 105 22.89 15.40 38.67
CA GLY E 105 22.53 15.77 37.31
C GLY E 105 21.45 14.85 36.80
N HIS E 106 20.37 15.42 36.30
CA HIS E 106 19.21 14.65 35.83
C HIS E 106 18.49 15.46 34.75
N TYR E 107 17.22 15.10 34.49
CA TYR E 107 16.38 15.69 33.45
C TYR E 107 15.06 16.16 34.04
N ILE E 108 14.54 17.24 33.48
CA ILE E 108 13.23 17.79 33.85
C ILE E 108 12.55 18.15 32.53
N THR E 109 11.53 17.36 32.15
CA THR E 109 10.76 17.66 30.96
C THR E 109 9.28 17.87 31.26
N ASP E 110 8.96 18.24 32.50
CA ASP E 110 7.59 18.53 32.87
C ASP E 110 7.12 19.82 32.19
N ARG E 111 5.79 19.98 32.11
CA ARG E 111 5.20 21.07 31.35
C ARG E 111 5.67 22.42 31.89
N ASP E 112 5.54 22.64 33.19
CA ASP E 112 5.86 23.94 33.78
C ASP E 112 7.34 24.27 33.65
N HIS E 113 8.21 23.26 33.78
CA HIS E 113 9.65 23.53 33.64
C HIS E 113 10.00 24.02 32.24
N ILE E 114 9.34 23.49 31.20
CA ILE E 114 9.68 23.89 29.85
C ILE E 114 9.22 25.32 29.57
N VAL E 115 8.00 25.67 30.00
CA VAL E 115 7.52 27.04 29.80
C VAL E 115 8.39 28.03 30.57
N LEU E 116 8.65 27.74 31.85
CA LEU E 116 9.46 28.63 32.68
C LEU E 116 10.89 28.75 32.14
N SER E 117 11.48 27.64 31.71
CA SER E 117 12.84 27.71 31.19
C SER E 117 12.90 28.55 29.92
N ALA E 118 11.91 28.36 29.04
CA ALA E 118 11.86 29.14 27.81
C ALA E 118 11.57 30.61 28.11
N GLU E 119 10.65 30.87 29.04
CA GLU E 119 10.41 32.26 29.43
C GLU E 119 11.64 32.87 30.09
N GLN E 120 12.37 32.08 30.89
CA GLN E 120 13.62 32.59 31.44
C GLN E 120 14.63 32.87 30.33
N SER E 121 14.59 32.09 29.24
CA SER E 121 15.51 32.30 28.14
C SER E 121 15.26 33.64 27.47
N LEU E 122 13.99 34.02 27.29
CA LEU E 122 13.69 35.31 26.68
C LEU E 122 14.22 36.46 27.54
N ARG E 123 13.95 36.40 28.85
CA ARG E 123 14.48 37.40 29.75
C ARG E 123 16.00 37.43 29.69
N ASN E 124 16.64 36.25 29.72
CA ASN E 124 18.10 36.20 29.67
C ASN E 124 18.63 36.78 28.37
N LEU E 125 18.10 36.30 27.23
CA LEU E 125 18.59 36.72 25.93
C LEU E 125 18.10 38.10 25.51
N ALA E 126 17.23 38.70 26.32
CA ALA E 126 16.64 40.02 26.03
C ALA E 126 16.00 40.05 24.65
N THR E 127 15.14 39.07 24.38
CA THR E 127 14.35 39.02 23.17
C THR E 127 12.94 38.57 23.55
N ASP E 128 11.98 38.82 22.67
CA ASP E 128 10.60 38.48 22.96
C ASP E 128 10.17 37.15 22.36
N HIS E 129 11.10 36.40 21.77
CA HIS E 129 10.74 35.10 21.20
C HIS E 129 12.01 34.36 20.83
N LEU E 130 11.92 33.03 20.85
CA LEU E 130 12.95 32.17 20.29
C LEU E 130 12.51 31.69 18.91
N ASP E 131 13.47 31.52 18.02
CA ASP E 131 13.14 30.87 16.75
C ASP E 131 12.86 29.39 16.95
N LEU E 132 13.62 28.73 17.82
CA LEU E 132 13.56 27.29 17.99
C LEU E 132 13.94 26.90 19.41
N LEU E 133 13.11 26.09 20.06
CA LEU E 133 13.42 25.50 21.35
C LEU E 133 13.57 23.99 21.20
N LEU E 134 14.60 23.43 21.83
CA LEU E 134 14.89 22.01 21.77
C LEU E 134 14.77 21.37 23.15
N ILE E 135 14.19 20.17 23.19
CA ILE E 135 14.43 19.30 24.34
C ILE E 135 15.88 18.82 24.26
N HIS E 136 16.67 19.14 25.28
CA HIS E 136 18.13 19.02 25.19
C HIS E 136 18.57 17.56 25.14
N ARG E 137 17.87 16.69 25.84
CA ARG E 137 18.24 15.28 25.94
C ARG E 137 16.97 14.46 26.04
N PRO E 138 16.94 13.26 25.48
CA PRO E 138 15.80 12.38 25.72
C PRO E 138 15.79 11.97 27.19
N ASP E 139 14.59 11.98 27.77
CA ASP E 139 14.42 11.78 29.21
C ASP E 139 13.55 10.56 29.42
N PRO E 140 14.06 9.51 30.08
CA PRO E 140 13.22 8.32 30.32
C PRO E 140 11.93 8.63 31.07
N LEU E 141 11.86 9.77 31.79
CA LEU E 141 10.61 10.22 32.38
C LEU E 141 9.85 11.21 31.49
N MET E 142 10.21 11.33 30.20
CA MET E 142 9.50 12.24 29.31
C MET E 142 8.06 11.79 29.08
N ASP E 143 7.11 12.66 29.41
CA ASP E 143 5.72 12.42 29.07
C ASP E 143 5.42 13.27 27.83
N ALA E 144 5.29 12.60 26.69
CA ALA E 144 5.15 13.31 25.41
C ALA E 144 3.95 14.25 25.43
N ASP E 145 2.84 13.83 26.06
CA ASP E 145 1.70 14.73 26.21
C ASP E 145 2.10 16.02 26.94
N GLU E 146 2.90 15.90 28.00
CA GLU E 146 3.27 17.05 28.84
CA GLU E 146 3.22 17.08 28.80
C GLU E 146 4.19 18.01 28.09
N VAL E 147 5.14 17.47 27.32
CA VAL E 147 6.00 18.33 26.49
C VAL E 147 5.18 19.03 25.43
N ALA E 148 4.21 18.33 24.82
CA ALA E 148 3.40 18.92 23.76
C ALA E 148 2.56 20.07 24.28
N GLU E 149 2.05 19.95 25.52
CA GLU E 149 1.28 21.03 26.12
C GLU E 149 2.12 22.28 26.32
N ALA E 150 3.36 22.12 26.76
CA ALA E 150 4.24 23.27 26.92
C ALA E 150 4.54 23.91 25.56
N PHE E 151 4.86 23.09 24.55
CA PHE E 151 5.11 23.59 23.21
C PHE E 151 3.91 24.36 22.67
N LEU E 152 2.71 23.77 22.79
CA LEU E 152 1.51 24.47 22.34
C LEU E 152 1.31 25.79 23.09
N ALA E 153 1.54 25.79 24.41
CA ALA E 153 1.39 27.01 25.19
C ALA E 153 2.41 28.06 24.78
N LEU E 154 3.63 27.63 24.46
CA LEU E 154 4.66 28.59 24.03
C LEU E 154 4.37 29.10 22.63
N HIS E 155 3.89 28.23 21.74
CA HIS E 155 3.64 28.66 20.38
C HIS E 155 2.43 29.60 20.31
N HIS E 156 1.38 29.29 21.08
CA HIS E 156 0.21 30.17 21.05
C HIS E 156 0.48 31.50 21.73
N SER E 157 1.35 31.53 22.74
CA SER E 157 1.68 32.80 23.36
C SER E 157 2.59 33.66 22.49
N GLY E 158 3.09 33.10 21.39
CA GLY E 158 4.01 33.80 20.54
C GLY E 158 5.46 33.72 20.96
N LYS E 159 5.76 32.94 22.01
CA LYS E 159 7.09 33.01 22.61
C LYS E 159 8.12 32.17 21.85
N VAL E 160 7.69 31.12 21.15
CA VAL E 160 8.60 30.23 20.42
C VAL E 160 7.96 29.85 19.09
N ARG E 161 8.73 29.97 18.01
CA ARG E 161 8.22 29.80 16.65
C ARG E 161 8.24 28.35 16.20
N HIS E 162 9.32 27.63 16.47
CA HIS E 162 9.44 26.25 16.06
C HIS E 162 10.02 25.45 17.21
N PHE E 163 9.86 24.13 17.13
CA PHE E 163 10.27 23.21 18.18
C PHE E 163 11.05 22.06 17.57
N GLY E 164 11.97 21.52 18.36
CA GLY E 164 12.81 20.43 17.94
C GLY E 164 13.32 19.68 19.15
N VAL E 165 14.24 18.74 18.90
CA VAL E 165 14.81 17.90 19.93
C VAL E 165 16.32 17.84 19.72
N SER E 166 16.99 17.18 20.64
CA SER E 166 18.43 17.01 20.54
C SER E 166 18.78 15.68 21.18
N ASN E 167 19.62 14.90 20.49
CA ASN E 167 20.12 13.62 20.96
C ASN E 167 19.03 12.55 21.10
N PHE E 168 17.93 12.68 20.36
CA PHE E 168 16.89 11.66 20.41
C PHE E 168 17.23 10.50 19.49
N THR E 169 16.85 9.29 19.92
CA THR E 169 16.80 8.16 19.00
C THR E 169 15.57 8.32 18.11
N PRO E 170 15.52 7.61 16.98
CA PRO E 170 14.31 7.71 16.15
C PRO E 170 13.04 7.34 16.89
N ALA E 171 13.11 6.41 17.86
CA ALA E 171 11.90 6.03 18.59
C ALA E 171 11.46 7.14 19.54
N GLN E 172 12.41 7.81 20.19
CA GLN E 172 12.01 8.92 21.06
C GLN E 172 11.46 10.07 20.23
N PHE E 173 12.08 10.30 19.08
CA PHE E 173 11.65 11.36 18.19
C PHE E 173 10.24 11.11 17.67
N THR E 174 9.96 9.88 17.24
CA THR E 174 8.63 9.57 16.76
C THR E 174 7.61 9.64 17.90
N LEU E 175 8.02 9.31 19.11
CA LEU E 175 7.10 9.42 20.24
C LEU E 175 6.64 10.87 20.42
N LEU E 176 7.57 11.83 20.44
CA LEU E 176 7.20 13.21 20.68
C LEU E 176 6.48 13.82 19.49
N GLN E 177 6.92 13.48 18.27
CA GLN E 177 6.27 14.05 17.08
C GLN E 177 4.80 13.63 16.98
N SER E 178 4.45 12.47 17.54
CA SER E 178 3.08 12.00 17.43
C SER E 178 2.10 12.84 18.25
N ARG E 179 2.59 13.70 19.14
CA ARG E 179 1.69 14.54 19.92
C ARG E 179 1.60 15.96 19.38
N LEU E 180 2.27 16.27 18.27
CA LEU E 180 2.45 17.65 17.84
C LEU E 180 1.83 17.89 16.48
N PRO E 181 1.03 18.96 16.32
CA PRO E 181 0.43 19.27 15.02
C PRO E 181 1.37 19.94 14.03
N PHE E 182 2.61 20.22 14.42
CA PHE E 182 3.62 20.81 13.55
C PHE E 182 4.86 19.94 13.60
N THR E 183 5.65 20.01 12.53
CA THR E 183 6.81 19.14 12.37
C THR E 183 7.95 19.58 13.28
N LEU E 184 8.61 18.60 13.91
CA LEU E 184 9.82 18.87 14.66
C LEU E 184 10.90 19.40 13.71
N ALA E 185 11.56 20.49 14.10
CA ALA E 185 12.40 21.26 13.17
C ALA E 185 13.85 20.80 13.11
N THR E 186 14.29 19.98 14.06
CA THR E 186 15.62 19.39 14.00
C THR E 186 15.70 18.27 15.03
N ASN E 187 16.74 17.47 14.90
CA ASN E 187 17.24 16.59 15.94
C ASN E 187 18.73 16.92 15.98
N GLN E 188 19.12 17.74 16.95
CA GLN E 188 20.50 18.19 17.05
C GLN E 188 21.33 17.05 17.58
N VAL E 189 22.31 16.60 16.81
CA VAL E 189 23.02 15.39 17.16
C VAL E 189 24.50 15.58 16.89
N GLU E 190 25.30 14.70 17.51
CA GLU E 190 26.74 14.74 17.38
C GLU E 190 27.17 13.98 16.13
N ILE E 191 27.83 14.69 15.20
CA ILE E 191 28.20 14.14 13.90
C ILE E 191 29.62 14.59 13.57
N SER E 192 30.51 13.63 13.38
CA SER E 192 31.91 13.96 13.14
C SER E 192 32.63 12.72 12.66
N PRO E 193 33.76 12.89 11.98
CA PRO E 193 34.62 11.75 11.69
C PRO E 193 35.01 10.94 12.93
N VAL E 194 35.15 11.58 14.09
CA VAL E 194 35.54 10.86 15.30
C VAL E 194 34.32 10.33 16.05
N HIS E 195 33.12 10.62 15.58
CA HIS E 195 31.92 10.08 16.21
C HIS E 195 30.88 9.90 15.11
N GLN E 196 30.79 8.69 14.57
CA GLN E 196 29.94 8.35 13.43
C GLN E 196 28.76 7.41 13.69
N PRO E 197 28.42 6.99 14.92
CA PRO E 197 27.41 5.93 15.05
C PRO E 197 26.05 6.34 14.53
N LEU E 198 25.75 7.64 14.45
CA LEU E 198 24.45 8.07 13.94
C LEU E 198 24.32 7.90 12.43
N LEU E 199 25.42 7.66 11.72
CA LEU E 199 25.35 7.42 10.29
C LEU E 199 24.69 6.09 9.95
N LEU E 200 24.70 5.12 10.88
CA LEU E 200 24.17 3.80 10.60
C LEU E 200 23.07 3.32 11.54
N ASP E 201 22.82 3.98 12.66
CA ASP E 201 21.84 3.46 13.60
C ASP E 201 20.41 3.93 13.32
N GLY E 202 20.17 4.58 12.18
CA GLY E 202 18.85 5.02 11.82
C GLY E 202 18.54 6.46 12.14
N THR E 203 19.36 7.12 12.97
CA THR E 203 19.10 8.50 13.31
C THR E 203 19.08 9.38 12.07
N LEU E 204 20.12 9.28 11.23
CA LEU E 204 20.14 10.09 10.03
C LEU E 204 19.32 9.49 8.89
N ASP E 205 19.03 8.19 8.89
CA ASP E 205 18.04 7.66 7.94
C ASP E 205 16.70 8.38 8.12
N GLN E 206 16.25 8.47 9.37
CA GLN E 206 14.95 9.06 9.67
C GLN E 206 14.90 10.53 9.27
N LEU E 207 15.95 11.29 9.61
CA LEU E 207 15.99 12.71 9.30
C LEU E 207 15.95 12.93 7.78
N GLN E 208 16.79 12.21 7.02
CA GLN E 208 16.68 12.27 5.56
C GLN E 208 15.28 11.92 5.10
N GLN E 209 14.71 10.85 5.67
CA GLN E 209 13.42 10.39 5.16
C GLN E 209 12.37 11.47 5.31
N LEU E 210 12.38 12.18 6.43
CA LEU E 210 11.37 13.20 6.74
C LEU E 210 11.74 14.58 6.22
N ARG E 211 12.96 14.75 5.69
CA ARG E 211 13.45 16.05 5.22
C ARG E 211 13.53 17.03 6.38
N ILE E 212 14.02 16.53 7.51
CA ILE E 212 14.34 17.35 8.66
C ILE E 212 15.86 17.36 8.81
N ARG E 213 16.44 18.55 8.95
CA ARG E 213 17.90 18.62 8.91
C ARG E 213 18.50 18.62 10.31
N PRO E 214 19.52 17.82 10.60
CA PRO E 214 20.17 17.89 11.93
C PRO E 214 21.15 19.05 12.02
N MET E 215 21.03 19.85 13.08
CA MET E 215 22.15 20.65 13.55
C MET E 215 23.20 19.68 14.09
N ALA E 216 24.46 19.86 13.71
CA ALA E 216 25.51 18.90 14.05
C ALA E 216 26.44 19.50 15.09
N TRP E 217 26.59 18.84 16.24
CA TRP E 217 27.42 19.39 17.30
C TRP E 217 28.72 18.60 17.46
N SER E 218 29.69 19.29 18.07
CA SER E 218 31.08 18.84 18.22
C SER E 218 31.60 18.19 16.95
N CYS E 219 31.51 18.95 15.85
CA CYS E 219 32.05 18.48 14.58
C CYS E 219 33.55 18.25 14.64
N LEU E 220 34.27 18.96 15.53
CA LEU E 220 35.70 18.77 15.67
C LEU E 220 36.06 17.96 16.92
N GLY E 221 35.16 17.11 17.40
CA GLY E 221 35.37 16.31 18.59
C GLY E 221 35.58 17.12 19.86
N GLY E 222 35.06 18.34 19.91
CA GLY E 222 35.36 19.22 21.04
C GLY E 222 36.84 19.44 21.23
N GLY E 223 37.60 19.55 20.14
CA GLY E 223 39.03 19.70 20.20
C GLY E 223 39.82 18.40 20.17
N ARG E 224 39.16 17.25 20.27
CA ARG E 224 39.89 15.98 20.29
C ARG E 224 40.49 15.63 18.93
N LEU E 225 39.96 16.19 17.85
CA LEU E 225 40.53 15.95 16.52
C LEU E 225 42.02 16.30 16.49
N PHE E 226 42.39 17.43 17.07
CA PHE E 226 43.77 17.90 17.00
C PHE E 226 44.63 17.25 18.08
N ASN E 227 44.06 17.07 19.27
CA ASN E 227 44.86 16.73 20.46
C ASN E 227 45.18 15.25 20.53
N GLU E 228 44.15 14.39 20.49
CA GLU E 228 44.35 12.98 20.76
C GLU E 228 45.26 12.33 19.74
N GLU E 229 46.27 11.59 20.22
CA GLU E 229 47.18 10.86 19.33
C GLU E 229 46.48 9.74 18.58
N CYS E 230 45.36 9.23 19.13
CA CYS E 230 44.60 8.16 18.49
C CYS E 230 44.15 8.54 17.07
N PHE E 231 44.03 9.83 16.77
CA PHE E 231 43.53 10.29 15.49
C PHE E 231 44.63 10.90 14.61
N GLN E 232 45.86 10.40 14.75
CA GLN E 232 46.95 10.87 13.91
C GLN E 232 46.76 10.44 12.46
N ALA E 233 46.26 9.22 12.24
CA ALA E 233 45.98 8.77 10.89
C ALA E 233 44.89 9.61 10.26
N LEU E 234 43.85 9.92 11.04
CA LEU E 234 42.77 10.78 10.57
C LEU E 234 43.30 12.16 10.16
N ARG E 235 44.12 12.77 11.02
CA ARG E 235 44.71 14.06 10.70
C ARG E 235 45.59 13.98 9.47
N ASP E 236 46.29 12.86 9.27
CA ASP E 236 47.10 12.68 8.07
C ASP E 236 46.22 12.64 6.84
N GLU E 237 45.16 11.83 6.87
CA GLU E 237 44.26 11.73 5.72
C GLU E 237 43.59 13.07 5.43
N LEU E 238 43.18 13.79 6.48
CA LEU E 238 42.59 15.12 6.30
C LEU E 238 43.58 16.06 5.63
N ALA E 239 44.85 16.01 6.04
CA ALA E 239 45.85 16.88 5.46
C ALA E 239 46.07 16.55 3.98
N GLN E 240 46.14 15.26 3.65
CA GLN E 240 46.29 14.86 2.25
C GLN E 240 45.12 15.34 1.40
N VAL E 241 43.90 15.04 1.85
CA VAL E 241 42.69 15.46 1.13
C VAL E 241 42.61 17.00 1.04
N ALA E 242 43.02 17.70 2.11
CA ALA E 242 43.04 19.16 2.07
C ALA E 242 43.87 19.66 0.90
N HIS E 243 45.05 19.08 0.72
CA HIS E 243 45.90 19.43 -0.43
C HIS E 243 45.16 19.18 -1.74
N GLU E 244 44.48 18.03 -1.85
CA GLU E 244 43.74 17.70 -3.06
C GLU E 244 42.55 18.62 -3.28
N LEU E 245 42.03 19.25 -2.24
CA LEU E 245 40.83 20.07 -2.37
C LEU E 245 41.14 21.56 -2.36
N ASN E 246 42.42 21.94 -2.43
CA ASN E 246 42.83 23.33 -2.34
C ASN E 246 42.24 23.99 -1.08
N ALA E 247 42.13 23.22 0.01
CA ALA E 247 41.67 23.74 1.29
C ALA E 247 42.82 24.44 2.01
N ASP E 248 42.47 25.13 3.10
CA ASP E 248 43.48 25.77 3.94
C ASP E 248 43.82 24.96 5.19
N SER E 249 42.95 24.06 5.62
CA SER E 249 43.03 23.51 6.97
C SER E 249 42.27 22.21 7.02
N ILE E 250 42.65 21.35 7.98
CA ILE E 250 41.96 20.07 8.08
C ILE E 250 40.55 20.26 8.61
N GLU E 251 40.32 21.31 9.43
CA GLU E 251 38.98 21.52 9.94
C GLU E 251 38.00 21.89 8.82
N GLN E 252 38.46 22.63 7.80
CA GLN E 252 37.63 22.85 6.62
C GLN E 252 37.24 21.52 6.00
N VAL E 253 38.18 20.57 5.96
CA VAL E 253 37.92 19.26 5.36
C VAL E 253 36.92 18.48 6.19
N VAL E 254 37.05 18.54 7.52
CA VAL E 254 36.09 17.89 8.40
C VAL E 254 34.70 18.46 8.17
N TYR E 255 34.59 19.79 8.09
CA TYR E 255 33.30 20.42 7.84
C TYR E 255 32.68 19.94 6.54
N ALA E 256 33.48 19.90 5.46
CA ALA E 256 32.97 19.44 4.16
C ALA E 256 32.58 17.97 4.21
N TRP E 257 33.30 17.17 4.99
CA TRP E 257 32.91 15.76 5.21
C TRP E 257 31.52 15.68 5.85
N VAL E 258 31.24 16.59 6.80
CA VAL E 258 29.95 16.59 7.48
C VAL E 258 28.86 17.12 6.56
N LEU E 259 29.15 18.21 5.84
CA LEU E 259 28.17 18.80 4.94
C LEU E 259 27.77 17.84 3.82
N ARG E 260 28.66 16.91 3.49
CA ARG E 260 28.42 15.98 2.39
CA ARG E 260 28.44 15.97 2.40
C ARG E 260 27.33 14.97 2.72
N LEU E 261 26.95 14.82 3.98
CA LEU E 261 26.00 13.78 4.32
C LEU E 261 24.62 14.11 3.74
N PRO E 262 23.87 13.11 3.27
CA PRO E 262 22.61 13.39 2.56
C PRO E 262 21.47 13.80 3.47
N SER E 263 21.59 13.60 4.79
CA SER E 263 20.70 14.33 5.69
C SER E 263 20.94 15.84 5.68
N GLN E 264 22.05 16.32 5.09
CA GLN E 264 22.38 17.74 4.94
C GLN E 264 22.53 18.43 6.30
N PRO E 265 23.47 17.98 7.14
CA PRO E 265 23.62 18.56 8.48
C PRO E 265 24.09 20.01 8.46
N LEU E 266 23.82 20.70 9.58
CA LEU E 266 24.27 22.05 9.86
C LEU E 266 25.39 21.99 10.88
N PRO E 267 26.65 22.15 10.48
CA PRO E 267 27.74 22.18 11.46
C PRO E 267 27.61 23.42 12.35
N ILE E 268 27.79 23.23 13.65
CA ILE E 268 27.74 24.32 14.61
C ILE E 268 29.17 24.68 14.95
N ILE E 269 29.58 25.90 14.62
CA ILE E 269 30.93 26.36 14.92
C ILE E 269 31.03 26.61 16.42
N GLY E 270 32.12 26.16 17.03
CA GLY E 270 32.25 26.25 18.47
C GLY E 270 33.36 27.17 18.96
N SER E 271 34.13 27.74 18.03
CA SER E 271 35.32 28.52 18.38
C SER E 271 34.96 29.97 18.67
N GLY E 272 35.67 30.55 19.63
CA GLY E 272 35.50 31.94 19.98
C GLY E 272 36.41 32.88 19.24
N LYS E 273 37.18 32.37 18.28
CA LYS E 273 38.10 33.14 17.46
C LYS E 273 37.45 33.38 16.10
N ILE E 274 37.18 34.66 15.79
CA ILE E 274 36.40 34.97 14.58
C ILE E 274 37.15 34.56 13.32
N GLU E 275 38.48 34.52 13.36
CA GLU E 275 39.23 34.06 12.20
CA GLU E 275 39.20 34.07 12.17
C GLU E 275 38.95 32.59 11.89
N ARG E 276 38.69 31.78 12.93
CA ARG E 276 38.34 30.39 12.72
C ARG E 276 36.89 30.24 12.24
N VAL E 277 36.00 31.12 12.69
CA VAL E 277 34.67 31.17 12.11
C VAL E 277 34.75 31.49 10.62
N ARG E 278 35.43 32.60 10.29
CA ARG E 278 35.56 33.01 8.89
C ARG E 278 36.18 31.89 8.05
N SER E 279 37.11 31.12 8.62
CA SER E 279 37.77 30.05 7.90
C SER E 279 36.90 28.80 7.78
N ALA E 280 36.02 28.55 8.76
CA ALA E 280 35.22 27.33 8.76
C ALA E 280 34.25 27.28 7.58
N ILE E 281 33.60 28.40 7.26
CA ILE E 281 32.58 28.41 6.20
C ILE E 281 33.16 28.32 4.79
N VAL E 282 34.49 28.26 4.65
CA VAL E 282 35.07 27.93 3.35
C VAL E 282 34.61 26.55 2.90
N ALA E 283 34.31 25.66 3.85
CA ALA E 283 33.94 24.29 3.54
C ALA E 283 32.77 24.18 2.56
N GLU E 284 31.89 25.19 2.55
CA GLU E 284 30.80 25.24 1.56
C GLU E 284 31.30 25.22 0.13
N LYS E 285 32.58 25.52 -0.10
CA LYS E 285 33.11 25.71 -1.44
C LYS E 285 33.91 24.53 -1.95
N LEU E 286 34.39 23.67 -1.06
CA LEU E 286 35.14 22.51 -1.51
C LEU E 286 34.20 21.48 -2.11
N SER E 287 34.76 20.55 -2.88
CA SER E 287 33.98 19.50 -3.56
C SER E 287 34.62 18.16 -3.27
N MET E 288 34.30 17.61 -2.10
CA MET E 288 34.82 16.30 -1.73
C MET E 288 34.22 15.24 -2.63
N THR E 289 35.08 14.39 -3.22
CA THR E 289 34.62 13.22 -3.94
C THR E 289 34.13 12.15 -2.94
N ARG E 290 33.41 11.15 -3.45
CA ARG E 290 33.05 10.02 -2.59
C ARG E 290 34.29 9.32 -2.05
N GLN E 291 35.34 9.17 -2.88
CA GLN E 291 36.51 8.42 -2.44
C GLN E 291 37.27 9.16 -1.33
N GLN E 292 37.33 10.50 -1.41
CA GLN E 292 37.90 11.27 -0.30
C GLN E 292 37.07 11.10 0.98
N TRP E 293 35.74 11.16 0.86
CA TRP E 293 34.86 10.90 2.00
C TRP E 293 35.16 9.54 2.62
N PHE E 294 35.23 8.49 1.81
CA PHE E 294 35.47 7.15 2.35
C PHE E 294 36.89 6.98 2.87
N ARG E 295 37.87 7.60 2.22
CA ARG E 295 39.23 7.53 2.75
C ARG E 295 39.31 8.18 4.14
N ILE E 296 38.54 9.25 4.36
CA ILE E 296 38.55 9.92 5.67
C ILE E 296 37.79 9.08 6.69
N ARG E 297 36.69 8.45 6.25
CA ARG E 297 35.98 7.52 7.12
C ARG E 297 36.90 6.41 7.64
N LYS E 298 37.57 5.71 6.72
CA LYS E 298 38.46 4.61 7.10
C LYS E 298 39.58 5.09 8.03
N ALA E 299 40.19 6.24 7.72
CA ALA E 299 41.27 6.73 8.56
C ALA E 299 40.81 6.94 10.00
N ALA E 300 39.56 7.37 10.19
CA ALA E 300 39.05 7.59 11.53
C ALA E 300 38.74 6.27 12.22
N LEU E 301 38.03 5.38 11.52
CA LEU E 301 37.58 4.14 12.14
C LEU E 301 38.69 3.10 12.21
N GLY E 302 39.52 3.01 11.18
CA GLY E 302 40.52 1.97 11.07
C GLY E 302 40.13 0.80 10.18
N TYR E 303 38.91 0.76 9.65
CA TYR E 303 38.47 -0.39 8.88
C TYR E 303 37.57 0.07 7.73
N ASP E 304 37.47 -0.78 6.71
CA ASP E 304 36.70 -0.47 5.51
C ASP E 304 35.20 -0.65 5.75
N VAL E 305 34.41 -0.14 4.81
CA VAL E 305 32.97 -0.38 4.80
C VAL E 305 32.74 -1.85 4.46
N PRO E 306 31.62 -2.48 4.89
CA PRO E 306 31.36 -3.90 4.57
C PRO E 306 31.20 -4.21 3.08
N MET F 9 14.93 9.22 -40.39
CA MET F 9 13.68 8.55 -40.73
C MET F 9 12.65 8.56 -39.59
N VAL F 10 11.62 7.71 -39.75
CA VAL F 10 10.50 7.65 -38.83
C VAL F 10 10.96 7.21 -37.44
N GLN F 11 10.38 7.83 -36.40
CA GLN F 11 10.69 7.50 -35.01
C GLN F 11 10.45 6.03 -34.73
N ARG F 12 11.35 5.43 -33.93
CA ARG F 12 11.19 4.09 -33.39
C ARG F 12 10.51 4.15 -32.03
N ILE F 13 9.66 3.18 -31.72
CA ILE F 13 8.96 3.20 -30.44
C ILE F 13 8.83 1.77 -29.91
N ALA F 14 9.14 1.60 -28.62
CA ALA F 14 8.98 0.31 -27.96
C ALA F 14 7.51 0.11 -27.63
N MET F 15 6.95 -1.01 -28.10
CA MET F 15 5.51 -1.23 -27.97
C MET F 15 5.08 -1.54 -26.54
N ALA F 16 5.95 -2.18 -25.76
CA ALA F 16 5.66 -2.55 -24.38
C ALA F 16 6.98 -2.73 -23.65
N PRO F 17 6.96 -2.70 -22.31
CA PRO F 17 8.19 -3.00 -21.57
C PRO F 17 8.73 -4.35 -22.01
N GLN F 18 9.98 -4.35 -22.44
CA GLN F 18 10.66 -5.50 -23.04
C GLN F 18 9.93 -5.99 -24.30
N GLY F 19 9.09 -5.16 -24.92
CA GLY F 19 8.36 -5.55 -26.11
C GLY F 19 9.07 -5.21 -27.40
N PRO F 20 8.39 -5.39 -28.54
CA PRO F 20 9.04 -5.11 -29.83
C PRO F 20 9.16 -3.62 -30.12
N GLU F 21 10.17 -3.30 -30.91
CA GLU F 21 10.35 -1.95 -31.41
C GLU F 21 9.73 -1.87 -32.80
N PHE F 22 8.77 -0.97 -32.96
CA PHE F 22 8.06 -0.70 -34.19
C PHE F 22 8.43 0.69 -34.70
N SER F 23 8.06 0.97 -35.95
CA SER F 23 8.09 2.34 -36.43
C SER F 23 6.83 3.05 -35.96
N ARG F 24 6.97 4.33 -35.61
CA ARG F 24 5.85 5.07 -35.02
C ARG F 24 4.68 5.18 -36.00
N PHE F 25 4.96 5.18 -37.30
CA PHE F 25 3.96 5.04 -38.34
C PHE F 25 3.97 3.63 -38.89
N VAL F 26 2.78 3.10 -39.12
CA VAL F 26 2.55 1.73 -39.58
C VAL F 26 1.89 1.79 -40.95
N MET F 27 2.22 0.82 -41.82
CA MET F 27 1.56 0.70 -43.12
C MET F 27 0.49 -0.39 -43.04
N GLY F 28 -0.76 -0.01 -43.29
CA GLY F 28 -1.88 -0.94 -43.21
C GLY F 28 -2.32 -1.43 -44.57
N TYR F 29 -2.53 -2.74 -44.68
CA TYR F 29 -2.82 -3.41 -45.94
C TYR F 29 -4.25 -3.94 -46.01
N TRP F 30 -5.15 -3.35 -45.23
CA TRP F 30 -6.58 -3.71 -45.30
C TRP F 30 -7.12 -3.57 -46.71
N ARG F 31 -6.73 -2.51 -47.40
CA ARG F 31 -7.27 -2.14 -48.71
C ARG F 31 -6.33 -2.51 -49.86
N LEU F 32 -5.41 -3.46 -49.63
CA LEU F 32 -4.46 -3.85 -50.66
C LEU F 32 -5.15 -4.25 -51.94
N MET F 33 -6.18 -5.12 -51.86
CA MET F 33 -6.87 -5.54 -53.06
C MET F 33 -7.54 -4.37 -53.78
N ASP F 34 -7.92 -3.32 -53.05
CA ASP F 34 -8.55 -2.19 -53.72
C ASP F 34 -7.56 -1.45 -54.62
N TRP F 35 -6.27 -1.53 -54.32
CA TRP F 35 -5.28 -0.80 -55.08
C TRP F 35 -5.01 -1.41 -56.45
N LYS F 36 -5.34 -2.70 -56.63
CA LYS F 36 -5.13 -3.40 -57.90
C LYS F 36 -3.67 -3.28 -58.35
N MET F 37 -2.76 -3.54 -57.43
CA MET F 37 -1.34 -3.53 -57.72
C MET F 37 -0.87 -4.93 -58.14
N SER F 38 -0.03 -4.99 -59.17
CA SER F 38 0.69 -6.21 -59.51
C SER F 38 1.72 -6.52 -58.41
N PRO F 39 2.21 -7.76 -58.35
CA PRO F 39 3.24 -8.06 -57.34
C PRO F 39 4.50 -7.21 -57.48
N GLY F 40 4.90 -6.91 -58.72
CA GLY F 40 6.06 -6.06 -58.95
C GLY F 40 5.83 -4.64 -58.49
N GLU F 41 4.61 -4.12 -58.68
CA GLU F 41 4.28 -2.79 -58.15
C GLU F 41 4.30 -2.77 -56.63
N LEU F 42 3.82 -3.85 -56.01
CA LEU F 42 3.78 -3.94 -54.55
C LEU F 42 5.18 -3.97 -53.96
N VAL F 43 6.09 -4.72 -54.59
CA VAL F 43 7.50 -4.72 -54.16
C VAL F 43 8.03 -3.29 -54.06
N SER F 44 7.79 -2.49 -55.10
CA SER F 44 8.28 -1.12 -55.08
C SER F 44 7.58 -0.29 -54.00
N PHE F 45 6.27 -0.46 -53.85
CA PHE F 45 5.54 0.24 -52.80
C PHE F 45 6.13 -0.09 -51.43
N ILE F 46 6.40 -1.36 -51.17
CA ILE F 46 6.98 -1.76 -49.89
C ILE F 46 8.36 -1.13 -49.72
N GLU F 47 9.25 -1.33 -50.69
CA GLU F 47 10.59 -0.77 -50.60
C GLU F 47 10.56 0.74 -50.38
N GLN F 48 9.61 1.43 -50.99
CA GLN F 48 9.54 2.87 -50.84
C GLN F 48 9.12 3.28 -49.44
N HIS F 49 8.13 2.60 -48.86
CA HIS F 49 7.75 3.06 -47.54
C HIS F 49 8.75 2.59 -46.49
N LEU F 50 9.39 1.44 -46.69
CA LEU F 50 10.51 1.03 -45.84
C LEU F 50 11.62 2.08 -45.84
N ASP F 51 11.95 2.62 -47.02
CA ASP F 51 13.00 3.63 -47.12
C ASP F 51 12.63 4.89 -46.35
N LEU F 52 11.34 5.14 -46.17
CA LEU F 52 10.89 6.26 -45.37
C LEU F 52 11.04 6.02 -43.88
N GLY F 53 11.26 4.77 -43.46
CA GLY F 53 11.25 4.42 -42.05
C GLY F 53 9.96 3.78 -41.56
N VAL F 54 8.97 3.61 -42.42
CA VAL F 54 7.76 2.87 -42.06
C VAL F 54 8.07 1.39 -42.18
N THR F 55 8.51 0.78 -41.07
CA THR F 55 8.97 -0.60 -41.10
C THR F 55 7.89 -1.59 -40.69
N THR F 56 6.93 -1.17 -39.88
CA THR F 56 5.87 -2.03 -39.38
C THR F 56 4.69 -2.06 -40.34
N VAL F 57 4.21 -3.26 -40.67
CA VAL F 57 3.09 -3.46 -41.58
C VAL F 57 1.99 -4.25 -40.87
N ASP F 58 0.74 -3.91 -41.16
CA ASP F 58 -0.42 -4.45 -40.45
C ASP F 58 -1.31 -5.21 -41.41
N HIS F 59 -1.59 -6.48 -41.07
CA HIS F 59 -2.36 -7.40 -41.88
C HIS F 59 -3.46 -8.06 -41.05
N ALA F 60 -4.27 -8.88 -41.72
CA ALA F 60 -5.20 -9.76 -41.03
C ALA F 60 -5.51 -10.93 -41.95
N ASP F 61 -5.86 -12.08 -41.35
CA ASP F 61 -6.23 -13.22 -42.18
C ASP F 61 -7.45 -12.91 -43.03
N ILE F 62 -8.39 -12.12 -42.52
CA ILE F 62 -9.66 -11.93 -43.22
C ILE F 62 -9.57 -10.89 -44.33
N TYR F 63 -8.54 -10.03 -44.32
CA TYR F 63 -8.51 -8.87 -45.20
C TYR F 63 -8.55 -9.27 -46.68
N GLY F 64 -9.33 -8.52 -47.44
CA GLY F 64 -9.45 -8.75 -48.86
C GLY F 64 -10.10 -10.07 -49.20
N ASP F 65 -11.09 -10.48 -48.42
CA ASP F 65 -11.68 -11.82 -48.51
C ASP F 65 -10.61 -12.89 -48.45
N TYR F 66 -9.74 -12.77 -47.44
CA TYR F 66 -8.64 -13.73 -47.20
C TYR F 66 -7.67 -13.75 -48.37
N GLN F 67 -7.35 -12.58 -48.92
CA GLN F 67 -6.45 -12.49 -50.06
C GLN F 67 -5.28 -11.53 -49.87
N CYS F 68 -5.38 -10.55 -48.97
CA CYS F 68 -4.32 -9.55 -48.86
C CYS F 68 -3.00 -10.16 -48.37
N GLU F 69 -3.04 -11.03 -47.35
CA GLU F 69 -1.82 -11.66 -46.86
C GLU F 69 -1.05 -12.34 -47.98
N ALA F 70 -1.75 -13.13 -48.79
CA ALA F 70 -1.10 -13.88 -49.86
C ALA F 70 -0.54 -12.95 -50.92
N ALA F 71 -1.27 -11.88 -51.24
CA ALA F 71 -0.78 -10.87 -52.18
C ALA F 71 0.49 -10.20 -51.66
N PHE F 72 0.53 -9.89 -50.36
CA PHE F 72 1.76 -9.37 -49.75
C PHE F 72 2.90 -10.39 -49.86
N GLY F 73 2.59 -11.68 -49.71
CA GLY F 73 3.61 -12.70 -49.82
C GLY F 73 4.21 -12.85 -51.20
N GLU F 74 3.42 -12.64 -52.24
CA GLU F 74 3.95 -12.69 -53.60
C GLU F 74 5.03 -11.64 -53.80
N ALA F 75 4.85 -10.46 -53.18
CA ALA F 75 5.89 -9.44 -53.21
C ALA F 75 7.14 -9.88 -52.46
N LEU F 76 6.96 -10.45 -51.25
CA LEU F 76 8.11 -10.87 -50.46
C LEU F 76 8.87 -12.01 -51.12
N LYS F 77 8.19 -12.83 -51.93
CA LYS F 77 8.89 -13.88 -52.66
C LYS F 77 9.80 -13.28 -53.74
N ARG F 78 9.39 -12.17 -54.35
CA ARG F 78 10.23 -11.49 -55.31
C ARG F 78 11.48 -10.92 -54.64
N ALA F 79 11.34 -10.43 -53.41
CA ALA F 79 12.40 -9.71 -52.70
C ALA F 79 12.49 -10.21 -51.26
N PRO F 80 13.00 -11.43 -51.07
CA PRO F 80 12.98 -12.01 -49.71
C PRO F 80 13.85 -11.25 -48.73
N HIS F 81 14.87 -10.53 -49.21
CA HIS F 81 15.72 -9.74 -48.33
C HIS F 81 14.95 -8.66 -47.57
N LEU F 82 13.75 -8.32 -48.01
CA LEU F 82 12.98 -7.27 -47.34
C LEU F 82 12.34 -7.72 -46.03
N ARG F 83 12.10 -9.02 -45.83
CA ARG F 83 11.45 -9.46 -44.59
C ARG F 83 12.25 -9.01 -43.38
N SER F 84 13.57 -9.05 -43.49
CA SER F 84 14.44 -8.71 -42.38
C SER F 84 14.41 -7.22 -42.05
N ARG F 85 13.84 -6.38 -42.91
CA ARG F 85 13.77 -4.94 -42.69
C ARG F 85 12.43 -4.48 -42.10
N MET F 86 11.46 -5.38 -41.94
CA MET F 86 10.12 -4.99 -41.54
C MET F 86 9.70 -5.78 -40.32
N GLU F 87 8.69 -5.25 -39.62
CA GLU F 87 7.96 -5.95 -38.56
C GLU F 87 6.55 -6.24 -39.08
N ILE F 88 6.16 -7.50 -39.06
CA ILE F 88 4.87 -7.92 -39.60
C ILE F 88 3.91 -8.15 -38.44
N VAL F 89 2.77 -7.47 -38.52
CA VAL F 89 1.62 -7.70 -37.65
C VAL F 89 0.54 -8.33 -38.49
N SER F 90 -0.05 -9.42 -38.00
CA SER F 90 -1.28 -9.99 -38.55
C SER F 90 -2.25 -10.29 -37.40
N LYS F 91 -3.43 -10.79 -37.74
CA LYS F 91 -4.52 -10.99 -36.79
C LYS F 91 -5.32 -12.24 -37.12
N CYS F 92 -5.98 -12.77 -36.11
CA CYS F 92 -7.00 -13.80 -36.29
C CYS F 92 -8.09 -13.58 -35.25
N GLY F 93 -9.14 -14.39 -35.36
CA GLY F 93 -10.26 -14.39 -34.43
C GLY F 93 -11.60 -14.08 -35.06
N ILE F 94 -11.62 -13.50 -36.26
CA ILE F 94 -12.87 -13.19 -36.97
C ILE F 94 -13.12 -14.27 -38.03
N ALA F 95 -14.38 -14.65 -38.20
CA ALA F 95 -14.80 -15.52 -39.28
C ALA F 95 -15.89 -14.81 -40.08
N THR F 96 -15.60 -14.51 -41.35
CA THR F 96 -16.51 -13.81 -42.25
C THR F 96 -17.25 -14.79 -43.16
N ARG F 97 -18.31 -14.27 -43.80
CA ARG F 97 -19.09 -15.06 -44.75
C ARG F 97 -18.43 -15.16 -46.12
N ALA F 98 -17.22 -14.62 -46.28
CA ALA F 98 -16.48 -14.85 -47.51
C ALA F 98 -16.22 -16.34 -47.72
N ARG F 99 -16.14 -17.11 -46.63
CA ARG F 99 -15.99 -18.55 -46.70
C ARG F 99 -17.36 -19.23 -46.68
N ALA F 100 -17.54 -20.21 -47.58
CA ALA F 100 -18.86 -20.83 -47.75
C ALA F 100 -19.32 -21.53 -46.47
N GLU F 101 -18.38 -22.08 -45.70
CA GLU F 101 -18.70 -22.82 -44.48
C GLU F 101 -19.27 -21.92 -43.38
N ASN F 102 -19.15 -20.60 -43.50
CA ASN F 102 -19.64 -19.67 -42.49
C ASN F 102 -20.93 -19.02 -42.98
N THR F 103 -22.06 -19.43 -42.41
CA THR F 103 -23.34 -18.80 -42.75
C THR F 103 -23.53 -17.44 -42.11
N ILE F 104 -22.82 -17.15 -41.01
CA ILE F 104 -22.95 -15.89 -40.29
C ILE F 104 -21.56 -15.37 -39.97
N GLY F 105 -21.45 -14.04 -39.88
CA GLY F 105 -20.24 -13.44 -39.34
C GLY F 105 -20.17 -13.66 -37.83
N HIS F 106 -19.05 -14.17 -37.36
CA HIS F 106 -18.88 -14.51 -35.95
C HIS F 106 -17.39 -14.50 -35.60
N TYR F 107 -17.05 -15.07 -34.46
CA TYR F 107 -15.68 -15.11 -33.95
C TYR F 107 -15.30 -16.56 -33.69
N ILE F 108 -14.03 -16.88 -33.93
CA ILE F 108 -13.47 -18.18 -33.60
C ILE F 108 -12.17 -17.89 -32.86
N THR F 109 -12.16 -18.12 -31.54
CA THR F 109 -10.94 -17.88 -30.77
C THR F 109 -10.50 -19.14 -30.03
N ASP F 110 -10.83 -20.32 -30.54
CA ASP F 110 -10.39 -21.57 -29.95
CA ASP F 110 -10.37 -21.53 -29.89
C ASP F 110 -8.90 -21.76 -30.19
N ARG F 111 -8.27 -22.63 -29.39
CA ARG F 111 -6.83 -22.83 -29.46
C ARG F 111 -6.39 -23.21 -30.88
N ASP F 112 -6.99 -24.26 -31.45
CA ASP F 112 -6.48 -24.78 -32.72
C ASP F 112 -6.67 -23.77 -33.85
N HIS F 113 -7.79 -23.04 -33.85
CA HIS F 113 -8.05 -22.07 -34.90
C HIS F 113 -7.00 -20.97 -34.95
N ILE F 114 -6.55 -20.49 -33.78
CA ILE F 114 -5.52 -19.45 -33.72
C ILE F 114 -4.21 -19.98 -34.27
N VAL F 115 -3.82 -21.19 -33.84
CA VAL F 115 -2.56 -21.79 -34.29
C VAL F 115 -2.57 -21.96 -35.81
N LEU F 116 -3.63 -22.59 -36.34
CA LEU F 116 -3.67 -22.81 -37.79
C LEU F 116 -3.77 -21.49 -38.55
N SER F 117 -4.46 -20.50 -37.98
CA SER F 117 -4.57 -19.20 -38.63
C SER F 117 -3.20 -18.53 -38.72
N ALA F 118 -2.45 -18.55 -37.62
CA ALA F 118 -1.11 -17.96 -37.63
C ALA F 118 -0.19 -18.73 -38.58
N GLU F 119 -0.29 -20.06 -38.59
CA GLU F 119 0.52 -20.85 -39.51
C GLU F 119 0.15 -20.56 -40.96
N GLN F 120 -1.15 -20.37 -41.24
CA GLN F 120 -1.54 -20.00 -42.59
C GLN F 120 -1.00 -18.62 -42.95
N SER F 121 -1.02 -17.70 -41.97
CA SER F 121 -0.43 -16.38 -42.18
C SER F 121 1.02 -16.51 -42.61
N LEU F 122 1.75 -17.45 -42.02
CA LEU F 122 3.14 -17.66 -42.42
C LEU F 122 3.22 -18.12 -43.87
N ARG F 123 2.37 -19.07 -44.25
CA ARG F 123 2.38 -19.53 -45.63
C ARG F 123 1.92 -18.44 -46.58
N ASN F 124 0.89 -17.68 -46.20
CA ASN F 124 0.42 -16.61 -47.07
C ASN F 124 1.50 -15.55 -47.26
N LEU F 125 2.15 -15.15 -46.16
CA LEU F 125 3.11 -14.06 -46.16
C LEU F 125 4.49 -14.49 -46.62
N ALA F 126 4.70 -15.79 -46.88
CA ALA F 126 5.98 -16.33 -47.29
C ALA F 126 7.09 -15.94 -46.31
N THR F 127 6.83 -16.14 -45.02
CA THR F 127 7.78 -15.86 -43.96
C THR F 127 7.69 -16.94 -42.89
N ASP F 128 8.76 -17.07 -42.11
CA ASP F 128 8.84 -18.09 -41.05
C ASP F 128 8.42 -17.57 -39.68
N HIS F 129 8.11 -16.29 -39.55
CA HIS F 129 7.65 -15.81 -38.26
C HIS F 129 6.83 -14.54 -38.42
N LEU F 130 5.89 -14.35 -37.51
CA LEU F 130 5.20 -13.07 -37.34
C LEU F 130 5.90 -12.34 -36.21
N ASP F 131 5.99 -11.02 -36.33
CA ASP F 131 6.49 -10.25 -35.20
C ASP F 131 5.43 -10.12 -34.11
N LEU F 132 4.18 -9.95 -34.53
CA LEU F 132 3.07 -9.70 -33.61
C LEU F 132 1.81 -10.31 -34.20
N LEU F 133 1.05 -11.02 -33.35
CA LEU F 133 -0.24 -11.59 -33.71
C LEU F 133 -1.28 -11.03 -32.75
N LEU F 134 -2.38 -10.51 -33.30
CA LEU F 134 -3.46 -9.94 -32.51
C LEU F 134 -4.70 -10.83 -32.54
N ILE F 135 -5.39 -10.94 -31.41
CA ILE F 135 -6.79 -11.34 -31.48
C ILE F 135 -7.54 -10.13 -32.02
N HIS F 136 -8.29 -10.34 -33.11
CA HIS F 136 -8.80 -9.23 -33.90
C HIS F 136 -9.94 -8.50 -33.20
N ARG F 137 -10.78 -9.22 -32.47
CA ARG F 137 -11.94 -8.63 -31.81
C ARG F 137 -12.19 -9.36 -30.50
N PRO F 138 -12.64 -8.65 -29.47
CA PRO F 138 -13.05 -9.36 -28.25
C PRO F 138 -14.24 -10.24 -28.56
N ASP F 139 -14.21 -11.44 -28.03
CA ASP F 139 -15.17 -12.48 -28.37
C ASP F 139 -15.90 -12.93 -27.13
N PRO F 140 -17.23 -12.86 -27.08
CA PRO F 140 -17.96 -13.32 -25.90
C PRO F 140 -17.72 -14.79 -25.58
N LEU F 141 -17.29 -15.60 -26.54
CA LEU F 141 -16.92 -16.98 -26.29
C LEU F 141 -15.41 -17.16 -26.07
N MET F 142 -14.64 -16.09 -25.92
CA MET F 142 -13.20 -16.24 -25.74
C MET F 142 -12.91 -16.91 -24.40
N ASP F 143 -12.24 -18.05 -24.45
CA ASP F 143 -11.73 -18.72 -23.27
C ASP F 143 -10.26 -18.34 -23.18
N ALA F 144 -9.92 -17.51 -22.18
CA ALA F 144 -8.58 -16.95 -22.11
C ALA F 144 -7.52 -18.03 -21.95
N ASP F 145 -7.85 -19.13 -21.28
CA ASP F 145 -6.91 -20.24 -21.17
C ASP F 145 -6.60 -20.83 -22.54
N GLU F 146 -7.62 -20.97 -23.40
CA GLU F 146 -7.39 -21.57 -24.71
CA GLU F 146 -7.42 -21.55 -24.73
C GLU F 146 -6.59 -20.63 -25.61
N VAL F 147 -6.82 -19.32 -25.52
CA VAL F 147 -6.00 -18.36 -26.28
C VAL F 147 -4.55 -18.41 -25.81
N ALA F 148 -4.36 -18.44 -24.49
CA ALA F 148 -3.01 -18.46 -23.95
C ALA F 148 -2.28 -19.72 -24.39
N GLU F 149 -3.00 -20.85 -24.40
CA GLU F 149 -2.44 -22.12 -24.84
C GLU F 149 -1.91 -22.02 -26.27
N ALA F 150 -2.67 -21.41 -27.17
CA ALA F 150 -2.19 -21.22 -28.54
C ALA F 150 -0.99 -20.29 -28.58
N PHE F 151 -1.05 -19.17 -27.84
CA PHE F 151 0.07 -18.24 -27.84
C PHE F 151 1.34 -18.93 -27.35
N LEU F 152 1.23 -19.73 -26.29
CA LEU F 152 2.39 -20.46 -25.81
C LEU F 152 2.94 -21.37 -26.88
N ALA F 153 2.05 -22.08 -27.58
CA ALA F 153 2.51 -22.99 -28.62
C ALA F 153 3.15 -22.22 -29.78
N LEU F 154 2.54 -21.10 -30.18
CA LEU F 154 3.10 -20.28 -31.26
C LEU F 154 4.43 -19.67 -30.86
N HIS F 155 4.54 -19.20 -29.62
CA HIS F 155 5.81 -18.64 -29.16
C HIS F 155 6.86 -19.74 -29.05
N HIS F 156 6.48 -20.90 -28.53
CA HIS F 156 7.44 -22.00 -28.32
C HIS F 156 7.99 -22.51 -29.64
N SER F 157 7.18 -22.48 -30.70
CA SER F 157 7.67 -22.91 -32.00
C SER F 157 8.41 -21.82 -32.74
N GLY F 158 8.48 -20.61 -32.18
CA GLY F 158 9.17 -19.52 -32.84
C GLY F 158 8.40 -18.90 -33.98
N LYS F 159 7.13 -19.26 -34.15
CA LYS F 159 6.35 -18.78 -35.28
C LYS F 159 5.84 -17.37 -35.07
N VAL F 160 5.66 -16.98 -33.82
CA VAL F 160 5.19 -15.63 -33.48
C VAL F 160 6.02 -15.11 -32.32
N ARG F 161 6.55 -13.90 -32.48
CA ARG F 161 7.43 -13.33 -31.46
CA ARG F 161 7.43 -13.30 -31.48
C ARG F 161 6.64 -12.67 -30.34
N HIS F 162 5.59 -11.91 -30.68
CA HIS F 162 4.87 -11.14 -29.67
C HIS F 162 3.39 -11.24 -29.93
N PHE F 163 2.59 -10.92 -28.91
CA PHE F 163 1.16 -11.13 -28.96
C PHE F 163 0.43 -9.89 -28.44
N GLY F 164 -0.74 -9.64 -29.02
CA GLY F 164 -1.54 -8.53 -28.60
C GLY F 164 -3.00 -8.73 -28.98
N VAL F 165 -3.77 -7.66 -28.82
CA VAL F 165 -5.21 -7.69 -29.02
C VAL F 165 -5.60 -6.46 -29.83
N SER F 166 -6.86 -6.45 -30.27
CA SER F 166 -7.40 -5.32 -31.00
C SER F 166 -8.85 -5.12 -30.58
N ASN F 167 -9.22 -3.86 -30.30
CA ASN F 167 -10.59 -3.48 -29.96
C ASN F 167 -11.06 -4.07 -28.63
N PHE F 168 -10.14 -4.38 -27.73
CA PHE F 168 -10.50 -4.91 -26.43
C PHE F 168 -10.82 -3.77 -25.46
N THR F 169 -11.81 -3.99 -24.60
CA THR F 169 -11.98 -3.11 -23.47
C THR F 169 -10.88 -3.41 -22.44
N PRO F 170 -10.64 -2.51 -21.48
CA PRO F 170 -9.67 -2.83 -20.44
C PRO F 170 -9.98 -4.13 -19.71
N ALA F 171 -11.25 -4.42 -19.44
CA ALA F 171 -11.59 -5.66 -18.73
C ALA F 171 -11.26 -6.90 -19.56
N GLN F 172 -11.50 -6.85 -20.88
CA GLN F 172 -11.10 -7.96 -21.75
C GLN F 172 -9.57 -8.03 -21.85
N PHE F 173 -8.91 -6.87 -21.92
CA PHE F 173 -7.45 -6.85 -21.95
C PHE F 173 -6.87 -7.53 -20.72
N THR F 174 -7.37 -7.18 -19.54
CA THR F 174 -6.85 -7.72 -18.29
C THR F 174 -7.13 -9.22 -18.19
N LEU F 175 -8.29 -9.65 -18.66
CA LEU F 175 -8.62 -11.08 -18.60
C LEU F 175 -7.58 -11.91 -19.33
N LEU F 176 -7.25 -11.53 -20.57
CA LEU F 176 -6.28 -12.30 -21.35
C LEU F 176 -4.87 -12.16 -20.79
N GLN F 177 -4.46 -10.95 -20.43
CA GLN F 177 -3.13 -10.74 -19.90
C GLN F 177 -2.87 -11.58 -18.65
N SER F 178 -3.92 -11.86 -17.87
CA SER F 178 -3.76 -12.62 -16.63
C SER F 178 -3.31 -14.05 -16.90
N ARG F 179 -3.51 -14.56 -18.11
CA ARG F 179 -3.12 -15.93 -18.44
C ARG F 179 -1.74 -16.03 -19.06
N LEU F 180 -1.10 -14.88 -19.42
CA LEU F 180 0.11 -14.91 -20.25
C LEU F 180 1.37 -14.55 -19.47
N PRO F 181 2.45 -15.30 -19.67
CA PRO F 181 3.72 -14.99 -18.98
C PRO F 181 4.51 -13.83 -19.60
N PHE F 182 4.06 -13.26 -20.71
CA PHE F 182 4.67 -12.09 -21.33
C PHE F 182 3.61 -11.02 -21.50
N THR F 183 4.05 -9.77 -21.64
CA THR F 183 3.14 -8.64 -21.74
C THR F 183 2.51 -8.56 -23.12
N LEU F 184 1.21 -8.30 -23.15
CA LEU F 184 0.56 -7.98 -24.42
C LEU F 184 1.17 -6.72 -25.01
N ALA F 185 1.51 -6.78 -26.31
CA ALA F 185 2.34 -5.77 -26.95
C ALA F 185 1.56 -4.61 -27.53
N THR F 186 0.25 -4.73 -27.68
CA THR F 186 -0.56 -3.61 -28.14
C THR F 186 -2.02 -3.93 -27.87
N ASN F 187 -2.84 -2.88 -27.95
CA ASN F 187 -4.29 -3.00 -28.11
C ASN F 187 -4.62 -2.10 -29.29
N GLN F 188 -4.82 -2.69 -30.47
CA GLN F 188 -5.02 -1.89 -31.67
C GLN F 188 -6.46 -1.40 -31.67
N VAL F 189 -6.64 -0.08 -31.61
CA VAL F 189 -7.95 0.51 -31.41
C VAL F 189 -8.15 1.69 -32.34
N GLU F 190 -9.41 2.08 -32.51
CA GLU F 190 -9.78 3.19 -33.39
C GLU F 190 -9.64 4.50 -32.63
N ILE F 191 -8.76 5.39 -33.13
CA ILE F 191 -8.47 6.69 -32.53
C ILE F 191 -8.44 7.73 -33.63
N SER F 192 -9.33 8.71 -33.54
CA SER F 192 -9.34 9.82 -34.49
C SER F 192 -10.13 10.96 -33.88
N PRO F 193 -10.03 12.16 -34.43
CA PRO F 193 -10.95 13.22 -34.01
C PRO F 193 -12.41 12.87 -34.31
N VAL F 194 -12.68 12.08 -35.35
CA VAL F 194 -14.07 11.71 -35.64
C VAL F 194 -14.52 10.54 -34.79
N HIS F 195 -13.62 9.94 -34.02
CA HIS F 195 -13.99 8.84 -33.13
C HIS F 195 -13.13 8.92 -31.86
N GLN F 196 -13.65 9.61 -30.84
CA GLN F 196 -12.89 9.87 -29.62
C GLN F 196 -13.29 9.13 -28.34
N PRO F 197 -14.20 8.14 -28.34
CA PRO F 197 -14.66 7.61 -27.03
C PRO F 197 -13.56 6.92 -26.24
N LEU F 198 -12.51 6.40 -26.88
CA LEU F 198 -11.50 5.70 -26.10
C LEU F 198 -10.62 6.63 -25.29
N LEU F 199 -10.64 7.93 -25.59
CA LEU F 199 -9.88 8.89 -24.81
C LEU F 199 -10.42 8.98 -23.39
N LEU F 200 -11.71 8.71 -23.19
CA LEU F 200 -12.32 8.86 -21.88
C LEU F 200 -12.79 7.57 -21.22
N ASP F 201 -12.94 6.47 -21.95
CA ASP F 201 -13.58 5.29 -21.38
C ASP F 201 -12.61 4.35 -20.63
N GLY F 202 -11.34 4.72 -20.47
CA GLY F 202 -10.39 3.88 -19.78
C GLY F 202 -9.45 3.11 -20.68
N THR F 203 -9.76 2.98 -21.97
CA THR F 203 -8.89 2.20 -22.86
C THR F 203 -7.49 2.80 -22.95
N LEU F 204 -7.42 4.09 -23.23
CA LEU F 204 -6.13 4.77 -23.32
C LEU F 204 -5.50 5.06 -21.94
N ASP F 205 -6.29 5.15 -20.87
CA ASP F 205 -5.72 5.25 -19.52
C ASP F 205 -4.92 3.99 -19.17
N GLN F 206 -5.52 2.82 -19.43
CA GLN F 206 -4.86 1.56 -19.12
C GLN F 206 -3.55 1.40 -19.89
N LEU F 207 -3.58 1.67 -21.20
CA LEU F 207 -2.39 1.54 -22.03
C LEU F 207 -1.29 2.49 -21.57
N GLN F 208 -1.63 3.76 -21.29
CA GLN F 208 -0.60 4.64 -20.73
C GLN F 208 -0.09 4.11 -19.40
N GLN F 209 -1.00 3.61 -18.55
CA GLN F 209 -0.56 3.16 -17.23
C GLN F 209 0.45 2.04 -17.33
N LEU F 210 0.20 1.06 -18.21
CA LEU F 210 1.06 -0.10 -18.42
C LEU F 210 2.21 0.15 -19.38
N ARG F 211 2.27 1.32 -20.03
CA ARG F 211 3.33 1.67 -21.01
C ARG F 211 3.25 0.74 -22.22
N ILE F 212 2.02 0.44 -22.65
CA ILE F 212 1.75 -0.33 -23.86
C ILE F 212 1.16 0.63 -24.89
N ARG F 213 1.72 0.62 -26.09
CA ARG F 213 1.32 1.63 -27.06
C ARG F 213 0.24 1.10 -28.00
N PRO F 214 -0.84 1.83 -28.21
CA PRO F 214 -1.86 1.39 -29.18
C PRO F 214 -1.48 1.70 -30.63
N MET F 215 -1.58 0.70 -31.50
CA MET F 215 -1.68 0.98 -32.92
C MET F 215 -3.06 1.55 -33.20
N ALA F 216 -3.13 2.62 -33.99
CA ALA F 216 -4.35 3.40 -34.13
C ALA F 216 -4.90 3.25 -35.54
N TRP F 217 -6.12 2.73 -35.66
CA TRP F 217 -6.69 2.44 -36.96
C TRP F 217 -7.78 3.44 -37.32
N SER F 218 -8.01 3.55 -38.63
CA SER F 218 -8.89 4.54 -39.25
C SER F 218 -8.66 5.94 -38.68
N CYS F 219 -7.40 6.35 -38.64
CA CYS F 219 -7.06 7.68 -38.14
C CYS F 219 -7.71 8.79 -38.97
N LEU F 220 -8.00 8.52 -40.25
CA LEU F 220 -8.70 9.47 -41.11
C LEU F 220 -10.18 9.12 -41.27
N GLY F 221 -10.75 8.35 -40.34
CA GLY F 221 -12.14 7.94 -40.42
C GLY F 221 -12.46 7.06 -41.59
N GLY F 222 -11.46 6.38 -42.15
CA GLY F 222 -11.69 5.59 -43.35
C GLY F 222 -12.16 6.40 -44.53
N GLY F 223 -11.85 7.70 -44.56
CA GLY F 223 -12.34 8.59 -45.60
C GLY F 223 -13.46 9.52 -45.16
N ARG F 224 -14.09 9.26 -44.01
CA ARG F 224 -15.19 10.10 -43.55
C ARG F 224 -14.74 11.53 -43.27
N LEU F 225 -13.47 11.72 -42.89
CA LEU F 225 -12.97 13.07 -42.62
C LEU F 225 -13.11 13.98 -43.84
N PHE F 226 -12.86 13.44 -45.02
CA PHE F 226 -12.89 14.23 -46.24
C PHE F 226 -14.29 14.38 -46.81
N ASN F 227 -15.20 13.46 -46.48
CA ASN F 227 -16.41 13.29 -47.25
C ASN F 227 -17.70 13.54 -46.49
N GLU F 228 -17.73 13.31 -45.16
CA GLU F 228 -18.95 13.54 -44.41
C GLU F 228 -19.21 15.03 -44.23
N GLU F 229 -20.45 15.45 -44.52
CA GLU F 229 -20.79 16.87 -44.46
C GLU F 229 -20.66 17.43 -43.05
N CYS F 230 -21.04 16.64 -42.04
CA CYS F 230 -21.07 17.11 -40.65
C CYS F 230 -19.70 17.41 -40.08
N PHE F 231 -18.62 17.15 -40.82
CA PHE F 231 -17.26 17.44 -40.37
C PHE F 231 -16.66 18.60 -41.13
N GLN F 232 -17.50 19.43 -41.75
CA GLN F 232 -17.02 20.65 -42.38
C GLN F 232 -16.35 21.57 -41.37
N ALA F 233 -17.02 21.79 -40.23
CA ALA F 233 -16.43 22.60 -39.17
C ALA F 233 -15.10 22.02 -38.72
N LEU F 234 -15.03 20.69 -38.61
CA LEU F 234 -13.75 20.05 -38.29
C LEU F 234 -12.72 20.31 -39.38
N ARG F 235 -13.12 20.22 -40.65
CA ARG F 235 -12.15 20.44 -41.71
C ARG F 235 -11.67 21.89 -41.70
N ASP F 236 -12.58 22.84 -41.49
CA ASP F 236 -12.18 24.25 -41.41
C ASP F 236 -11.16 24.47 -40.31
N GLU F 237 -11.40 23.90 -39.12
CA GLU F 237 -10.46 24.06 -38.01
C GLU F 237 -9.11 23.40 -38.34
N LEU F 238 -9.13 22.20 -38.95
CA LEU F 238 -7.88 21.56 -39.34
C LEU F 238 -7.09 22.41 -40.35
N ALA F 239 -7.79 23.06 -41.29
CA ALA F 239 -7.12 23.95 -42.23
C ALA F 239 -6.48 25.14 -41.52
N GLN F 240 -7.18 25.72 -40.54
CA GLN F 240 -6.65 26.87 -39.81
C GLN F 240 -5.41 26.50 -38.99
N VAL F 241 -5.43 25.34 -38.32
CA VAL F 241 -4.28 24.87 -37.56
C VAL F 241 -3.11 24.53 -38.48
N ALA F 242 -3.41 23.99 -39.67
CA ALA F 242 -2.34 23.65 -40.63
C ALA F 242 -1.55 24.89 -41.02
N HIS F 243 -2.24 26.01 -41.24
CA HIS F 243 -1.54 27.27 -41.56
C HIS F 243 -0.70 27.73 -40.36
N GLU F 244 -1.24 27.60 -39.15
CA GLU F 244 -0.49 28.00 -37.95
C GLU F 244 0.73 27.11 -37.73
N LEU F 245 0.65 25.83 -38.06
CA LEU F 245 1.72 24.87 -37.82
C LEU F 245 2.66 24.71 -39.00
N ASN F 246 2.44 25.44 -40.09
CA ASN F 246 3.21 25.27 -41.32
C ASN F 246 3.14 23.82 -41.84
N ALA F 247 1.94 23.25 -41.78
CA ALA F 247 1.64 21.92 -42.31
C ALA F 247 1.21 22.01 -43.77
N ASP F 248 1.29 20.86 -44.46
CA ASP F 248 0.91 20.79 -45.87
C ASP F 248 -0.53 20.40 -46.10
N SER F 249 -1.16 19.70 -45.16
CA SER F 249 -2.50 19.19 -45.41
C SER F 249 -3.20 19.00 -44.07
N ILE F 250 -4.52 18.82 -44.14
CA ILE F 250 -5.28 18.55 -42.92
C ILE F 250 -4.98 17.16 -42.40
N GLU F 251 -4.63 16.22 -43.28
CA GLU F 251 -4.30 14.89 -42.78
C GLU F 251 -3.11 14.95 -41.84
N GLN F 252 -2.09 15.72 -42.21
CA GLN F 252 -0.91 15.84 -41.36
C GLN F 252 -1.29 16.33 -39.97
N VAL F 253 -2.20 17.30 -39.90
CA VAL F 253 -2.61 17.85 -38.61
C VAL F 253 -3.38 16.80 -37.82
N VAL F 254 -4.22 16.01 -38.48
CA VAL F 254 -4.93 14.92 -37.80
C VAL F 254 -3.95 13.93 -37.21
N TYR F 255 -2.95 13.51 -38.01
CA TYR F 255 -1.97 12.56 -37.50
C TYR F 255 -1.23 13.15 -36.30
N ALA F 256 -0.86 14.43 -36.38
CA ALA F 256 -0.27 15.10 -35.22
C ALA F 256 -1.23 15.13 -34.04
N TRP F 257 -2.53 15.30 -34.30
CA TRP F 257 -3.50 15.29 -33.21
C TRP F 257 -3.52 13.92 -32.52
N VAL F 258 -3.37 12.85 -33.31
CA VAL F 258 -3.31 11.49 -32.76
C VAL F 258 -1.97 11.25 -32.08
N LEU F 259 -0.87 11.66 -32.73
CA LEU F 259 0.47 11.42 -32.16
C LEU F 259 0.64 12.11 -30.81
N ARG F 260 -0.12 13.20 -30.57
CA ARG F 260 0.04 14.00 -29.37
CA ARG F 260 0.02 14.01 -29.37
C ARG F 260 -0.51 13.31 -28.12
N LEU F 261 -1.29 12.26 -28.28
CA LEU F 261 -1.94 11.64 -27.13
C LEU F 261 -0.90 10.96 -26.24
N PRO F 262 -1.07 11.03 -24.91
CA PRO F 262 -0.03 10.53 -23.99
C PRO F 262 0.04 9.00 -23.90
N SER F 263 -0.89 8.28 -24.51
CA SER F 263 -0.66 6.86 -24.74
C SER F 263 0.33 6.61 -25.86
N GLN F 264 0.73 7.65 -26.60
CA GLN F 264 1.68 7.59 -27.72
C GLN F 264 1.20 6.61 -28.77
N PRO F 265 0.06 6.85 -29.40
CA PRO F 265 -0.45 5.92 -30.43
C PRO F 265 0.41 5.88 -31.69
N LEU F 266 0.29 4.75 -32.41
CA LEU F 266 0.93 4.58 -33.71
C LEU F 266 -0.11 4.69 -34.81
N PRO F 267 -0.16 5.78 -35.57
CA PRO F 267 -1.13 5.85 -36.67
C PRO F 267 -0.79 4.83 -37.75
N ILE F 268 -1.83 4.14 -38.24
CA ILE F 268 -1.71 3.17 -39.32
C ILE F 268 -2.17 3.86 -40.59
N ILE F 269 -1.24 4.04 -41.53
CA ILE F 269 -1.57 4.72 -42.77
C ILE F 269 -2.42 3.78 -43.63
N GLY F 270 -3.49 4.32 -44.22
CA GLY F 270 -4.37 3.50 -45.02
C GLY F 270 -4.32 3.74 -46.54
N SER F 271 -3.53 4.69 -47.00
CA SER F 271 -3.54 5.07 -48.41
C SER F 271 -2.65 4.15 -49.24
N GLY F 272 -3.13 3.81 -50.44
CA GLY F 272 -2.31 3.07 -51.38
C GLY F 272 -1.47 3.95 -52.28
N LYS F 273 -1.49 5.26 -52.04
CA LYS F 273 -0.73 6.23 -52.80
C LYS F 273 0.53 6.57 -52.02
N ILE F 274 1.69 6.25 -52.59
CA ILE F 274 2.94 6.42 -51.87
C ILE F 274 3.19 7.89 -51.53
N GLU F 275 2.68 8.82 -52.34
CA GLU F 275 2.84 10.23 -51.98
C GLU F 275 2.02 10.58 -50.75
N ARG F 276 0.88 9.91 -50.56
CA ARG F 276 0.15 10.12 -49.31
C ARG F 276 0.89 9.51 -48.14
N VAL F 277 1.55 8.36 -48.34
CA VAL F 277 2.38 7.78 -47.29
C VAL F 277 3.50 8.76 -46.92
N ARG F 278 4.24 9.23 -47.92
CA ARG F 278 5.35 10.15 -47.67
C ARG F 278 4.86 11.44 -47.01
N SER F 279 3.72 11.96 -47.45
CA SER F 279 3.22 13.19 -46.82
C SER F 279 2.74 12.96 -45.39
N ALA F 280 2.20 11.77 -45.09
CA ALA F 280 1.68 11.52 -43.74
C ALA F 280 2.79 11.64 -42.69
N ILE F 281 3.99 11.14 -42.99
CA ILE F 281 5.07 11.06 -42.02
C ILE F 281 5.56 12.45 -41.58
N VAL F 282 5.21 13.49 -42.33
CA VAL F 282 5.58 14.84 -41.93
C VAL F 282 4.99 15.21 -40.57
N ALA F 283 3.89 14.55 -40.16
CA ALA F 283 3.23 14.86 -38.91
C ALA F 283 4.17 14.77 -37.72
N GLU F 284 5.21 13.93 -37.80
CA GLU F 284 6.22 13.87 -36.75
C GLU F 284 6.92 15.20 -36.53
N LYS F 285 7.08 16.01 -37.58
CA LYS F 285 7.81 17.28 -37.47
C LYS F 285 6.98 18.41 -36.86
N LEU F 286 5.65 18.31 -36.87
CA LEU F 286 4.81 19.41 -36.41
C LEU F 286 4.75 19.46 -34.89
N SER F 287 4.57 20.67 -34.36
CA SER F 287 4.51 20.93 -32.92
C SER F 287 3.15 21.52 -32.57
N MET F 288 2.17 20.64 -32.36
CA MET F 288 0.82 21.07 -32.05
C MET F 288 0.70 21.48 -30.60
N THR F 289 0.15 22.68 -30.35
CA THR F 289 -0.08 23.18 -29.01
C THR F 289 -1.31 22.51 -28.39
N ARG F 290 -1.44 22.64 -27.06
CA ARG F 290 -2.63 22.15 -26.37
C ARG F 290 -3.88 22.86 -26.87
N GLN F 291 -3.83 24.19 -27.01
CA GLN F 291 -5.02 24.90 -27.48
C GLN F 291 -5.42 24.46 -28.89
N GLN F 292 -4.44 24.27 -29.77
CA GLN F 292 -4.76 23.72 -31.09
C GLN F 292 -5.36 22.33 -30.96
N TRP F 293 -4.79 21.48 -30.11
CA TRP F 293 -5.34 20.15 -29.91
C TRP F 293 -6.79 20.23 -29.44
N PHE F 294 -7.08 21.13 -28.48
CA PHE F 294 -8.44 21.26 -27.96
C PHE F 294 -9.38 21.96 -28.92
N ARG F 295 -8.87 22.85 -29.77
CA ARG F 295 -9.71 23.47 -30.80
C ARG F 295 -10.18 22.42 -31.81
N ILE F 296 -9.30 21.50 -32.21
CA ILE F 296 -9.67 20.40 -33.11
C ILE F 296 -10.64 19.43 -32.44
N ARG F 297 -10.46 19.19 -31.14
CA ARG F 297 -11.42 18.35 -30.42
CA ARG F 297 -11.42 18.35 -30.42
C ARG F 297 -12.81 18.95 -30.48
N LYS F 298 -12.95 20.21 -30.10
CA LYS F 298 -14.29 20.83 -30.06
C LYS F 298 -14.91 20.91 -31.44
N ALA F 299 -14.10 21.22 -32.47
CA ALA F 299 -14.64 21.27 -33.83
C ALA F 299 -15.17 19.91 -34.27
N ALA F 300 -14.54 18.82 -33.82
CA ALA F 300 -15.02 17.49 -34.17
C ALA F 300 -16.28 17.14 -33.39
N LEU F 301 -16.28 17.41 -32.09
CA LEU F 301 -17.35 17.01 -31.19
C LEU F 301 -18.51 17.98 -31.13
N GLY F 302 -18.26 19.29 -31.27
CA GLY F 302 -19.35 20.24 -31.19
C GLY F 302 -19.58 20.84 -29.82
N TYR F 303 -18.83 20.41 -28.81
CA TYR F 303 -18.98 20.94 -27.46
C TYR F 303 -17.62 21.03 -26.77
N ASP F 304 -17.54 21.87 -25.74
CA ASP F 304 -16.30 22.08 -25.00
C ASP F 304 -16.05 20.94 -24.02
N VAL F 305 -14.83 20.90 -23.47
CA VAL F 305 -14.48 19.96 -22.40
C VAL F 305 -15.18 20.39 -21.11
N PRO F 306 -15.45 19.46 -20.17
CA PRO F 306 -16.14 19.86 -18.94
C PRO F 306 -15.33 20.86 -18.10
PA NAP G . 27.12 -20.96 0.37
O1A NAP G . 26.92 -20.52 1.79
O2A NAP G . 26.22 -22.13 0.05
O5B NAP G . 28.73 -21.30 0.16
C5B NAP G . 29.07 -21.96 -1.04
C4B NAP G . 30.51 -22.51 -0.83
O4B NAP G . 30.47 -23.60 -0.12
C3B NAP G . 31.08 -22.87 -2.21
O3B NAP G . 32.42 -22.65 -2.19
C2B NAP G . 30.82 -24.37 -2.32
O2B NAP G . 31.92 -24.91 -3.19
C1B NAP G . 30.94 -24.81 -1.09
N9A NAP G . 30.15 -26.01 -0.80
C8A NAP G . 28.88 -26.35 -1.07
N7A NAP G . 28.67 -27.58 -0.58
C5A NAP G . 29.80 -28.00 0.01
C6A NAP G . 30.12 -29.18 0.67
N6A NAP G . 29.25 -30.33 0.90
N1A NAP G . 31.32 -29.36 1.19
C2A NAP G . 32.26 -28.38 1.05
N3A NAP G . 31.96 -27.22 0.40
C4A NAP G . 30.72 -27.03 -0.12
O3 NAP G . 26.81 -19.80 -0.75
PN NAP G . 27.72 -18.47 -1.15
O1N NAP G . 28.45 -18.72 -2.46
O2N NAP G . 28.64 -18.08 -0.03
O5D NAP G . 26.50 -17.40 -1.38
C5D NAP G . 25.46 -17.86 -2.22
C4D NAP G . 25.01 -16.67 -3.09
O4D NAP G . 24.64 -15.67 -2.31
C3D NAP G . 26.21 -16.12 -3.89
O3D NAP G . 26.33 -16.74 -5.10
C2D NAP G . 25.80 -14.67 -4.13
O2D NAP G . 24.93 -14.73 -5.34
C1D NAP G . 25.10 -14.31 -3.06
N1N NAP G . 25.80 -13.42 -2.13
C2N NAP G . 25.30 -12.18 -1.92
C3N NAP G . 25.93 -11.28 -1.06
C7N NAP G . 25.34 -9.89 -0.87
O7N NAP G . 25.94 -9.06 -0.26
N7N NAP G . 24.04 -9.55 -1.44
C4N NAP G . 27.06 -11.66 -0.39
C5N NAP G . 27.56 -12.91 -0.60
C6N NAP G . 26.93 -13.80 -1.48
P2B NAP G . 31.57 -25.96 -4.46
O1X NAP G . 31.21 -25.17 -5.70
O2X NAP G . 32.79 -26.81 -4.71
O3X NAP G . 30.39 -26.82 -4.11
C ACT H . 29.59 -22.63 19.73
O ACT H . 29.04 -22.05 20.75
OXT ACT H . 29.62 -23.87 19.42
CH3 ACT H . 30.32 -21.69 18.70
C1 PEG I . 29.93 8.87 -9.48
O1 PEG I . 28.83 9.59 -10.04
C2 PEG I . 30.50 9.58 -8.29
O2 PEG I . 31.08 8.65 -7.38
C3 PEG I . 32.39 8.25 -7.74
C4 PEG I . 33.04 7.60 -6.55
O4 PEG I . 34.27 6.97 -6.88
C1 PEG J . 13.16 -2.61 13.85
O1 PEG J . 14.33 -3.39 13.59
C2 PEG J . 12.25 -2.49 12.67
O2 PEG J . 12.13 -3.75 11.99
C3 PEG J . 10.78 -4.09 11.64
C4 PEG J . 10.00 -2.91 11.14
O4 PEG J . 8.70 -2.89 11.71
C ACT K . 29.47 -8.17 -0.47
O ACT K . 29.85 -8.65 -1.59
OXT ACT K . 28.56 -8.63 0.34
CH3 ACT K . 30.21 -6.88 -0.01
PA NAP L . 9.35 -10.21 42.04
O1A NAP L . 10.47 -9.59 41.25
O2A NAP L . 8.62 -9.17 42.89
O5B NAP L . 9.91 -11.51 42.88
C5B NAP L . 9.05 -12.20 43.79
C4B NAP L . 9.97 -13.09 44.67
O4B NAP L . 10.68 -12.31 45.45
C3B NAP L . 9.09 -13.97 45.57
O3B NAP L . 9.63 -15.21 45.70
C2B NAP L . 9.08 -13.24 46.92
O2B NAP L . 9.08 -14.26 48.02
C1B NAP L . 10.20 -12.55 46.98
N9A NAP L . 9.94 -11.34 47.76
C8A NAP L . 8.97 -10.42 47.79
N7A NAP L . 9.25 -9.53 48.74
C5A NAP L . 10.40 -9.89 49.32
C6A NAP L . 11.15 -9.33 50.36
N6A NAP L . 10.85 -8.13 51.14
N1A NAP L . 12.28 -9.90 50.76
C2A NAP L . 12.71 -11.05 50.13
N3A NAP L . 11.99 -11.61 49.11
C4A NAP L . 10.83 -11.02 48.72
O3 NAP L . 8.20 -10.75 41.00
PN NAP L . 8.35 -12.09 40.05
O1N NAP L . 7.69 -13.26 40.75
O2N NAP L . 9.80 -12.42 39.70
O5D NAP L . 7.47 -11.68 38.73
C5D NAP L . 6.20 -11.14 39.03
C4D NAP L . 5.23 -11.76 38.00
O4D NAP L . 5.61 -11.46 36.78
C3D NAP L . 5.31 -13.29 38.02
O3D NAP L . 4.56 -13.82 39.03
C2D NAP L . 4.66 -13.60 36.66
O2D NAP L . 3.19 -13.42 36.86
C1D NAP L . 5.13 -12.68 35.85
N1N NAP L . 6.28 -13.08 35.01
C2N NAP L . 6.19 -12.93 33.67
C3N NAP L . 7.26 -13.29 32.87
C7N NAP L . 7.13 -13.13 31.33
O7N NAP L . 7.96 -13.54 30.60
N7N NAP L . 5.96 -12.45 30.78
C4N NAP L . 8.40 -13.78 33.41
C5N NAP L . 8.50 -13.91 34.76
C6N NAP L . 7.43 -13.55 35.56
P2B NAP L . 7.82 -14.32 49.10
O1X NAP L . 8.31 -15.06 50.33
O2X NAP L . 6.64 -15.06 48.49
O3X NAP L . 7.38 -12.93 49.48
C ACT M . -2.06 -28.03 24.50
O ACT M . -0.85 -27.71 24.60
OXT ACT M . -2.96 -27.99 25.40
CH3 ACT M . -2.48 -28.55 23.09
C ACT N . 9.86 -16.71 30.76
O ACT N . 10.07 -15.47 30.84
OXT ACT N . 10.31 -17.53 29.89
CH3 ACT N . 8.93 -17.33 31.89
C1 PEG O . 5.08 3.14 16.08
O1 PEG O . 4.93 1.79 16.52
C2 PEG O . 6.52 3.58 16.10
O2 PEG O . 6.96 3.70 17.44
C3 PEG O . 8.38 3.77 17.60
C4 PEG O . 8.70 4.24 18.99
O4 PEG O . 8.12 5.52 19.32
PA NAP P . -23.84 24.51 -3.23
O1A NAP P . -24.41 23.33 -4.00
O2A NAP P . -24.07 24.37 -1.74
O5B NAP P . -24.52 25.85 -3.89
C5B NAP P . -24.30 27.06 -3.22
C4B NAP P . -25.30 28.05 -3.87
O4B NAP P . -26.50 27.82 -3.41
C3B NAP P . -24.85 29.45 -3.44
O3B NAP P . -25.02 30.32 -4.46
C2B NAP P . -25.82 29.77 -2.31
O2B NAP P . -26.00 31.25 -2.38
C1B NAP P . -26.93 29.14 -2.59
N9A NAP P . -27.67 28.74 -1.40
C8A NAP P . -27.33 28.15 -0.24
N7A NAP P . -28.44 28.02 0.51
C5A NAP P . -29.46 28.52 -0.19
C6A NAP P . -30.82 28.63 0.09
N6A NAP P . -31.53 28.22 1.28
N1A NAP P . -31.63 29.18 -0.80
C2A NAP P . -31.16 29.62 -2.00
N3A NAP P . -29.84 29.51 -2.27
C4A NAP P . -29.00 28.95 -1.37
O3 NAP P . -22.23 24.72 -3.44
PN NAP P . -21.36 25.20 -4.79
O1N NAP P . -22.07 24.92 -6.10
O2N NAP P . -20.91 26.64 -4.67
O5D NAP P . -20.05 24.22 -4.63
C5D NAP P . -19.51 24.23 -3.34
C4D NAP P . -17.98 24.19 -3.46
O4D NAP P . -17.63 23.15 -4.19
C3D NAP P . -17.42 25.40 -4.19
O3D NAP P . -17.20 26.43 -3.34
C2D NAP P . -16.11 24.85 -4.79
O2D NAP P . -15.03 25.09 -3.76
C1D NAP P . -16.29 23.56 -4.99
N1N NAP P . -16.46 23.21 -6.41
C2N NAP P . -15.60 22.34 -7.02
C3N NAP P . -15.75 22.00 -8.36
C7N NAP P . -14.77 21.02 -9.05
O7N NAP P . -14.81 20.83 -10.22
N7N NAP P . -13.75 20.35 -8.27
C4N NAP P . -16.77 22.55 -9.09
C5N NAP P . -17.62 23.42 -8.48
C6N NAP P . -17.47 23.75 -7.13
P2B NAP P . -25.79 32.08 -0.97
O1X NAP P . -26.68 33.31 -1.06
O2X NAP P . -26.22 31.22 0.20
O3X NAP P . -24.33 32.45 -0.82
C ACT Q . 0.65 30.50 -14.39
O ACT Q . 0.42 31.13 -13.31
OXT ACT Q . -0.19 30.06 -15.24
CH3 ACT Q . 2.15 30.23 -14.73
C ACT R . -14.88 22.78 -14.20
O ACT R . -15.16 22.66 -12.95
OXT ACT R . -14.57 21.88 -15.03
CH3 ACT R . -14.88 24.22 -14.82
PA NAP S . -36.81 -18.99 -15.75
O1A NAP S . -36.16 -17.95 -16.62
O2A NAP S . -36.53 -20.37 -16.31
O5B NAP S . -38.44 -18.71 -15.66
C5B NAP S . -39.18 -19.74 -15.04
C4B NAP S . -40.68 -19.52 -15.39
O4B NAP S . -40.86 -19.79 -16.66
C3B NAP S . -41.51 -20.51 -14.55
O3B NAP S . -42.56 -19.89 -13.94
C2B NAP S . -41.97 -21.58 -15.58
O2B NAP S . -43.36 -22.00 -15.20
C1B NAP S . -41.89 -21.03 -16.77
N9A NAP S . -41.43 -21.98 -17.78
C8A NAP S . -40.39 -22.84 -17.85
N7A NAP S . -40.46 -23.50 -19.02
C5A NAP S . -41.52 -23.04 -19.69
C6A NAP S . -42.05 -23.37 -20.94
N6A NAP S . -41.57 -24.35 -21.91
N1A NAP S . -43.15 -22.77 -21.38
C2A NAP S . -43.75 -21.82 -20.61
N3A NAP S . -43.24 -21.50 -19.38
C4A NAP S . -42.12 -22.11 -18.93
O3 NAP S . -36.24 -18.93 -14.20
PN NAP S . -36.65 -17.82 -13.03
O1N NAP S . -37.09 -16.52 -13.67
O2N NAP S . -37.69 -18.34 -12.08
O5D NAP S . -35.25 -17.70 -12.20
C5D NAP S . -34.65 -18.93 -11.89
C4D NAP S . -34.07 -18.78 -10.46
O4D NAP S . -33.19 -17.80 -10.46
C3D NAP S . -35.18 -18.33 -9.51
O3D NAP S . -35.90 -19.39 -9.04
C2D NAP S . -34.32 -17.70 -8.40
O2D NAP S . -33.81 -18.83 -7.57
C1D NAP S . -33.31 -17.10 -9.01
N1N NAP S . -33.44 -15.64 -9.17
C2N NAP S . -32.48 -14.84 -8.63
C3N NAP S . -32.58 -13.45 -8.76
C7N NAP S . -31.50 -12.56 -8.12
O7N NAP S . -31.63 -11.38 -8.05
N7N NAP S . -30.30 -13.18 -7.60
C4N NAP S . -33.61 -12.89 -9.45
C5N NAP S . -34.56 -13.69 -10.00
C6N NAP S . -34.46 -15.08 -9.86
P2B NAP S . -43.63 -23.57 -14.78
O1X NAP S . -42.73 -24.46 -15.63
O2X NAP S . -43.32 -23.80 -13.31
O3X NAP S . -45.07 -23.87 -15.10
PA NAP T . 34.03 21.75 18.15
O1A NAP T . 33.82 20.26 18.01
O2A NAP T . 34.49 22.41 16.87
O5B NAP T . 35.16 21.97 19.34
C5B NAP T . 35.34 23.29 19.81
C4B NAP T . 36.70 23.36 20.54
O4B NAP T . 37.65 23.07 19.68
C3B NAP T . 36.90 24.82 21.01
O3B NAP T . 37.33 24.87 22.30
C2B NAP T . 37.98 25.37 20.06
O2B NAP T . 38.82 26.32 20.86
C1B NAP T . 38.66 24.33 19.64
N9A NAP T . 39.12 24.56 18.27
C8A NAP T . 38.54 25.07 17.19
N7A NAP T . 39.42 25.08 16.19
C5A NAP T . 40.58 24.57 16.65
C6A NAP T . 41.81 24.36 16.05
N6A NAP T . 42.20 24.63 14.67
N1A NAP T . 42.82 23.83 16.72
C2A NAP T . 42.64 23.51 18.03
N3A NAP T . 41.44 23.72 18.64
C4A NAP T . 40.41 24.25 17.94
O3 NAP T . 32.65 22.50 18.64
PN NAP T . 31.87 22.16 20.06
O1N NAP T . 32.50 20.94 20.70
O2N NAP T . 31.96 23.36 20.99
O5D NAP T . 30.30 21.93 19.62
C5D NAP T . 29.76 22.96 18.83
C4D NAP T . 28.38 23.39 19.38
O4D NAP T . 27.61 22.33 19.50
C3D NAP T . 28.48 23.94 20.81
O3D NAP T . 28.75 25.27 20.79
C2D NAP T . 27.06 23.69 21.36
O2D NAP T . 26.23 24.88 21.02
C1D NAP T . 26.60 22.63 20.73
N1N NAP T . 26.57 21.43 21.55
C2N NAP T . 25.38 20.78 21.69
C3N NAP T . 25.30 19.64 22.46
C7N NAP T . 23.93 18.95 22.60
O7N NAP T . 23.81 17.98 23.27
N7N NAP T . 22.78 19.49 21.89
C4N NAP T . 26.41 19.15 23.09
C5N NAP T . 27.60 19.78 22.94
C6N NAP T . 27.68 20.93 22.16
P2B NAP T . 39.01 27.87 20.30
O1X NAP T . 39.07 27.82 18.79
O2X NAP T . 40.33 28.40 20.85
O3X NAP T . 37.88 28.79 20.75
C ACT U . 42.22 4.09 14.78
O ACT U . 41.69 5.01 14.12
OXT ACT U . 41.68 3.03 15.23
CH3 ACT U . 43.74 4.24 15.11
PA NAP V . -7.82 5.82 -43.00
O1A NAP V . -8.73 6.27 -41.87
O2A NAP V . -6.63 6.75 -43.13
O5B NAP V . -8.70 5.72 -44.41
C5B NAP V . -7.98 5.44 -45.60
C4B NAP V . -8.91 5.72 -46.83
O4B NAP V . -9.02 7.02 -47.00
C3B NAP V . -8.26 5.14 -48.11
O3B NAP V . -9.18 4.56 -48.92
C2B NAP V . -7.65 6.37 -48.81
O2B NAP V . -7.82 6.16 -50.28
C1B NAP V . -8.36 7.39 -48.43
N9A NAP V . -7.52 8.56 -48.27
C8A NAP V . -6.33 8.78 -47.69
N7A NAP V . -6.02 10.08 -47.84
C5A NAP V . -7.03 10.67 -48.50
C6A NAP V . -7.23 11.98 -48.92
N6A NAP V . -6.33 13.12 -48.71
N1A NAP V . -8.34 12.31 -49.56
C2A NAP V . -9.29 11.36 -49.83
N3A NAP V . -9.09 10.08 -49.43
C4A NAP V . -7.96 9.74 -48.76
O3 NAP V . -7.23 4.30 -42.69
PN NAP V . -8.11 2.88 -42.77
O1N NAP V . -9.59 3.12 -42.58
O2N NAP V . -7.80 2.17 -44.07
O5D NAP V . -7.52 1.97 -41.52
C5D NAP V . -6.13 2.06 -41.39
C4D NAP V . -5.58 0.67 -40.99
O4D NAP V . -6.07 0.36 -39.80
C3D NAP V . -6.12 -0.41 -41.94
O3D NAP V . -5.36 -0.57 -43.05
C2D NAP V . -5.98 -1.66 -41.04
O2D NAP V . -4.55 -2.09 -41.19
C1D NAP V . -6.24 -1.25 -39.82
N1N NAP V . -7.60 -1.58 -39.39
C2N NAP V . -7.76 -2.30 -38.24
C3N NAP V . -9.03 -2.65 -37.79
C7N NAP V . -9.17 -3.47 -36.49
O7N NAP V . -10.23 -3.89 -36.15
N7N NAP V . -7.98 -3.76 -35.68
C4N NAP V . -10.13 -2.24 -38.49
C5N NAP V . -9.98 -1.51 -39.63
C6N NAP V . -8.70 -1.18 -40.07
P2B NAP V . -6.45 6.14 -51.22
O1X NAP V . -5.57 7.26 -50.70
O2X NAP V . -5.71 4.82 -51.09
O3X NAP V . -6.85 6.39 -52.66
C1 PEG W . -6.05 -1.35 -12.41
O1 PEG W . -7.13 -1.32 -11.50
C2 PEG W . -6.53 -1.17 -13.82
O2 PEG W . -5.44 -0.87 -14.68
C3 PEG W . -5.37 -1.75 -15.81
C4 PEG W . -4.48 -2.91 -15.48
O4 PEG W . -4.54 -3.92 -16.47
#